data_9B7M
#
_entry.id   9B7M
#
_cell.length_a   1.00
_cell.length_b   1.00
_cell.length_c   1.00
_cell.angle_alpha   90.00
_cell.angle_beta   90.00
_cell.angle_gamma   90.00
#
_symmetry.space_group_name_H-M   'P 1'
#
loop_
_entity.id
_entity.type
_entity.pdbx_description
1 polymer 'Capsid protein VP1'
2 polymer 'Fab2-3 heavy chain'
3 polymer 'Fab2-3 light chain'
4 non-polymer 'CALCIUM ION'
5 water water
#
loop_
_entity_poly.entity_id
_entity_poly.type
_entity_poly.pdbx_seq_one_letter_code
_entity_poly.pdbx_strand_id
1 'polypeptide(L)'
;MASGGGAPVADNNEGADGVGSSSGNWHCDSQWLGDRVITTSTRTWALPTYNNHLYKQISNSTSGGSSNDNAYFGYSTPWG
YFDFNRFHCHFSPRDWQRLINNNWGFRPKRLNFKLFNIQVKEVTDNNGVKTIANNLTSTVQVFTDSDYQLPYVLGSAHEG
CLPPFPADVFMIPQYGYLTLNDGSQAVGRSSFYCLEYFPSQMLRTGNNFQFSYEFENVPFHSSYAHSQSLDRLMNPLIDQ
YLYYLSKTINGSGQNQQTLKFSVAGPSNMAVQGRNYIPGPSYRQQRVSTTVTQNNNSEFAWPGASSWALNGRNSLMNPGP
AMASHKEGEDRFFPLSGSLIFGKQGTGRDNVDADKVMITNEEEIKTTNPVATESYGQVATNHQSAQAQAQTGWVQNQGIL
PGMVWQDRDVYLQGPIWAKIPHTDGNFHPSPLMGGFGMKHPPPQILIKNTPVPADPPTAFNKDKLNSFITQYSTGQVSVE
IEWELQKENSKRWNPEIQYTSNYYKSNNVEFAVNTEGVYSEPRPIGTRYLTRNL
;
A,B,C,D,E,F
2 'polypeptide(L)'
;VQLVESGGGLVKPGGSLRLSCATSGFTFSDYYMSWIRQAPGKGLEWVSYISSSGSTIYYADSVKGRFTMSRDNAKNSLFL
RMNSLRAEDTAVYYCARDQITVDREVIRAHYYYGMDVWGQGTTVTVS
;
H
3 'polypeptide(L)'
;DIQMTQSPSSVSASVGDRVTITCRASQGINSYLAWYQQKPGKAPKLLIYAASSLESGVPSRFSGSGSGTDFTLTISSLQP
EDFATYYCQQANSFPLTFGGGTKVDI
;
L
#
# COMPACT_ATOMS: atom_id res chain seq x y z
N THR A 39 -22.46 46.96 0.79
CA THR A 39 -21.91 47.07 2.13
C THR A 39 -20.38 47.00 2.11
N THR A 40 -19.75 47.81 2.95
CA THR A 40 -18.30 47.80 3.11
C THR A 40 -17.97 48.04 4.57
N SER A 41 -17.05 47.25 5.12
CA SER A 41 -16.63 47.36 6.50
C SER A 41 -15.12 47.53 6.54
N THR A 42 -14.63 48.22 7.56
CA THR A 42 -13.20 48.34 7.82
C THR A 42 -12.97 48.28 9.32
N ARG A 43 -12.01 47.44 9.73
CA ARG A 43 -11.71 47.24 11.14
C ARG A 43 -10.20 47.27 11.34
N THR A 44 -9.80 47.33 12.60
CA THR A 44 -8.40 47.28 13.00
C THR A 44 -8.16 46.01 13.81
N TRP A 45 -7.11 45.28 13.46
CA TRP A 45 -6.80 43.99 14.07
C TRP A 45 -5.42 44.01 14.68
N ALA A 46 -5.18 43.03 15.56
CA ALA A 46 -3.86 42.78 16.14
C ALA A 46 -3.62 41.28 16.14
N LEU A 47 -2.47 40.87 15.60
CA LEU A 47 -2.13 39.46 15.47
C LEU A 47 -0.92 39.13 16.33
N PRO A 48 -1.06 38.32 17.38
CA PRO A 48 0.08 37.94 18.20
C PRO A 48 0.83 36.76 17.58
N THR A 49 1.77 36.22 18.35
CA THR A 49 2.49 35.01 17.99
C THR A 49 1.93 33.84 18.79
N TYR A 50 1.26 32.93 18.10
CA TYR A 50 0.68 31.79 18.77
C TYR A 50 1.65 30.63 18.85
N ASN A 51 1.58 29.92 19.97
CA ASN A 51 2.34 28.69 20.19
C ASN A 51 3.85 28.88 20.00
N ASN A 52 4.31 30.13 20.05
CA ASN A 52 5.72 30.46 19.85
C ASN A 52 6.27 29.80 18.58
N HIS A 53 5.60 30.08 17.46
CA HIS A 53 5.96 29.57 16.14
C HIS A 53 6.00 28.05 16.04
N LEU A 54 5.09 27.36 16.74
CA LEU A 54 5.07 25.91 16.72
C LEU A 54 3.72 25.33 16.38
N TYR A 55 3.73 24.10 15.87
CA TYR A 55 2.54 23.36 15.56
C TYR A 55 2.46 22.37 16.69
N LYS A 56 1.30 22.23 17.31
CA LYS A 56 1.21 21.29 18.42
C LYS A 56 0.03 20.35 18.44
N GLN A 57 0.32 19.07 18.64
CA GLN A 57 -0.74 18.09 18.83
C GLN A 57 -1.56 18.44 20.07
N ILE A 58 -2.88 18.34 19.94
CA ILE A 58 -3.79 18.57 21.05
C ILE A 58 -4.82 17.44 21.07
N SER A 59 -5.35 17.17 22.26
CA SER A 59 -6.41 16.18 22.42
C SER A 59 -7.05 16.40 23.79
N ASN A 60 -8.08 15.60 24.08
CA ASN A 60 -8.73 15.71 25.38
C ASN A 60 -7.82 15.19 26.47
N SER A 61 -6.72 14.53 26.10
CA SER A 61 -5.69 14.16 27.07
C SER A 61 -4.88 15.38 27.47
N THR A 62 -4.77 16.38 26.58
CA THR A 62 -4.08 17.61 26.93
C THR A 62 -4.94 18.49 27.81
N SER A 63 -6.26 18.42 27.65
CA SER A 63 -7.18 19.17 28.48
C SER A 63 -7.72 18.36 29.66
N GLY A 64 -7.34 17.09 29.76
CA GLY A 64 -7.75 16.28 30.91
C GLY A 64 -9.19 15.80 30.85
N GLY A 65 -9.88 16.03 29.73
CA GLY A 65 -11.26 15.60 29.61
C GLY A 65 -11.42 14.09 29.56
N SER A 66 -12.20 13.55 30.49
CA SER A 66 -12.38 12.10 30.56
C SER A 66 -13.47 11.62 29.60
N SER A 67 -14.50 12.42 29.40
CA SER A 67 -15.70 11.98 28.70
C SER A 67 -15.41 11.53 27.28
N ASN A 68 -16.10 10.48 26.83
CA ASN A 68 -15.88 9.97 25.49
C ASN A 68 -16.59 10.82 24.44
N ASP A 69 -17.78 11.32 24.77
CA ASP A 69 -18.50 12.16 23.83
C ASP A 69 -17.70 13.41 23.49
N ASN A 70 -16.90 13.88 24.43
CA ASN A 70 -16.10 15.09 24.23
C ASN A 70 -14.67 14.81 23.79
N ALA A 71 -14.31 13.54 23.58
CA ALA A 71 -12.97 13.21 23.14
C ALA A 71 -12.69 13.81 21.76
N TYR A 72 -11.44 14.19 21.54
CA TYR A 72 -11.05 14.79 20.27
C TYR A 72 -9.56 14.60 20.08
N PHE A 73 -9.11 14.75 18.84
CA PHE A 73 -7.70 14.75 18.50
C PHE A 73 -7.49 15.80 17.41
N GLY A 74 -6.41 16.57 17.53
CA GLY A 74 -6.16 17.58 16.53
C GLY A 74 -4.84 18.28 16.74
N TYR A 75 -4.71 19.42 16.07
CA TYR A 75 -3.49 20.21 16.09
C TYR A 75 -3.83 21.69 16.26
N SER A 76 -2.97 22.41 16.95
CA SER A 76 -3.03 23.87 17.00
C SER A 76 -1.90 24.44 16.16
N THR A 77 -2.19 25.49 15.42
CA THR A 77 -1.26 26.08 14.48
C THR A 77 -0.85 27.47 14.94
N PRO A 78 0.36 27.92 14.57
CA PRO A 78 0.75 29.30 14.85
C PRO A 78 -0.04 30.33 14.05
N TRP A 79 -0.77 29.90 13.04
CA TRP A 79 -1.53 30.80 12.17
C TRP A 79 -2.79 31.32 12.85
N GLY A 80 -3.18 32.54 12.46
CA GLY A 80 -4.50 33.07 12.74
C GLY A 80 -5.34 33.10 11.47
N TYR A 81 -6.61 33.49 11.64
CA TYR A 81 -7.49 33.60 10.48
C TYR A 81 -8.52 34.69 10.71
N PHE A 82 -9.08 35.19 9.62
CA PHE A 82 -10.11 36.21 9.66
C PHE A 82 -11.49 35.58 9.50
N ASP A 83 -12.44 36.04 10.32
CA ASP A 83 -13.81 35.55 10.28
C ASP A 83 -14.76 36.75 10.21
N PHE A 84 -15.38 36.96 9.05
CA PHE A 84 -16.51 37.89 8.91
C PHE A 84 -17.86 37.19 8.77
N ASN A 85 -17.93 35.89 9.01
CA ASN A 85 -19.09 35.04 8.73
C ASN A 85 -20.37 35.48 9.46
N ARG A 86 -20.33 36.45 10.37
CA ARG A 86 -21.52 36.91 11.07
C ARG A 86 -22.09 38.16 10.41
N PHE A 87 -23.42 38.26 10.39
CA PHE A 87 -24.12 39.37 9.72
C PHE A 87 -23.78 40.77 10.21
N HIS A 88 -23.46 40.91 11.49
CA HIS A 88 -23.15 42.22 12.03
C HIS A 88 -21.87 42.87 11.50
N CYS A 89 -20.93 42.08 11.01
CA CYS A 89 -19.71 42.62 10.46
C CYS A 89 -19.99 43.49 9.25
N HIS A 90 -20.91 43.05 8.40
CA HIS A 90 -21.26 43.80 7.20
C HIS A 90 -22.51 44.66 7.29
N PHE A 91 -23.31 44.45 8.31
CA PHE A 91 -24.53 45.21 8.46
C PHE A 91 -24.65 45.92 9.78
N SER A 92 -25.07 47.17 9.73
CA SER A 92 -25.31 47.94 10.95
C SER A 92 -26.76 47.73 11.37
N PRO A 93 -27.20 48.36 12.47
CA PRO A 93 -28.58 48.16 12.90
C PRO A 93 -29.57 49.09 12.20
N GLY A 105 -36.61 38.96 0.19
CA GLY A 105 -35.49 38.04 0.04
C GLY A 105 -34.19 38.70 -0.32
N PHE A 106 -33.08 38.07 0.07
CA PHE A 106 -31.75 38.60 -0.23
C PHE A 106 -30.76 37.44 -0.23
N ARG A 107 -29.56 37.71 -0.75
CA ARG A 107 -28.51 36.72 -0.86
C ARG A 107 -27.22 37.37 -1.35
N PRO A 108 -26.06 36.92 -0.87
CA PRO A 108 -24.80 37.52 -1.30
C PRO A 108 -24.47 37.20 -2.75
N LYS A 109 -23.68 38.07 -3.36
CA LYS A 109 -23.28 37.94 -4.75
C LYS A 109 -21.77 37.95 -4.91
N ARG A 110 -21.12 39.06 -4.61
CA ARG A 110 -19.68 39.22 -4.80
C ARG A 110 -19.02 39.58 -3.49
N LEU A 111 -17.70 39.44 -3.46
CA LEU A 111 -16.91 39.63 -2.25
C LEU A 111 -15.61 40.30 -2.64
N ASN A 112 -15.17 41.25 -1.83
CA ASN A 112 -13.86 41.86 -2.01
C ASN A 112 -13.23 42.07 -0.65
N PHE A 113 -12.01 41.58 -0.49
CA PHE A 113 -11.31 41.57 0.79
C PHE A 113 -9.99 42.30 0.61
N LYS A 114 -9.63 43.13 1.58
CA LYS A 114 -8.37 43.87 1.54
C LYS A 114 -7.69 43.81 2.90
N LEU A 115 -6.36 43.71 2.86
CA LEU A 115 -5.52 43.68 4.05
C LEU A 115 -4.36 44.64 3.81
N PHE A 116 -4.24 45.67 4.64
CA PHE A 116 -3.30 46.74 4.36
C PHE A 116 -2.89 47.42 5.66
N ASN A 117 -2.00 48.41 5.53
CA ASN A 117 -1.47 49.18 6.65
C ASN A 117 -0.79 48.27 7.67
N ILE A 118 0.11 47.42 7.18
CA ILE A 118 0.75 46.43 8.03
C ILE A 118 1.77 47.13 8.93
N GLN A 119 1.62 46.93 10.24
CA GLN A 119 2.52 47.51 11.23
C GLN A 119 3.00 46.40 12.13
N VAL A 120 4.29 46.09 12.07
CA VAL A 120 4.88 44.99 12.84
C VAL A 120 5.67 45.58 13.99
N LYS A 121 5.33 45.18 15.21
CA LYS A 121 5.94 45.71 16.42
C LYS A 121 6.77 44.64 17.08
N GLU A 122 7.95 45.01 17.55
CA GLU A 122 8.78 44.14 18.37
C GLU A 122 8.66 44.56 19.82
N VAL A 123 8.69 43.58 20.72
CA VAL A 123 8.55 43.85 22.14
C VAL A 123 9.77 43.42 22.93
N THR A 124 10.33 44.34 23.71
CA THR A 124 11.49 44.04 24.54
C THR A 124 11.17 44.29 25.99
N ASP A 125 11.50 43.34 26.86
CA ASP A 125 11.26 43.53 28.28
C ASP A 125 12.56 43.60 29.04
N ASN A 126 12.79 44.72 29.71
CA ASN A 126 13.98 44.85 30.53
C ASN A 126 13.44 45.14 31.91
N ASN A 127 13.77 44.28 32.86
CA ASN A 127 13.31 44.41 34.24
C ASN A 127 11.79 44.53 34.25
N GLY A 128 11.26 45.49 35.00
CA GLY A 128 9.83 45.70 35.04
C GLY A 128 9.17 46.20 33.75
N VAL A 129 9.84 47.16 33.11
CA VAL A 129 9.31 47.79 31.89
C VAL A 129 9.35 46.99 30.58
N LYS A 130 8.41 47.32 29.69
CA LYS A 130 8.34 46.70 28.38
C LYS A 130 8.47 47.78 27.32
N THR A 131 9.37 47.58 26.37
CA THR A 131 9.57 48.55 25.31
C THR A 131 9.08 48.03 23.97
N ILE A 132 8.23 48.80 23.33
CA ILE A 132 7.70 48.42 22.03
C ILE A 132 8.33 49.32 20.98
N ALA A 133 8.78 48.71 19.89
CA ALA A 133 9.42 49.45 18.82
C ALA A 133 8.98 48.86 17.48
N ASN A 134 9.01 49.71 16.46
CA ASN A 134 8.73 49.25 15.11
C ASN A 134 9.86 48.35 14.62
N ASN A 135 9.49 47.27 13.94
CA ASN A 135 10.43 46.48 13.16
C ASN A 135 10.04 46.65 11.71
N LEU A 136 10.85 47.40 10.96
CA LEU A 136 10.46 47.81 9.62
C LEU A 136 10.72 46.72 8.57
N THR A 137 11.59 45.77 8.87
CA THR A 137 11.97 44.74 7.90
C THR A 137 11.21 43.44 8.08
N SER A 138 10.35 43.34 9.08
CA SER A 138 9.63 42.10 9.31
C SER A 138 8.47 41.95 8.34
N THR A 139 8.10 40.69 8.09
CA THR A 139 7.03 40.36 7.16
C THR A 139 5.89 39.68 7.90
N VAL A 140 4.69 39.82 7.32
CA VAL A 140 3.50 39.11 7.75
C VAL A 140 3.02 38.25 6.59
N GLN A 141 2.77 36.98 6.84
CA GLN A 141 2.39 36.02 5.82
C GLN A 141 0.88 35.89 5.79
N VAL A 142 0.32 35.83 4.58
CA VAL A 142 -1.12 35.67 4.40
C VAL A 142 -1.36 34.86 3.14
N PHE A 143 -2.34 33.97 3.19
CA PHE A 143 -2.80 33.28 1.99
C PHE A 143 -4.25 32.87 2.22
N THR A 144 -4.93 32.57 1.12
CA THR A 144 -6.28 32.05 1.18
C THR A 144 -6.27 30.61 0.69
N ASP A 145 -7.22 29.82 1.20
CA ASP A 145 -7.37 28.45 0.72
C ASP A 145 -8.55 28.50 -0.25
N SER A 146 -8.24 28.54 -1.54
CA SER A 146 -9.25 28.57 -2.58
C SER A 146 -9.50 27.20 -3.20
N ASP A 147 -8.71 26.21 -2.84
CA ASP A 147 -8.95 24.83 -3.21
C ASP A 147 -9.64 24.06 -2.10
N TYR A 148 -9.89 24.71 -0.96
CA TYR A 148 -10.60 24.12 0.16
C TYR A 148 -9.88 22.88 0.67
N GLN A 149 -8.55 22.95 0.67
CA GLN A 149 -7.69 21.85 1.06
C GLN A 149 -7.47 21.74 2.56
N LEU A 150 -7.71 22.80 3.31
CA LEU A 150 -7.62 22.76 4.76
C LEU A 150 -8.96 22.44 5.39
N PRO A 151 -8.95 21.87 6.59
CA PRO A 151 -10.19 21.74 7.36
C PRO A 151 -10.87 23.08 7.53
N TYR A 152 -12.19 23.11 7.31
CA TYR A 152 -12.93 24.36 7.25
C TYR A 152 -13.64 24.58 8.57
N VAL A 153 -13.12 25.54 9.36
CA VAL A 153 -13.63 25.83 10.69
C VAL A 153 -14.55 27.04 10.73
N LEU A 154 -14.84 27.65 9.58
CA LEU A 154 -15.63 28.88 9.59
C LEU A 154 -17.13 28.64 9.68
N GLY A 155 -17.59 27.40 9.72
CA GLY A 155 -19.01 27.15 9.75
C GLY A 155 -19.53 26.73 11.10
N SER A 156 -18.67 26.75 12.11
CA SER A 156 -18.99 26.25 13.43
C SER A 156 -19.47 27.32 14.40
N ALA A 157 -19.65 28.56 13.92
CA ALA A 157 -20.16 29.66 14.73
C ALA A 157 -19.22 29.98 15.89
N HIS A 158 -17.94 30.04 15.59
CA HIS A 158 -16.93 30.34 16.58
C HIS A 158 -16.82 31.84 16.79
N GLU A 159 -16.00 32.25 17.74
CA GLU A 159 -15.78 33.66 18.01
C GLU A 159 -14.66 34.25 17.13
N GLY A 160 -14.16 35.41 17.49
CA GLY A 160 -13.10 36.01 16.71
C GLY A 160 -13.54 36.71 15.44
N CYS A 161 -14.83 36.96 15.32
CA CYS A 161 -15.39 37.65 14.17
C CYS A 161 -15.04 39.14 14.23
N LEU A 162 -15.06 39.81 13.09
CA LEU A 162 -14.79 41.25 13.06
C LEU A 162 -15.86 41.92 13.91
N PRO A 163 -15.46 42.87 14.75
CA PRO A 163 -16.40 43.55 15.65
C PRO A 163 -17.57 44.22 14.93
N PRO A 164 -18.77 44.16 15.53
CA PRO A 164 -19.95 44.80 14.95
C PRO A 164 -19.85 46.33 15.03
N PHE A 165 -19.06 46.85 15.95
CA PHE A 165 -18.92 48.30 16.06
C PHE A 165 -17.59 48.74 15.47
N PRO A 166 -17.60 49.64 14.47
CA PRO A 166 -16.39 49.88 13.68
C PRO A 166 -15.20 50.42 14.45
N ALA A 167 -15.38 50.94 15.66
CA ALA A 167 -14.25 51.50 16.40
C ALA A 167 -13.55 50.48 17.29
N ASP A 168 -14.04 49.24 17.34
CA ASP A 168 -13.41 48.22 18.18
C ASP A 168 -12.22 47.59 17.47
N VAL A 169 -11.17 47.34 18.25
CA VAL A 169 -9.96 46.67 17.77
C VAL A 169 -10.01 45.23 18.24
N PHE A 170 -9.97 44.29 17.29
CA PHE A 170 -10.22 42.90 17.62
C PHE A 170 -8.94 42.07 17.46
N MET A 171 -8.86 41.02 18.26
CA MET A 171 -7.76 40.07 18.23
C MET A 171 -8.09 38.93 17.29
N ILE A 172 -7.14 38.60 16.41
CA ILE A 172 -7.35 37.55 15.43
C ILE A 172 -7.30 36.19 16.14
N PRO A 173 -8.26 35.30 15.90
CA PRO A 173 -8.27 34.01 16.58
C PRO A 173 -7.25 33.03 16.01
N GLN A 174 -6.79 32.13 16.86
CA GLN A 174 -5.82 31.12 16.47
C GLN A 174 -6.48 30.01 15.67
N TYR A 175 -5.77 29.53 14.66
CA TYR A 175 -6.30 28.48 13.79
C TYR A 175 -5.91 27.11 14.34
N GLY A 176 -6.89 26.23 14.40
CA GLY A 176 -6.66 24.85 14.76
C GLY A 176 -7.72 23.97 14.11
N TYR A 177 -7.41 22.69 13.99
CA TYR A 177 -8.34 21.75 13.38
C TYR A 177 -8.32 20.45 14.16
N LEU A 178 -9.31 19.62 13.87
CA LEU A 178 -9.46 18.30 14.47
C LEU A 178 -9.37 17.24 13.38
N THR A 179 -9.12 16.01 13.81
CA THR A 179 -9.00 14.90 12.89
C THR A 179 -9.70 13.71 13.52
N LEU A 180 -9.75 12.52 12.91
CA LEU A 180 -10.37 11.35 13.48
C LEU A 180 -9.61 10.97 14.73
N ASN A 181 -10.33 10.55 15.76
CA ASN A 181 -9.70 10.15 16.99
C ASN A 181 -10.36 8.91 17.54
N ASP A 182 -9.59 8.11 18.27
CA ASP A 182 -10.14 6.96 18.95
C ASP A 182 -9.81 7.34 20.37
N GLY A 183 -10.83 7.65 21.18
CA GLY A 183 -10.56 8.10 22.53
C GLY A 183 -9.71 9.35 22.40
N SER A 184 -8.58 9.36 23.09
CA SER A 184 -7.66 10.49 23.02
C SER A 184 -6.63 10.29 21.91
N GLN A 185 -6.36 9.03 21.57
CA GLN A 185 -5.39 8.70 20.54
C GLN A 185 -5.83 8.97 19.10
N ALA A 186 -4.90 8.82 18.16
CA ALA A 186 -5.19 9.03 16.76
C ALA A 186 -5.16 7.70 16.02
N VAL A 187 -5.86 7.65 14.89
CA VAL A 187 -5.83 6.45 14.06
C VAL A 187 -4.94 6.68 12.86
N GLY A 188 -4.75 5.66 12.04
CA GLY A 188 -3.84 5.80 10.90
C GLY A 188 -4.44 6.62 9.78
N ARG A 189 -5.74 6.88 9.87
CA ARG A 189 -6.42 7.68 8.87
C ARG A 189 -6.29 9.15 9.16
N SER A 190 -5.81 9.49 10.36
CA SER A 190 -5.64 10.87 10.77
C SER A 190 -4.66 11.62 9.88
N SER A 191 -4.99 12.86 9.56
CA SER A 191 -4.18 13.68 8.69
C SER A 191 -3.63 14.88 9.44
N PHE A 192 -2.36 15.19 9.18
CA PHE A 192 -1.68 16.35 9.72
C PHE A 192 -1.41 17.35 8.61
N TYR A 193 -1.73 18.62 8.85
CA TYR A 193 -1.54 19.67 7.87
C TYR A 193 -0.54 20.69 8.39
N CYS A 194 0.47 20.97 7.58
CA CYS A 194 1.37 22.09 7.83
C CYS A 194 0.99 23.22 6.89
N LEU A 195 0.53 24.33 7.46
CA LEU A 195 0.12 25.47 6.64
C LEU A 195 1.30 26.19 6.01
N GLU A 196 2.51 25.91 6.49
CA GLU A 196 3.69 26.50 5.88
C GLU A 196 3.95 25.83 4.51
N TYR A 197 3.17 24.81 4.19
CA TYR A 197 3.30 24.05 2.96
C TYR A 197 2.51 24.67 1.81
N PHE A 198 1.77 25.72 2.12
CA PHE A 198 0.99 26.42 1.12
C PHE A 198 1.71 27.70 0.76
N PRO A 199 1.78 28.03 -0.52
CA PRO A 199 2.37 29.31 -0.90
C PRO A 199 1.57 30.47 -0.32
N SER A 200 2.28 31.47 0.18
CA SER A 200 1.64 32.62 0.80
C SER A 200 2.41 33.89 0.47
N GLN A 201 1.66 34.99 0.40
CA GLN A 201 2.24 36.30 0.14
C GLN A 201 2.78 36.90 1.43
N MET A 202 4.00 37.42 1.37
CA MET A 202 4.69 37.97 2.52
C MET A 202 4.71 39.49 2.42
N LEU A 203 4.36 40.16 3.51
CA LEU A 203 4.08 41.59 3.49
C LEU A 203 4.92 42.31 4.52
N ARG A 204 5.78 43.21 4.07
CA ARG A 204 6.38 44.21 4.95
C ARG A 204 5.42 45.38 5.13
N THR A 205 5.89 46.43 5.80
CA THR A 205 4.98 47.49 6.24
C THR A 205 4.38 48.28 5.09
N GLY A 206 5.03 48.29 3.92
CA GLY A 206 4.49 49.00 2.78
C GLY A 206 3.63 48.17 1.86
N ASN A 207 3.63 46.86 2.03
CA ASN A 207 2.88 45.94 1.19
C ASN A 207 1.43 45.85 1.64
N ASN A 208 0.56 45.49 0.69
CA ASN A 208 -0.85 45.26 0.98
C ASN A 208 -1.31 43.96 0.33
N PHE A 209 -2.50 43.50 0.73
CA PHE A 209 -3.04 42.24 0.23
C PHE A 209 -4.52 42.40 -0.08
N GLN A 210 -4.95 41.87 -1.22
CA GLN A 210 -6.36 41.93 -1.60
C GLN A 210 -6.68 40.75 -2.50
N PHE A 211 -7.96 40.35 -2.47
CA PHE A 211 -8.48 39.37 -3.42
C PHE A 211 -9.99 39.53 -3.46
N SER A 212 -10.60 38.96 -4.49
CA SER A 212 -12.05 39.00 -4.64
C SER A 212 -12.62 37.60 -4.86
N TYR A 213 -13.82 37.36 -4.32
CA TYR A 213 -14.46 36.06 -4.45
C TYR A 213 -15.92 36.19 -4.91
N GLU A 214 -16.35 35.30 -5.81
CA GLU A 214 -17.70 35.31 -6.33
C GLU A 214 -18.56 34.18 -5.74
N PHE A 215 -19.53 34.55 -4.90
CA PHE A 215 -20.43 33.58 -4.27
C PHE A 215 -21.13 32.74 -5.34
N GLU A 216 -21.18 31.44 -5.09
CA GLU A 216 -21.91 30.57 -6.01
C GLU A 216 -23.41 30.75 -5.83
N ASN A 217 -24.15 30.33 -6.85
CA ASN A 217 -25.59 30.53 -6.88
C ASN A 217 -26.26 29.83 -5.70
N VAL A 218 -27.00 30.61 -4.91
CA VAL A 218 -27.81 30.08 -3.82
C VAL A 218 -29.19 30.70 -3.90
N PRO A 219 -30.21 30.04 -3.36
CA PRO A 219 -31.55 30.63 -3.37
C PRO A 219 -31.62 31.82 -2.42
N PHE A 220 -32.49 32.76 -2.77
CA PHE A 220 -32.74 33.90 -1.89
C PHE A 220 -33.19 33.42 -0.52
N HIS A 221 -32.66 34.02 0.53
CA HIS A 221 -33.11 33.67 1.86
C HIS A 221 -34.51 34.22 2.01
N SER A 222 -35.42 33.42 2.57
CA SER A 222 -36.78 33.90 2.75
C SER A 222 -36.87 34.76 3.99
N SER A 223 -37.35 35.99 3.81
CA SER A 223 -37.48 36.92 4.92
C SER A 223 -38.89 37.46 4.88
N TYR A 224 -39.84 36.58 5.15
CA TYR A 224 -41.25 36.91 5.16
C TYR A 224 -41.95 35.87 6.02
N ALA A 225 -43.16 36.21 6.47
CA ALA A 225 -43.94 35.29 7.28
C ALA A 225 -45.25 35.03 6.56
N HIS A 226 -45.66 33.78 6.46
CA HIS A 226 -46.90 33.43 5.77
C HIS A 226 -48.14 33.96 6.51
N ARG A 274 -56.29 17.72 1.31
CA ARG A 274 -55.19 18.66 1.10
C ARG A 274 -54.13 18.08 0.17
N ASN A 275 -53.49 18.96 -0.60
CA ASN A 275 -52.45 18.55 -1.53
C ASN A 275 -51.06 18.54 -0.92
N TYR A 276 -50.88 19.15 0.25
CA TYR A 276 -49.55 19.24 0.84
C TYR A 276 -49.66 19.14 2.36
N ILE A 277 -48.53 18.84 2.98
CA ILE A 277 -48.48 18.58 4.42
C ILE A 277 -47.24 19.27 4.98
N PRO A 278 -47.19 19.50 6.29
CA PRO A 278 -46.03 20.17 6.88
C PRO A 278 -44.80 19.28 6.90
N GLY A 279 -43.65 19.93 7.06
CA GLY A 279 -42.36 19.27 6.93
C GLY A 279 -42.01 18.33 8.06
N PRO A 280 -40.79 17.82 8.04
CA PRO A 280 -40.39 16.80 9.01
C PRO A 280 -40.17 17.37 10.40
N SER A 281 -40.15 16.46 11.38
CA SER A 281 -40.02 16.82 12.77
C SER A 281 -39.15 15.80 13.50
N TYR A 282 -38.29 16.32 14.38
CA TYR A 282 -37.52 15.49 15.31
C TYR A 282 -37.70 16.13 16.68
N ARG A 283 -38.43 15.47 17.58
CA ARG A 283 -38.98 16.22 18.71
C ARG A 283 -37.90 16.65 19.70
N GLN A 284 -38.02 17.89 20.17
CA GLN A 284 -37.20 18.47 21.22
C GLN A 284 -37.99 18.50 22.53
N GLN A 285 -37.27 18.37 23.64
CA GLN A 285 -37.90 18.50 24.95
C GLN A 285 -38.30 19.94 25.22
N ARG A 286 -39.40 20.13 25.94
CA ARG A 286 -39.97 21.44 26.18
C ARG A 286 -39.55 21.96 27.56
N VAL A 287 -38.85 23.08 27.57
CA VAL A 287 -38.39 23.72 28.81
C VAL A 287 -39.15 25.02 28.98
N SER A 288 -39.50 25.34 30.22
CA SER A 288 -40.26 26.54 30.52
C SER A 288 -39.39 27.60 31.17
N THR A 289 -39.57 28.85 30.75
CA THR A 289 -38.86 29.97 31.34
C THR A 289 -39.34 30.29 32.75
N THR A 290 -40.48 29.76 33.17
CA THR A 290 -40.93 29.85 34.55
C THR A 290 -40.46 28.58 35.26
N VAL A 291 -39.51 28.73 36.18
CA VAL A 291 -38.77 27.57 36.68
C VAL A 291 -39.70 26.63 37.43
N THR A 292 -40.75 27.16 38.05
CA THR A 292 -41.60 26.33 38.89
C THR A 292 -42.41 25.34 38.04
N GLN A 293 -42.48 25.56 36.73
CA GLN A 293 -43.19 24.63 35.87
C GLN A 293 -42.31 23.45 35.47
N ASN A 294 -41.01 23.59 35.67
CA ASN A 294 -40.05 22.56 35.31
C ASN A 294 -39.90 21.49 36.38
N ASN A 295 -39.59 20.28 35.94
CA ASN A 295 -39.41 19.15 36.83
C ASN A 295 -38.20 19.39 37.73
N ASN A 296 -38.27 18.95 38.97
CA ASN A 296 -37.17 19.12 39.91
C ASN A 296 -36.11 18.02 39.79
N SER A 297 -35.44 17.97 38.64
CA SER A 297 -34.40 17.00 38.36
C SER A 297 -33.51 17.58 37.28
N GLU A 298 -32.30 17.05 37.13
CA GLU A 298 -31.41 17.56 36.12
C GLU A 298 -31.65 16.82 34.83
N PHE A 299 -32.21 17.52 33.85
CA PHE A 299 -32.50 16.93 32.55
C PHE A 299 -31.83 17.61 31.36
N ALA A 300 -30.86 18.50 31.62
CA ALA A 300 -30.16 19.21 30.55
C ALA A 300 -29.61 18.22 29.54
N TRP A 301 -28.68 17.38 29.97
CA TRP A 301 -28.16 16.32 29.11
C TRP A 301 -29.06 15.08 29.10
N PRO A 302 -29.56 14.58 30.23
CA PRO A 302 -30.32 13.32 30.17
C PRO A 302 -31.61 13.39 29.37
N GLY A 303 -32.29 14.52 29.34
CA GLY A 303 -33.57 14.58 28.65
C GLY A 303 -33.51 15.22 27.27
N ALA A 304 -32.31 15.32 26.72
CA ALA A 304 -32.07 16.06 25.48
C ALA A 304 -32.10 15.14 24.28
N SER A 305 -32.59 15.68 23.16
CA SER A 305 -32.57 14.98 21.89
C SER A 305 -31.14 14.95 21.34
N SER A 306 -30.73 13.78 20.86
CA SER A 306 -29.35 13.60 20.43
C SER A 306 -29.32 12.73 19.18
N TRP A 307 -28.14 12.69 18.55
CA TRP A 307 -27.84 11.72 17.51
C TRP A 307 -26.47 11.11 17.76
N ALA A 308 -26.38 9.80 17.57
CA ALA A 308 -25.17 9.04 17.83
C ALA A 308 -24.41 8.81 16.53
N LEU A 309 -23.11 9.10 16.57
CA LEU A 309 -22.23 8.89 15.43
C LEU A 309 -20.97 8.20 15.91
N ASN A 310 -20.75 6.96 15.46
CA ASN A 310 -19.59 6.17 15.84
C ASN A 310 -19.42 6.11 17.36
N GLY A 311 -20.47 5.72 18.06
CA GLY A 311 -20.41 5.52 19.49
C GLY A 311 -20.37 6.79 20.33
N ARG A 312 -20.35 7.96 19.71
CA ARG A 312 -20.42 9.23 20.42
C ARG A 312 -21.80 9.86 20.25
N ASN A 313 -22.28 10.46 21.33
CA ASN A 313 -23.58 11.11 21.35
C ASN A 313 -23.41 12.61 21.21
N SER A 314 -23.90 13.15 20.10
CA SER A 314 -23.92 14.59 19.88
C SER A 314 -25.32 15.11 20.18
N LEU A 315 -25.38 16.20 20.93
CA LEU A 315 -26.65 16.89 21.12
C LEU A 315 -27.22 17.30 19.78
N MET A 316 -28.55 17.33 19.67
CA MET A 316 -29.17 17.82 18.45
C MET A 316 -29.36 19.31 18.64
N ASN A 317 -28.50 20.09 18.02
CA ASN A 317 -28.51 21.53 18.19
C ASN A 317 -28.15 22.18 16.85
N PRO A 318 -28.90 23.21 16.44
CA PRO A 318 -30.23 23.57 16.96
C PRO A 318 -31.26 22.53 16.54
N GLY A 319 -30.91 21.72 15.55
CA GLY A 319 -31.78 20.67 15.07
C GLY A 319 -32.52 21.09 13.81
N PRO A 320 -33.44 20.25 13.35
CA PRO A 320 -34.27 20.63 12.20
C PRO A 320 -35.07 21.89 12.50
N ALA A 321 -35.48 22.57 11.43
CA ALA A 321 -36.18 23.83 11.58
C ALA A 321 -37.63 23.55 11.96
N MET A 322 -38.03 24.02 13.14
CA MET A 322 -39.36 23.80 13.67
C MET A 322 -39.77 25.01 14.50
N ALA A 323 -41.07 25.26 14.54
CA ALA A 323 -41.58 26.34 15.36
C ALA A 323 -41.24 26.11 16.82
N SER A 324 -40.88 27.18 17.53
CA SER A 324 -40.47 27.05 18.92
C SER A 324 -41.61 26.59 19.81
N HIS A 325 -42.81 27.09 19.59
CA HIS A 325 -43.93 26.83 20.48
C HIS A 325 -45.23 27.05 19.73
N LYS A 326 -46.30 26.49 20.30
CA LYS A 326 -47.64 26.70 19.75
C LYS A 326 -48.07 28.15 19.90
N GLU A 327 -49.04 28.54 19.10
CA GLU A 327 -49.62 29.88 19.23
C GLU A 327 -50.17 30.08 20.63
N GLY A 328 -49.74 31.16 21.28
CA GLY A 328 -50.25 31.52 22.58
C GLY A 328 -49.37 31.18 23.76
N GLU A 329 -48.45 30.23 23.61
CA GLU A 329 -47.53 29.87 24.69
C GLU A 329 -46.16 30.40 24.32
N ASP A 330 -45.75 31.49 24.97
CA ASP A 330 -44.42 32.06 24.77
C ASP A 330 -43.44 31.68 25.86
N ARG A 331 -43.88 30.97 26.89
CA ARG A 331 -43.01 30.64 28.00
C ARG A 331 -42.27 29.32 27.81
N PHE A 332 -42.43 28.67 26.67
CA PHE A 332 -41.78 27.40 26.38
C PHE A 332 -40.83 27.55 25.20
N PHE A 333 -39.69 26.89 25.30
CA PHE A 333 -38.69 26.87 24.25
C PHE A 333 -38.08 25.47 24.23
N PRO A 334 -37.74 24.98 23.04
CA PRO A 334 -37.15 23.64 22.92
C PRO A 334 -35.82 23.60 23.63
N LEU A 335 -35.50 22.50 24.29
CA LEU A 335 -34.26 22.45 25.06
C LEU A 335 -33.02 22.67 24.20
N SER A 336 -32.96 22.04 23.04
CA SER A 336 -31.82 22.23 22.14
C SER A 336 -32.26 22.84 20.82
N GLY A 337 -33.54 23.18 20.73
CA GLY A 337 -34.15 23.74 19.54
C GLY A 337 -33.76 25.09 18.96
N SER A 338 -33.51 26.09 19.81
CA SER A 338 -33.24 27.43 19.30
C SER A 338 -31.86 27.99 19.60
N LEU A 339 -31.45 28.95 18.78
CA LEU A 339 -30.18 29.62 18.97
C LEU A 339 -30.27 30.52 20.19
N ILE A 340 -29.23 30.49 21.00
CA ILE A 340 -29.15 31.28 22.21
C ILE A 340 -27.91 32.17 22.11
N PHE A 341 -28.11 33.49 22.21
CA PHE A 341 -27.04 34.47 22.17
C PHE A 341 -26.85 35.05 23.56
N GLY A 342 -25.60 35.32 23.91
CA GLY A 342 -25.32 36.01 25.15
C GLY A 342 -25.33 37.52 24.99
N LYS A 343 -25.77 38.19 26.05
CA LYS A 343 -25.75 39.64 26.11
C LYS A 343 -24.33 40.14 26.39
N GLN A 344 -24.11 41.42 26.12
CA GLN A 344 -22.81 42.04 26.35
C GLN A 344 -22.37 41.85 27.79
N GLY A 345 -21.17 41.32 27.98
CA GLY A 345 -20.63 41.08 29.31
C GLY A 345 -21.04 39.78 29.95
N THR A 346 -21.84 38.96 29.28
CA THR A 346 -22.30 37.70 29.85
C THR A 346 -21.12 36.75 30.07
N GLY A 347 -21.11 36.10 31.22
CA GLY A 347 -20.00 35.24 31.57
C GLY A 347 -19.93 33.99 30.70
N ARG A 348 -18.88 33.21 30.94
CA ARG A 348 -18.62 32.04 30.10
C ARG A 348 -19.50 30.85 30.48
N ASP A 349 -19.61 30.55 31.77
CA ASP A 349 -20.26 29.33 32.23
C ASP A 349 -21.35 29.63 33.24
N ASN A 350 -22.48 28.94 33.09
CA ASN A 350 -23.57 28.93 34.07
C ASN A 350 -24.12 30.33 34.34
N VAL A 351 -24.43 31.06 33.27
CA VAL A 351 -25.04 32.37 33.44
C VAL A 351 -26.55 32.23 33.66
N ASP A 352 -27.12 33.22 34.34
CA ASP A 352 -28.55 33.25 34.58
C ASP A 352 -29.32 33.52 33.29
N ALA A 353 -30.60 33.19 33.31
CA ALA A 353 -31.41 33.21 32.09
C ALA A 353 -31.54 34.61 31.52
N ASP A 354 -31.36 35.64 32.35
CA ASP A 354 -31.54 37.00 31.86
C ASP A 354 -30.29 37.49 31.13
N LYS A 355 -29.22 36.72 31.17
CA LYS A 355 -28.00 37.12 30.46
C LYS A 355 -27.99 36.63 29.03
N VAL A 356 -28.93 35.77 28.67
CA VAL A 356 -28.91 35.19 27.33
C VAL A 356 -30.15 35.63 26.55
N MET A 357 -30.00 35.68 25.23
CA MET A 357 -31.10 35.99 24.32
C MET A 357 -31.49 34.70 23.59
N ILE A 358 -32.68 34.21 23.89
CA ILE A 358 -33.20 32.99 23.27
C ILE A 358 -34.10 33.42 22.11
N THR A 359 -33.68 33.12 20.89
CA THR A 359 -34.49 33.41 19.72
C THR A 359 -35.69 32.47 19.65
N ASN A 360 -36.72 32.88 18.92
CA ASN A 360 -37.89 32.05 18.75
C ASN A 360 -38.14 31.88 17.26
N GLU A 361 -38.66 30.72 16.88
CA GLU A 361 -38.98 30.45 15.49
C GLU A 361 -40.48 30.37 15.34
N GLU A 362 -41.17 31.35 15.92
CA GLU A 362 -42.62 31.45 15.87
C GLU A 362 -43.17 31.67 14.47
N GLU A 363 -42.41 32.38 13.64
CA GLU A 363 -42.86 32.70 12.28
C GLU A 363 -43.12 31.51 11.36
N ILE A 364 -42.42 30.41 11.58
CA ILE A 364 -42.57 29.23 10.72
C ILE A 364 -43.65 28.24 11.12
N LYS A 365 -44.54 28.64 12.03
CA LYS A 365 -45.63 27.78 12.49
C LYS A 365 -46.55 27.37 11.34
N THR A 366 -46.82 28.29 10.42
CA THR A 366 -47.67 28.02 9.27
C THR A 366 -47.31 26.76 8.48
N THR A 367 -46.03 26.55 8.18
CA THR A 367 -45.65 25.37 7.42
C THR A 367 -44.88 24.33 8.22
N ASN A 368 -44.51 24.60 9.48
CA ASN A 368 -43.65 23.66 10.16
C ASN A 368 -44.27 23.17 11.46
N PRO A 369 -43.97 21.95 11.88
CA PRO A 369 -44.49 21.46 13.16
C PRO A 369 -43.80 22.13 14.33
N VAL A 370 -44.50 22.12 15.47
CA VAL A 370 -43.94 22.66 16.70
C VAL A 370 -42.84 21.72 17.19
N ALA A 371 -41.72 22.30 17.63
CA ALA A 371 -40.55 21.50 17.96
C ALA A 371 -40.81 20.59 19.16
N THR A 372 -41.61 21.07 20.12
CA THR A 372 -41.81 20.32 21.36
C THR A 372 -43.02 19.40 21.26
N GLU A 373 -43.64 19.32 20.10
CA GLU A 373 -44.88 18.59 19.96
C GLU A 373 -44.73 17.44 18.97
N SER A 374 -45.52 16.39 19.19
CA SER A 374 -45.51 15.25 18.29
C SER A 374 -45.99 15.65 16.91
N TYR A 375 -45.52 14.92 15.89
CA TYR A 375 -45.89 15.25 14.52
C TYR A 375 -47.34 14.89 14.24
N GLY A 376 -47.85 13.83 14.86
CA GLY A 376 -49.19 13.36 14.58
C GLY A 376 -49.41 11.97 15.12
N GLN A 377 -50.37 11.27 14.52
CA GLN A 377 -50.76 9.93 14.93
C GLN A 377 -50.78 9.00 13.73
N VAL A 378 -50.59 7.70 14.01
CA VAL A 378 -50.71 6.65 13.01
C VAL A 378 -51.40 5.45 13.64
N ALA A 379 -52.13 4.71 12.81
CA ALA A 379 -52.77 3.49 13.25
C ALA A 379 -51.73 2.44 13.59
N THR A 380 -51.87 1.83 14.76
CA THR A 380 -50.93 0.81 15.22
C THR A 380 -51.40 -0.62 15.01
N ASN A 381 -52.60 -0.84 14.48
CA ASN A 381 -53.09 -2.21 14.35
C ASN A 381 -54.11 -2.30 13.22
N HIS A 382 -54.63 -3.50 13.01
CA HIS A 382 -55.81 -3.75 12.20
C HIS A 382 -57.00 -3.90 13.13
N GLN A 383 -57.99 -3.02 12.99
CA GLN A 383 -59.20 -3.16 13.78
C GLN A 383 -59.96 -4.41 13.34
N SER A 384 -60.84 -4.86 14.23
CA SER A 384 -61.77 -5.95 13.95
C SER A 384 -62.86 -5.89 15.00
N ALA A 385 -63.79 -6.83 14.94
CA ALA A 385 -64.87 -6.86 15.92
C ALA A 385 -64.32 -7.00 17.33
N GLN A 386 -63.24 -7.75 17.52
CA GLN A 386 -62.63 -7.95 18.83
C GLN A 386 -61.56 -6.92 19.16
N ALA A 387 -61.07 -6.15 18.20
CA ALA A 387 -59.91 -5.29 18.41
C ALA A 387 -60.29 -3.85 18.09
N GLN A 388 -60.07 -2.96 19.05
CA GLN A 388 -60.36 -1.54 18.86
C GLN A 388 -59.26 -0.88 18.03
N ALA A 389 -59.65 0.14 17.28
CA ALA A 389 -58.68 0.93 16.55
C ALA A 389 -57.75 1.63 17.52
N GLN A 390 -56.45 1.43 17.33
CA GLN A 390 -55.43 1.99 18.21
C GLN A 390 -54.50 2.87 17.42
N THR A 391 -53.97 3.89 18.08
CA THR A 391 -53.08 4.84 17.44
C THR A 391 -51.83 5.03 18.29
N GLY A 392 -50.82 5.64 17.70
CA GLY A 392 -49.59 5.93 18.39
C GLY A 392 -48.97 7.20 17.85
N TRP A 393 -48.14 7.81 18.67
CA TRP A 393 -47.64 9.15 18.36
C TRP A 393 -46.37 9.08 17.52
N VAL A 394 -46.24 10.02 16.60
CA VAL A 394 -45.02 10.15 15.79
C VAL A 394 -44.12 11.14 16.50
N GLN A 395 -43.04 10.64 17.11
CA GLN A 395 -42.10 11.51 17.79
C GLN A 395 -41.09 12.10 16.82
N ASN A 396 -40.76 11.37 15.77
CA ASN A 396 -39.82 11.80 14.75
C ASN A 396 -40.37 11.44 13.39
N GLN A 397 -40.23 12.36 12.43
CA GLN A 397 -40.75 12.15 11.09
C GLN A 397 -39.72 12.61 10.07
N GLY A 398 -39.50 11.79 9.04
CA GLY A 398 -38.63 12.16 7.95
C GLY A 398 -39.40 12.79 6.80
N ILE A 399 -38.66 13.06 5.72
CA ILE A 399 -39.27 13.62 4.53
C ILE A 399 -40.32 12.67 3.98
N LEU A 400 -41.45 13.24 3.54
CA LEU A 400 -42.46 12.55 2.78
C LEU A 400 -42.77 13.34 1.51
N PRO A 401 -43.09 12.68 0.41
CA PRO A 401 -43.49 13.42 -0.78
C PRO A 401 -44.77 14.20 -0.50
N GLY A 402 -44.73 15.49 -0.82
CA GLY A 402 -45.81 16.39 -0.49
C GLY A 402 -45.57 17.29 0.69
N MET A 403 -44.44 17.16 1.38
CA MET A 403 -44.10 18.07 2.47
C MET A 403 -43.54 19.38 1.93
N VAL A 404 -43.82 20.45 2.67
CA VAL A 404 -43.21 21.76 2.44
C VAL A 404 -42.76 22.29 3.80
N TRP A 405 -41.72 23.12 3.78
CA TRP A 405 -41.20 23.63 5.04
C TRP A 405 -40.46 24.94 4.79
N GLN A 406 -40.27 25.69 5.85
CA GLN A 406 -39.43 26.87 5.86
C GLN A 406 -38.12 26.55 6.57
N ASP A 407 -37.04 27.20 6.13
CA ASP A 407 -35.75 27.06 6.77
C ASP A 407 -35.71 27.85 8.06
N ARG A 408 -34.55 27.85 8.71
CA ARG A 408 -34.38 28.63 9.93
C ARG A 408 -34.01 30.06 9.60
N ASP A 409 -34.55 30.99 10.38
CA ASP A 409 -34.35 32.41 10.15
C ASP A 409 -32.90 32.80 10.45
N VAL A 410 -32.48 33.92 9.88
CA VAL A 410 -31.16 34.48 10.12
C VAL A 410 -31.30 35.72 10.98
N TYR A 411 -30.27 36.02 11.74
CA TYR A 411 -30.29 37.11 12.69
C TYR A 411 -29.10 38.03 12.47
N LEU A 412 -29.19 39.23 13.03
CA LEU A 412 -28.09 40.19 12.91
C LEU A 412 -26.80 39.61 13.49
N GLN A 413 -26.92 38.81 14.55
CA GLN A 413 -25.77 38.22 15.21
C GLN A 413 -25.41 36.84 14.66
N GLY A 414 -26.25 36.27 13.79
CA GLY A 414 -26.09 34.90 13.37
C GLY A 414 -25.07 34.72 12.27
N PRO A 415 -24.79 33.47 11.91
CA PRO A 415 -23.85 33.20 10.82
C PRO A 415 -24.49 33.46 9.46
N ILE A 416 -23.62 33.74 8.48
CA ILE A 416 -24.08 34.04 7.13
C ILE A 416 -24.10 32.77 6.29
N TRP A 417 -22.94 32.16 6.09
CA TRP A 417 -22.82 30.99 5.24
C TRP A 417 -22.25 29.81 6.02
N ALA A 418 -22.39 28.62 5.44
CA ALA A 418 -21.70 27.43 5.91
C ALA A 418 -21.15 26.70 4.70
N LYS A 419 -20.23 25.77 4.94
CA LYS A 419 -19.69 24.94 3.89
C LYS A 419 -20.41 23.59 3.91
N ILE A 420 -21.05 23.26 2.80
CA ILE A 420 -21.69 21.94 2.69
C ILE A 420 -20.60 20.87 2.69
N PRO A 421 -20.64 19.91 3.61
CA PRO A 421 -19.61 18.86 3.62
C PRO A 421 -19.58 18.13 2.29
N HIS A 422 -18.42 17.56 1.97
CA HIS A 422 -18.24 16.91 0.69
C HIS A 422 -18.62 15.46 0.89
N THR A 423 -19.76 15.06 0.32
CA THR A 423 -20.34 13.75 0.59
C THR A 423 -21.02 13.25 -0.68
N ASP A 424 -21.30 11.94 -0.70
CA ASP A 424 -21.99 11.35 -1.85
C ASP A 424 -23.37 11.97 -2.04
N GLY A 425 -24.05 12.26 -0.95
CA GLY A 425 -25.40 12.79 -1.04
C GLY A 425 -25.70 13.71 0.13
N ASN A 426 -26.70 14.56 -0.10
CA ASN A 426 -27.24 15.43 0.92
C ASN A 426 -28.66 15.78 0.52
N PHE A 427 -29.43 16.24 1.49
CA PHE A 427 -30.77 16.73 1.20
C PHE A 427 -30.96 18.09 1.86
N HIS A 428 -31.48 19.04 1.08
CA HIS A 428 -31.75 20.41 1.49
C HIS A 428 -30.53 20.94 2.23
N PRO A 429 -29.44 21.21 1.53
CA PRO A 429 -28.15 21.48 2.19
C PRO A 429 -28.11 22.72 3.06
N SER A 430 -29.14 23.55 3.02
CA SER A 430 -29.18 24.76 3.82
C SER A 430 -28.81 24.44 5.28
N PRO A 431 -27.86 25.17 5.86
CA PRO A 431 -27.34 24.79 7.19
C PRO A 431 -28.39 24.94 8.27
N LEU A 432 -28.23 24.13 9.32
CA LEU A 432 -29.24 24.05 10.36
C LEU A 432 -29.16 25.21 11.34
N MET A 433 -28.00 25.82 11.53
CA MET A 433 -27.94 27.01 12.36
C MET A 433 -28.38 28.27 11.63
N GLY A 434 -28.76 28.16 10.37
CA GLY A 434 -29.24 29.26 9.58
C GLY A 434 -28.19 29.74 8.59
N GLY A 435 -28.66 30.40 7.54
CA GLY A 435 -27.78 30.93 6.53
C GLY A 435 -27.79 30.15 5.24
N PHE A 436 -26.82 30.47 4.40
CA PHE A 436 -26.72 29.93 3.04
C PHE A 436 -25.69 28.80 3.02
N GLY A 437 -26.11 27.63 2.56
CA GLY A 437 -25.19 26.54 2.34
C GLY A 437 -24.48 26.67 1.00
N MET A 438 -23.20 26.35 1.01
CA MET A 438 -22.37 26.50 -0.18
C MET A 438 -21.34 25.38 -0.21
N LYS A 439 -21.11 24.82 -1.39
CA LYS A 439 -20.01 23.88 -1.56
C LYS A 439 -18.66 24.58 -1.63
N HIS A 440 -18.62 25.80 -2.17
CA HIS A 440 -17.40 26.60 -2.23
C HIS A 440 -17.69 27.94 -1.55
N PRO A 441 -17.69 27.97 -0.23
CA PRO A 441 -17.98 29.20 0.49
C PRO A 441 -16.85 30.20 0.34
N PRO A 442 -16.95 31.37 0.95
CA PRO A 442 -15.79 32.28 0.99
C PRO A 442 -14.57 31.57 1.56
N PRO A 443 -13.44 31.66 0.89
CA PRO A 443 -12.26 30.90 1.32
C PRO A 443 -11.71 31.38 2.65
N GLN A 444 -11.10 30.46 3.37
CA GLN A 444 -10.43 30.81 4.61
C GLN A 444 -9.23 31.69 4.33
N ILE A 445 -9.02 32.69 5.19
CA ILE A 445 -7.91 33.63 5.05
C ILE A 445 -7.01 33.41 6.25
N LEU A 446 -5.80 32.93 6.00
CA LEU A 446 -4.86 32.56 7.05
C LEU A 446 -3.74 33.59 7.16
N ILE A 447 -3.34 33.90 8.38
CA ILE A 447 -2.33 34.93 8.61
C ILE A 447 -1.47 34.52 9.80
N LYS A 448 -0.18 34.83 9.72
CA LYS A 448 0.73 34.66 10.84
C LYS A 448 1.89 35.64 10.69
N ASN A 449 2.60 35.85 11.80
CA ASN A 449 3.81 36.65 11.77
C ASN A 449 5.01 35.75 11.49
N THR A 450 5.81 36.13 10.50
CA THR A 450 7.02 35.38 10.20
C THR A 450 7.97 35.43 11.39
N PRO A 451 8.49 34.30 11.86
CA PRO A 451 9.38 34.33 13.02
C PRO A 451 10.71 35.00 12.70
N VAL A 452 11.18 35.80 13.63
CA VAL A 452 12.51 36.40 13.53
C VAL A 452 13.34 35.85 14.69
N PRO A 453 14.33 35.00 14.42
CA PRO A 453 15.09 34.42 15.52
C PRO A 453 15.95 35.44 16.23
N ALA A 454 16.33 35.09 17.46
CA ALA A 454 17.28 35.89 18.21
C ALA A 454 18.70 35.56 17.74
N ASP A 455 19.68 36.02 18.50
CA ASP A 455 21.07 35.78 18.13
C ASP A 455 21.40 34.29 18.21
N PRO A 456 21.80 33.67 17.11
CA PRO A 456 22.25 32.29 17.17
C PRO A 456 23.67 32.22 17.72
N PRO A 457 24.07 31.06 18.25
CA PRO A 457 25.44 30.95 18.79
C PRO A 457 26.48 31.06 17.69
N THR A 458 27.72 31.31 18.12
CA THR A 458 28.82 31.44 17.18
C THR A 458 29.41 30.09 16.76
N ALA A 459 28.92 28.99 17.32
CA ALA A 459 29.31 27.65 16.91
C ALA A 459 28.08 26.92 16.40
N PHE A 460 28.26 26.19 15.30
CA PHE A 460 27.11 25.58 14.64
C PHE A 460 26.44 24.54 15.52
N ASN A 461 25.12 24.64 15.64
CA ASN A 461 24.30 23.68 16.33
C ASN A 461 23.16 23.26 15.41
N LYS A 462 22.92 21.97 15.30
CA LYS A 462 21.96 21.45 14.35
C LYS A 462 20.51 21.60 14.78
N ASP A 463 20.27 21.86 16.07
CA ASP A 463 18.91 21.95 16.56
C ASP A 463 18.20 23.16 15.97
N LYS A 464 16.87 23.05 15.83
CA LYS A 464 16.11 24.19 15.38
C LYS A 464 16.16 25.30 16.42
N LEU A 465 15.95 26.53 15.97
CA LEU A 465 16.08 27.67 16.86
C LEU A 465 14.82 27.82 17.69
N ASN A 466 14.96 27.75 19.01
CA ASN A 466 13.87 27.96 19.93
C ASN A 466 13.82 29.36 20.52
N SER A 467 14.74 30.25 20.13
CA SER A 467 14.81 31.59 20.66
C SER A 467 14.43 32.60 19.58
N PHE A 468 13.43 33.43 19.88
CA PHE A 468 12.90 34.38 18.92
C PHE A 468 12.67 35.72 19.58
N ILE A 469 12.46 36.73 18.74
CA ILE A 469 12.17 38.08 19.21
C ILE A 469 10.66 38.21 19.45
N THR A 470 10.29 38.68 20.63
CA THR A 470 8.87 38.86 20.95
C THR A 470 8.28 39.93 20.03
N GLN A 471 7.20 39.57 19.35
CA GLN A 471 6.79 40.34 18.19
C GLN A 471 5.30 40.16 17.94
N TYR A 472 4.68 41.18 17.35
CA TYR A 472 3.28 41.10 16.94
C TYR A 472 3.05 42.14 15.84
N SER A 473 1.95 41.97 15.12
CA SER A 473 1.60 42.88 14.04
C SER A 473 0.17 43.38 14.22
N THR A 474 -0.13 44.50 13.57
CA THR A 474 -1.45 45.12 13.63
C THR A 474 -1.71 45.79 12.30
N GLY A 475 -2.97 46.02 11.96
CA GLY A 475 -3.30 46.62 10.68
C GLY A 475 -4.77 46.89 10.45
N GLN A 476 -5.11 47.25 9.22
CA GLN A 476 -6.48 47.54 8.85
C GLN A 476 -7.00 46.47 7.89
N VAL A 477 -8.21 45.99 8.13
CA VAL A 477 -8.82 44.99 7.27
C VAL A 477 -10.15 45.49 6.71
N SER A 478 -10.34 45.38 5.40
CA SER A 478 -11.57 45.82 4.77
C SER A 478 -12.23 44.73 3.92
N VAL A 479 -13.52 44.53 4.11
CA VAL A 479 -14.26 43.55 3.33
C VAL A 479 -15.48 44.22 2.68
N GLU A 480 -15.64 44.02 1.37
CA GLU A 480 -16.75 44.60 0.64
C GLU A 480 -17.62 43.50 0.07
N ILE A 481 -18.93 43.58 0.30
CA ILE A 481 -19.85 42.57 -0.19
C ILE A 481 -21.08 43.12 -0.91
N GLU A 482 -21.33 42.63 -2.12
CA GLU A 482 -22.50 43.02 -2.88
C GLU A 482 -23.64 42.05 -2.58
N TRP A 483 -24.78 42.59 -2.16
CA TRP A 483 -25.95 41.82 -1.80
C TRP A 483 -27.03 42.03 -2.85
N GLU A 484 -27.85 41.01 -3.07
CA GLU A 484 -28.96 41.13 -4.00
C GLU A 484 -30.29 41.05 -3.27
N ASN B 217 -43.07 23.75 -16.73
CA ASN B 217 -42.95 22.39 -17.24
C ASN B 217 -43.17 21.37 -16.12
N VAL B 218 -44.04 20.40 -16.39
CA VAL B 218 -44.36 19.36 -15.41
C VAL B 218 -43.99 18.01 -16.01
N PRO B 219 -43.79 17.00 -15.17
CA PRO B 219 -43.57 15.66 -15.71
C PRO B 219 -44.87 15.02 -16.17
N PHE B 220 -44.74 14.12 -17.15
CA PHE B 220 -45.90 13.38 -17.63
C PHE B 220 -46.55 12.59 -16.49
N HIS B 221 -47.86 12.60 -16.45
CA HIS B 221 -48.55 11.80 -15.44
C HIS B 221 -48.40 10.36 -15.87
N SER B 222 -48.20 9.45 -14.92
CA SER B 222 -48.08 8.05 -15.28
C SER B 222 -49.46 7.44 -15.38
N SER B 223 -49.78 6.89 -16.55
CA SER B 223 -51.08 6.27 -16.76
C SER B 223 -50.79 4.90 -17.29
N TYR B 224 -50.23 4.10 -16.39
CA TYR B 224 -49.86 2.71 -16.65
C TYR B 224 -49.72 2.04 -15.30
N ALA B 225 -49.74 0.71 -15.31
CA ALA B 225 -49.57 -0.06 -14.10
C ALA B 225 -48.35 -0.93 -14.32
N HIS B 226 -47.47 -0.99 -13.33
CA HIS B 226 -46.27 -1.82 -13.48
C HIS B 226 -46.67 -3.26 -13.63
N SER B 227 -46.01 -3.98 -14.52
CA SER B 227 -46.30 -5.39 -14.76
C SER B 227 -45.36 -6.24 -13.90
N GLN B 228 -44.53 -5.57 -13.13
CA GLN B 228 -43.59 -6.18 -12.20
C GLN B 228 -43.76 -5.58 -10.83
N SER B 229 -43.29 -6.31 -9.83
CA SER B 229 -43.24 -5.83 -8.45
C SER B 229 -41.79 -5.61 -8.07
N LEU B 230 -41.59 -4.67 -7.13
CA LEU B 230 -40.24 -4.23 -6.79
C LEU B 230 -39.36 -5.37 -6.31
N ASP B 231 -39.94 -6.38 -5.67
CA ASP B 231 -39.19 -7.47 -5.09
C ASP B 231 -38.95 -8.63 -6.05
N ARG B 232 -39.61 -8.66 -7.20
CA ARG B 232 -39.47 -9.74 -8.17
C ARG B 232 -38.57 -9.39 -9.35
N LEU B 233 -37.88 -8.24 -9.32
CA LEU B 233 -37.08 -7.78 -10.45
C LEU B 233 -35.93 -8.70 -10.81
N MET B 234 -35.67 -9.74 -10.02
CA MET B 234 -34.55 -10.64 -10.23
C MET B 234 -34.80 -11.58 -11.41
N ASN B 235 -33.70 -12.15 -11.90
CA ASN B 235 -33.77 -13.29 -12.81
C ASN B 235 -34.13 -14.53 -12.01
N PRO B 236 -35.28 -15.16 -12.25
CA PRO B 236 -35.68 -16.33 -11.46
C PRO B 236 -34.82 -17.55 -11.67
N LEU B 237 -33.98 -17.58 -12.70
CA LEU B 237 -33.25 -18.79 -13.04
C LEU B 237 -31.84 -18.86 -12.47
N ILE B 238 -31.32 -17.76 -11.92
CA ILE B 238 -29.90 -17.66 -11.58
C ILE B 238 -29.76 -17.27 -10.12
N ASP B 239 -28.77 -17.85 -9.45
CA ASP B 239 -28.42 -17.46 -8.09
C ASP B 239 -27.71 -16.12 -8.07
N GLN B 240 -27.81 -15.43 -6.95
CA GLN B 240 -26.89 -14.33 -6.68
C GLN B 240 -25.53 -14.87 -6.25
N TYR B 241 -24.52 -14.00 -6.36
CA TYR B 241 -23.20 -14.29 -5.82
C TYR B 241 -23.06 -13.81 -4.38
N LEU B 242 -24.13 -13.34 -3.77
CA LEU B 242 -24.11 -12.82 -2.40
C LEU B 242 -24.65 -13.85 -1.43
N TYR B 243 -24.10 -13.86 -0.23
CA TYR B 243 -24.48 -14.76 0.83
C TYR B 243 -25.27 -14.03 1.91
N TYR B 244 -26.16 -14.77 2.55
CA TYR B 244 -26.94 -14.29 3.67
C TYR B 244 -26.75 -15.25 4.83
N LEU B 245 -27.19 -14.85 6.02
CA LEU B 245 -26.98 -15.67 7.21
C LEU B 245 -28.17 -16.61 7.33
N SER B 246 -27.94 -17.89 7.06
CA SER B 246 -29.03 -18.85 6.99
C SER B 246 -29.42 -19.40 8.36
N LYS B 247 -28.43 -19.76 9.18
CA LYS B 247 -28.69 -20.54 10.39
C LYS B 247 -27.81 -20.07 11.52
N THR B 248 -28.42 -19.73 12.67
CA THR B 248 -27.66 -19.24 13.82
C THR B 248 -27.41 -20.29 14.90
N ILE B 249 -27.95 -21.50 14.77
CA ILE B 249 -27.73 -22.57 15.74
C ILE B 249 -27.67 -23.90 15.02
N ASN B 250 -26.87 -24.82 15.53
CA ASN B 250 -26.74 -26.13 14.88
C ASN B 250 -27.96 -27.01 15.11
N GLY B 251 -28.33 -27.17 16.37
CA GLY B 251 -29.45 -28.01 16.73
C GLY B 251 -30.03 -27.60 18.06
N SER B 252 -31.10 -28.26 18.47
CA SER B 252 -31.75 -27.98 19.75
C SER B 252 -30.81 -28.30 20.91
N GLY B 253 -30.91 -27.53 21.98
CA GLY B 253 -30.08 -27.76 23.15
C GLY B 253 -29.20 -26.59 23.51
N GLN B 254 -28.52 -26.71 24.64
CA GLN B 254 -27.64 -25.66 25.14
C GLN B 254 -26.31 -25.51 24.41
N ASN B 255 -25.79 -24.28 24.44
CA ASN B 255 -24.50 -23.95 23.84
C ASN B 255 -24.38 -24.30 22.38
N GLN B 256 -25.45 -24.08 21.63
CA GLN B 256 -25.40 -24.35 20.21
C GLN B 256 -25.40 -22.98 19.60
N GLN B 257 -24.29 -22.61 18.98
CA GLN B 257 -24.21 -21.32 18.32
C GLN B 257 -23.35 -21.58 17.12
N THR B 258 -23.72 -20.99 15.98
CA THR B 258 -22.98 -21.18 14.76
C THR B 258 -23.44 -20.19 13.73
N LEU B 259 -22.58 -19.85 12.79
CA LEU B 259 -22.95 -18.97 11.71
C LEU B 259 -22.84 -19.74 10.40
N LYS B 260 -23.98 -20.01 9.79
CA LYS B 260 -24.05 -20.68 8.50
C LYS B 260 -24.53 -19.69 7.47
N PHE B 261 -24.02 -19.82 6.26
CA PHE B 261 -24.32 -18.86 5.20
C PHE B 261 -24.76 -19.62 3.96
N SER B 262 -25.70 -19.06 3.22
CA SER B 262 -26.23 -19.69 2.03
C SER B 262 -26.32 -18.67 0.90
N VAL B 263 -26.36 -19.18 -0.31
CA VAL B 263 -26.52 -18.35 -1.49
C VAL B 263 -27.98 -17.97 -1.63
N ALA B 264 -28.23 -16.71 -1.96
CA ALA B 264 -29.58 -16.26 -2.29
C ALA B 264 -29.90 -16.67 -3.72
N GLY B 265 -31.09 -17.25 -3.92
CA GLY B 265 -31.42 -17.85 -5.18
C GLY B 265 -32.92 -17.93 -5.43
N PRO B 266 -33.30 -18.67 -6.47
CA PRO B 266 -34.72 -18.76 -6.82
C PRO B 266 -35.58 -19.36 -5.72
N SER B 267 -35.08 -20.37 -5.00
CA SER B 267 -35.91 -21.03 -4.00
C SER B 267 -36.29 -20.10 -2.87
N ASN B 268 -35.39 -19.24 -2.43
CA ASN B 268 -35.68 -18.25 -1.41
C ASN B 268 -35.42 -16.88 -2.03
N MET B 269 -36.49 -16.17 -2.35
CA MET B 269 -36.36 -14.86 -2.99
C MET B 269 -36.50 -13.70 -2.02
N ALA B 270 -36.81 -13.97 -0.76
CA ALA B 270 -37.01 -12.90 0.20
C ALA B 270 -35.70 -12.34 0.72
N VAL B 271 -34.64 -13.13 0.72
CA VAL B 271 -33.38 -12.74 1.34
C VAL B 271 -32.38 -12.18 0.35
N GLN B 272 -32.70 -12.12 -0.94
CA GLN B 272 -31.74 -11.63 -1.90
C GLN B 272 -31.47 -10.14 -1.70
N GLY B 273 -30.25 -9.73 -2.03
CA GLY B 273 -29.93 -8.32 -1.99
C GLY B 273 -30.58 -7.57 -3.14
N ARG B 274 -31.18 -6.43 -2.81
CA ARG B 274 -31.88 -5.62 -3.80
C ARG B 274 -31.35 -4.20 -3.78
N ASN B 275 -31.35 -3.59 -4.95
CA ASN B 275 -30.83 -2.23 -5.11
C ASN B 275 -31.83 -1.15 -4.73
N TYR B 276 -33.12 -1.46 -4.69
CA TYR B 276 -34.14 -0.44 -4.47
C TYR B 276 -35.24 -0.98 -3.56
N ILE B 277 -35.88 -0.07 -2.84
CA ILE B 277 -36.85 -0.44 -1.81
C ILE B 277 -38.11 0.37 -2.06
N PRO B 278 -39.26 -0.07 -1.54
CA PRO B 278 -40.50 0.66 -1.77
C PRO B 278 -40.54 1.99 -1.04
N GLY B 279 -41.44 2.86 -1.50
CA GLY B 279 -41.50 4.22 -1.03
C GLY B 279 -41.97 4.37 0.40
N PRO B 280 -42.07 5.61 0.86
CA PRO B 280 -42.42 5.87 2.25
C PRO B 280 -43.87 5.57 2.55
N SER B 281 -44.17 5.37 3.84
CA SER B 281 -45.49 5.00 4.28
C SER B 281 -45.87 5.76 5.53
N TYR B 282 -47.15 6.07 5.66
CA TYR B 282 -47.74 6.61 6.88
C TYR B 282 -49.04 5.85 7.07
N ARG B 283 -49.13 4.99 8.09
CA ARG B 283 -50.17 3.97 8.06
C ARG B 283 -51.57 4.55 8.25
N GLN B 284 -52.52 4.02 7.49
CA GLN B 284 -53.94 4.29 7.64
C GLN B 284 -54.61 3.14 8.36
N GLN B 285 -55.63 3.47 9.16
CA GLN B 285 -56.46 2.45 9.78
C GLN B 285 -57.29 1.72 8.72
N ARG B 286 -57.45 0.42 8.89
CA ARG B 286 -58.12 -0.43 7.91
C ARG B 286 -59.60 -0.52 8.24
N VAL B 287 -60.44 -0.19 7.27
CA VAL B 287 -61.89 -0.19 7.46
C VAL B 287 -62.53 -1.05 6.37
N SER B 288 -63.44 -1.93 6.79
CA SER B 288 -64.07 -2.89 5.91
C SER B 288 -65.42 -2.37 5.40
N THR B 289 -65.73 -2.70 4.15
CA THR B 289 -67.06 -2.44 3.62
C THR B 289 -68.11 -3.40 4.16
N THR B 290 -67.71 -4.47 4.83
CA THR B 290 -68.62 -5.36 5.53
C THR B 290 -68.73 -4.87 6.97
N VAL B 291 -69.92 -4.39 7.34
CA VAL B 291 -70.06 -3.64 8.58
C VAL B 291 -69.80 -4.52 9.81
N THR B 292 -69.95 -5.84 9.69
CA THR B 292 -69.80 -6.70 10.85
C THR B 292 -68.34 -7.05 11.13
N GLN B 293 -67.45 -6.84 10.17
CA GLN B 293 -66.03 -7.03 10.41
C GLN B 293 -65.43 -5.87 11.20
N ASN B 294 -65.91 -4.66 10.97
CA ASN B 294 -65.40 -3.49 11.68
C ASN B 294 -65.77 -3.52 13.16
N ASN B 295 -64.96 -2.85 13.96
CA ASN B 295 -65.17 -2.80 15.40
C ASN B 295 -66.45 -2.05 15.76
N ASN B 296 -67.12 -2.49 16.81
CA ASN B 296 -68.34 -1.84 17.27
C ASN B 296 -68.02 -0.67 18.19
N SER B 297 -67.50 0.40 17.60
CA SER B 297 -67.15 1.61 18.33
C SER B 297 -67.09 2.76 17.32
N GLU B 298 -67.12 4.00 17.79
CA GLU B 298 -67.02 5.11 16.86
C GLU B 298 -65.55 5.47 16.75
N PHE B 299 -64.91 5.00 15.70
CA PHE B 299 -63.50 5.26 15.48
C PHE B 299 -63.20 6.12 14.25
N ALA B 300 -64.22 6.78 13.70
CA ALA B 300 -64.04 7.64 12.54
C ALA B 300 -62.94 8.66 12.82
N TRP B 301 -63.14 9.49 13.83
CA TRP B 301 -62.12 10.46 14.25
C TRP B 301 -61.09 9.84 15.18
N PRO B 302 -61.45 9.12 16.26
CA PRO B 302 -60.43 8.72 17.25
C PRO B 302 -59.35 7.82 16.70
N GLY B 303 -59.67 6.94 15.75
CA GLY B 303 -58.69 6.01 15.24
C GLY B 303 -58.12 6.40 13.90
N ALA B 304 -58.20 7.69 13.57
CA ALA B 304 -57.76 8.21 12.30
C ALA B 304 -56.37 8.80 12.39
N SER B 305 -55.56 8.57 11.37
CA SER B 305 -54.22 9.16 11.31
C SER B 305 -54.33 10.65 11.03
N SER B 306 -53.59 11.44 11.79
CA SER B 306 -53.67 12.89 11.66
C SER B 306 -52.29 13.49 11.87
N TRP B 307 -52.14 14.75 11.46
CA TRP B 307 -50.95 15.54 11.76
C TRP B 307 -51.34 16.82 12.47
N ALA B 308 -50.45 17.26 13.37
CA ALA B 308 -50.67 18.44 14.19
C ALA B 308 -49.89 19.61 13.62
N LEU B 309 -50.57 20.75 13.49
CA LEU B 309 -49.94 21.98 13.06
C LEU B 309 -50.43 23.11 13.95
N ASN B 310 -49.51 23.69 14.73
CA ASN B 310 -49.82 24.79 15.64
C ASN B 310 -51.06 24.49 16.49
N GLY B 311 -51.05 23.34 17.14
CA GLY B 311 -52.11 22.96 18.06
C GLY B 311 -53.35 22.38 17.42
N ARG B 312 -53.53 22.55 16.12
CA ARG B 312 -54.70 22.03 15.42
C ARG B 312 -54.36 20.73 14.71
N ASN B 313 -55.10 19.68 15.04
CA ASN B 313 -54.90 18.37 14.45
C ASN B 313 -55.69 18.26 13.15
N SER B 314 -54.99 17.99 12.06
CA SER B 314 -55.61 17.82 10.76
C SER B 314 -55.54 16.36 10.34
N LEU B 315 -56.69 15.83 9.94
CA LEU B 315 -56.75 14.48 9.40
C LEU B 315 -55.82 14.35 8.20
N MET B 316 -55.24 13.16 8.02
CA MET B 316 -54.30 12.93 6.93
C MET B 316 -55.11 12.44 5.74
N ASN B 317 -55.30 13.32 4.76
CA ASN B 317 -56.11 13.01 3.59
C ASN B 317 -55.51 13.63 2.34
N PRO B 318 -55.44 12.86 1.25
CA PRO B 318 -55.51 11.40 1.26
C PRO B 318 -54.24 10.81 1.88
N GLY B 319 -53.19 11.64 1.93
CA GLY B 319 -51.93 11.22 2.48
C GLY B 319 -50.94 10.85 1.39
N PRO B 320 -49.83 10.22 1.78
CA PRO B 320 -48.88 9.71 0.78
C PRO B 320 -49.52 8.62 -0.05
N ALA B 321 -49.05 8.49 -1.29
CA ALA B 321 -49.67 7.54 -2.21
C ALA B 321 -49.25 6.12 -1.82
N MET B 322 -50.24 5.29 -1.51
CA MET B 322 -50.01 3.95 -1.02
C MET B 322 -51.10 3.04 -1.56
N ALA B 323 -50.78 1.75 -1.66
CA ALA B 323 -51.77 0.77 -2.08
C ALA B 323 -52.94 0.76 -1.11
N SER B 324 -54.15 0.69 -1.66
CA SER B 324 -55.34 0.70 -0.82
C SER B 324 -55.42 -0.54 0.06
N HIS B 325 -55.06 -1.70 -0.48
CA HIS B 325 -55.25 -2.96 0.22
C HIS B 325 -54.31 -4.00 -0.37
N LYS B 326 -54.16 -5.10 0.35
CA LYS B 326 -53.37 -6.22 -0.14
C LYS B 326 -54.11 -6.98 -1.24
N GLU B 327 -53.35 -7.73 -2.02
CA GLU B 327 -53.95 -8.56 -3.06
C GLU B 327 -54.78 -9.68 -2.44
N GLY B 328 -56.04 -9.78 -2.86
CA GLY B 328 -56.96 -10.74 -2.31
C GLY B 328 -57.99 -10.16 -1.36
N GLU B 329 -57.74 -8.98 -0.80
CA GLU B 329 -58.71 -8.30 0.06
C GLU B 329 -59.12 -7.01 -0.66
N ASP B 330 -60.31 -7.01 -1.25
CA ASP B 330 -60.87 -5.80 -1.84
C ASP B 330 -61.91 -5.13 -0.96
N ARG B 331 -62.29 -5.76 0.17
CA ARG B 331 -63.34 -5.22 1.03
C ARG B 331 -62.82 -4.17 1.98
N PHE B 332 -61.52 -4.14 2.21
CA PHE B 332 -60.90 -3.18 3.12
C PHE B 332 -60.39 -1.96 2.38
N PHE B 333 -60.42 -0.82 3.05
CA PHE B 333 -59.93 0.43 2.48
C PHE B 333 -59.32 1.27 3.61
N PRO B 334 -58.35 2.14 3.26
CA PRO B 334 -57.71 3.00 4.25
C PRO B 334 -58.74 3.95 4.81
N LEU B 335 -58.69 4.23 6.11
CA LEU B 335 -59.70 5.08 6.71
C LEU B 335 -59.75 6.48 6.10
N SER B 336 -58.61 7.11 5.91
CA SER B 336 -58.57 8.44 5.32
C SER B 336 -57.68 8.54 4.10
N GLY B 337 -57.16 7.41 3.64
CA GLY B 337 -56.26 7.38 2.50
C GLY B 337 -56.90 7.25 1.14
N SER B 338 -58.22 7.15 1.10
CA SER B 338 -58.92 6.99 -0.16
C SER B 338 -59.70 8.22 -0.58
N LEU B 339 -59.58 8.58 -1.85
CA LEU B 339 -60.29 9.73 -2.40
C LEU B 339 -61.79 9.45 -2.38
N ILE B 358 -65.55 5.15 -3.38
CA ILE B 358 -64.22 4.85 -2.87
C ILE B 358 -63.32 4.29 -3.97
N THR B 359 -62.45 5.13 -4.49
CA THR B 359 -61.51 4.75 -5.54
C THR B 359 -60.46 3.78 -5.01
N ASN B 360 -59.93 2.94 -5.90
CA ASN B 360 -58.93 1.96 -5.51
C ASN B 360 -57.53 2.31 -6.01
N GLU B 361 -56.57 2.21 -5.11
CA GLU B 361 -55.18 2.51 -5.42
C GLU B 361 -54.34 1.24 -5.50
N GLU B 362 -54.99 0.11 -5.77
CA GLU B 362 -54.31 -1.18 -5.85
C GLU B 362 -53.28 -1.31 -6.99
N GLU B 363 -53.37 -0.44 -7.97
CA GLU B 363 -52.45 -0.46 -9.12
C GLU B 363 -50.99 -0.18 -8.73
N ILE B 364 -50.79 0.69 -7.76
CA ILE B 364 -49.45 1.11 -7.34
C ILE B 364 -48.79 0.22 -6.31
N LYS B 365 -49.38 -0.92 -5.99
CA LYS B 365 -48.80 -1.82 -5.00
C LYS B 365 -47.40 -2.33 -5.39
N THR B 366 -47.16 -2.56 -6.68
CA THR B 366 -45.85 -3.01 -7.16
C THR B 366 -44.64 -2.27 -6.57
N THR B 367 -44.72 -0.95 -6.43
CA THR B 367 -43.66 -0.16 -5.82
C THR B 367 -44.04 0.47 -4.48
N ASN B 368 -45.28 0.35 -4.04
CA ASN B 368 -45.69 1.11 -2.88
C ASN B 368 -46.22 0.21 -1.78
N PRO B 369 -45.93 0.54 -0.52
CA PRO B 369 -46.43 -0.30 0.57
C PRO B 369 -47.94 -0.12 0.77
N VAL B 370 -48.56 -1.13 1.38
CA VAL B 370 -49.99 -1.08 1.62
C VAL B 370 -50.29 -0.08 2.73
N ALA B 371 -51.30 0.76 2.51
CA ALA B 371 -51.59 1.86 3.42
C ALA B 371 -51.97 1.37 4.81
N THR B 372 -52.51 0.15 4.92
CA THR B 372 -52.93 -0.38 6.20
C THR B 372 -51.90 -1.30 6.83
N GLU B 373 -50.73 -1.47 6.22
CA GLU B 373 -49.70 -2.36 6.70
C GLU B 373 -48.49 -1.57 7.19
N SER B 374 -47.78 -2.15 8.14
CA SER B 374 -46.49 -1.62 8.53
C SER B 374 -45.52 -1.66 7.37
N TYR B 375 -44.61 -0.69 7.32
CA TYR B 375 -43.60 -0.67 6.28
C TYR B 375 -42.65 -1.85 6.42
N GLY B 376 -42.42 -2.29 7.65
CA GLY B 376 -41.54 -3.42 7.87
C GLY B 376 -41.17 -3.52 9.34
N GLN B 377 -40.11 -4.28 9.60
CA GLN B 377 -39.59 -4.50 10.94
C GLN B 377 -38.17 -3.95 11.06
N VAL B 378 -37.81 -3.52 12.26
CA VAL B 378 -36.45 -3.12 12.56
C VAL B 378 -36.02 -3.81 13.85
N ALA B 379 -34.72 -4.01 13.99
CA ALA B 379 -34.17 -4.49 15.25
C ALA B 379 -34.34 -3.43 16.32
N THR B 380 -34.80 -3.84 17.50
CA THR B 380 -34.94 -2.93 18.63
C THR B 380 -33.83 -3.06 19.67
N ASN B 381 -32.91 -4.01 19.53
CA ASN B 381 -31.94 -4.25 20.59
C ASN B 381 -30.69 -4.91 20.02
N HIS B 382 -29.65 -4.92 20.85
CA HIS B 382 -28.48 -5.77 20.63
C HIS B 382 -28.76 -7.14 21.24
N GLN B 383 -28.75 -8.17 20.40
CA GLN B 383 -28.86 -9.52 20.91
C GLN B 383 -27.61 -9.91 21.68
N SER B 384 -27.74 -10.92 22.53
CA SER B 384 -26.60 -11.45 23.25
C SER B 384 -26.95 -12.84 23.75
N ALA B 385 -25.99 -13.47 24.42
CA ALA B 385 -26.26 -14.77 25.03
C ALA B 385 -27.38 -14.68 26.05
N GLN B 386 -27.52 -13.52 26.71
CA GLN B 386 -28.60 -13.33 27.66
C GLN B 386 -29.89 -12.91 26.96
N ALA B 387 -29.81 -12.06 25.95
CA ALA B 387 -30.97 -11.36 25.41
C ALA B 387 -31.28 -11.83 24.00
N GLN B 388 -32.54 -12.17 23.77
CA GLN B 388 -32.98 -12.58 22.45
C GLN B 388 -33.08 -11.40 21.50
N ALA B 389 -32.99 -11.68 20.20
CA ALA B 389 -33.13 -10.64 19.20
C ALA B 389 -34.58 -10.16 19.14
N GLN B 390 -34.76 -8.85 19.32
CA GLN B 390 -36.08 -8.25 19.40
C GLN B 390 -36.28 -7.32 18.22
N THR B 391 -37.46 -7.42 17.60
CA THR B 391 -37.80 -6.56 16.47
C THR B 391 -38.97 -5.67 16.87
N GLY B 392 -39.34 -4.79 15.96
CA GLY B 392 -40.46 -3.89 16.18
C GLY B 392 -41.00 -3.41 14.86
N TRP B 393 -42.26 -3.01 14.87
CA TRP B 393 -42.95 -2.68 13.62
C TRP B 393 -42.75 -1.21 13.27
N VAL B 394 -42.54 -0.95 11.99
CA VAL B 394 -42.39 0.42 11.50
C VAL B 394 -43.76 0.91 11.03
N GLN B 395 -44.35 1.83 11.78
CA GLN B 395 -45.66 2.36 11.41
C GLN B 395 -45.55 3.43 10.33
N ASN B 396 -44.54 4.29 10.42
CA ASN B 396 -44.31 5.33 9.44
C ASN B 396 -42.83 5.37 9.10
N GLN B 397 -42.54 5.55 7.82
CA GLN B 397 -41.16 5.59 7.34
C GLN B 397 -40.99 6.76 6.39
N GLY B 398 -40.09 7.67 6.73
CA GLY B 398 -39.74 8.75 5.84
C GLY B 398 -38.90 8.27 4.67
N ILE B 399 -38.56 9.22 3.80
CA ILE B 399 -37.75 8.91 2.63
C ILE B 399 -36.41 8.33 3.06
N LEU B 400 -35.96 7.31 2.33
CA LEU B 400 -34.62 6.76 2.41
C LEU B 400 -34.00 6.77 1.02
N PRO B 401 -32.68 6.92 0.94
CA PRO B 401 -32.02 6.78 -0.36
C PRO B 401 -32.22 5.38 -0.92
N GLY B 402 -32.63 5.31 -2.18
CA GLY B 402 -32.95 4.05 -2.81
C GLY B 402 -34.42 3.71 -2.86
N MET B 403 -35.28 4.59 -2.36
CA MET B 403 -36.72 4.38 -2.47
C MET B 403 -37.23 4.81 -3.84
N VAL B 404 -38.21 4.07 -4.34
CA VAL B 404 -38.98 4.45 -5.52
C VAL B 404 -40.45 4.31 -5.17
N TRP B 405 -41.28 5.13 -5.82
CA TRP B 405 -42.70 5.11 -5.53
C TRP B 405 -43.47 5.64 -6.73
N GLN B 406 -44.77 5.37 -6.72
CA GLN B 406 -45.72 5.93 -7.67
C GLN B 406 -46.56 6.99 -6.98
N ASP B 407 -46.96 8.00 -7.76
CA ASP B 407 -47.87 9.01 -7.25
C ASP B 407 -49.31 8.51 -7.35
N ARG B 408 -50.23 9.31 -6.85
CA ARG B 408 -51.65 8.92 -6.87
C ARG B 408 -52.22 9.13 -8.26
N ASP B 409 -53.14 8.24 -8.64
CA ASP B 409 -53.71 8.26 -9.97
C ASP B 409 -54.73 9.38 -10.09
N VAL B 410 -54.96 9.83 -11.33
CA VAL B 410 -55.96 10.83 -11.61
C VAL B 410 -57.31 10.17 -11.92
N ASP C 17 -17.72 -13.11 -43.83
CA ASP C 17 -16.59 -12.79 -44.69
C ASP C 17 -15.93 -14.06 -45.21
N GLY C 18 -15.71 -15.02 -44.32
CA GLY C 18 -15.15 -16.29 -44.73
C GLY C 18 -15.21 -17.30 -43.59
N VAL C 19 -15.20 -18.57 -43.96
CA VAL C 19 -15.19 -19.63 -42.95
C VAL C 19 -13.82 -19.71 -42.29
N GLY C 20 -12.76 -19.55 -43.07
CA GLY C 20 -11.40 -19.62 -42.58
C GLY C 20 -10.76 -18.31 -42.23
N SER C 21 -11.54 -17.27 -41.97
CA SER C 21 -11.01 -15.97 -41.58
C SER C 21 -11.60 -15.56 -40.24
N SER C 22 -10.74 -15.15 -39.32
CA SER C 22 -11.18 -14.72 -38.00
C SER C 22 -11.81 -13.34 -38.07
N SER C 23 -12.93 -13.17 -37.37
CA SER C 23 -13.70 -11.94 -37.40
C SER C 23 -13.31 -10.96 -36.32
N GLY C 24 -12.31 -11.29 -35.50
CA GLY C 24 -11.86 -10.38 -34.46
C GLY C 24 -10.61 -10.91 -33.81
N ASN C 25 -9.98 -10.05 -33.03
CA ASN C 25 -8.76 -10.38 -32.32
C ASN C 25 -9.01 -10.40 -30.82
N TRP C 26 -7.98 -10.76 -30.08
CA TRP C 26 -8.05 -10.81 -28.63
C TRP C 26 -7.46 -9.55 -28.05
N HIS C 27 -8.31 -8.62 -27.64
CA HIS C 27 -7.82 -7.38 -27.04
C HIS C 27 -8.09 -7.46 -25.56
N CYS C 28 -7.03 -7.49 -24.77
CA CYS C 28 -7.17 -7.58 -23.33
C CYS C 28 -6.16 -6.74 -22.56
N ASP C 29 -6.34 -5.43 -22.52
CA ASP C 29 -5.41 -4.60 -21.76
C ASP C 29 -6.01 -3.31 -21.23
N SER C 30 -5.35 -2.70 -20.26
CA SER C 30 -5.81 -1.44 -19.68
C SER C 30 -4.82 -0.34 -20.00
N GLN C 31 -5.33 0.82 -20.39
CA GLN C 31 -4.47 1.95 -20.69
C GLN C 31 -4.77 3.10 -19.75
N TRP C 32 -3.72 3.61 -19.10
CA TRP C 32 -3.84 4.72 -18.18
C TRP C 32 -3.35 5.94 -18.91
N LEU C 33 -4.24 6.90 -19.10
CA LEU C 33 -3.91 8.11 -19.85
C LEU C 33 -4.47 9.31 -19.12
N GLY C 34 -3.60 10.12 -18.53
CA GLY C 34 -4.07 11.35 -17.92
C GLY C 34 -5.15 11.11 -16.90
N ASP C 35 -6.31 11.72 -17.15
CA ASP C 35 -7.45 11.72 -16.25
C ASP C 35 -8.45 10.61 -16.54
N ARG C 36 -8.14 9.69 -17.44
CA ARG C 36 -9.08 8.63 -17.79
C ARG C 36 -8.39 7.28 -17.86
N VAL C 37 -9.19 6.21 -17.83
CA VAL C 37 -8.72 4.84 -17.93
C VAL C 37 -9.58 4.11 -18.95
N ILE C 38 -8.94 3.32 -19.80
CA ILE C 38 -9.64 2.50 -20.78
C ILE C 38 -9.30 1.04 -20.49
N THR C 39 -10.31 0.28 -20.05
CA THR C 39 -10.16 -1.14 -19.78
C THR C 39 -10.76 -1.92 -20.93
N THR C 40 -10.11 -3.01 -21.31
CA THR C 40 -10.57 -3.88 -22.39
C THR C 40 -10.40 -5.33 -21.95
N SER C 41 -11.50 -6.10 -22.03
CA SER C 41 -11.51 -7.48 -21.58
C SER C 41 -12.10 -8.36 -22.67
N THR C 42 -11.42 -9.46 -22.97
CA THR C 42 -11.92 -10.45 -23.92
C THR C 42 -11.99 -11.79 -23.21
N ARG C 43 -13.11 -12.50 -23.39
CA ARG C 43 -13.29 -13.82 -22.79
C ARG C 43 -13.82 -14.77 -23.85
N THR C 44 -13.81 -16.06 -23.49
CA THR C 44 -14.32 -17.13 -24.34
C THR C 44 -15.56 -17.73 -23.69
N TRP C 45 -16.64 -17.84 -24.44
CA TRP C 45 -17.93 -18.27 -23.92
C TRP C 45 -18.46 -19.48 -24.69
N ALA C 46 -19.46 -20.13 -24.11
CA ALA C 46 -20.16 -21.24 -24.74
C ALA C 46 -21.65 -21.09 -24.46
N LEU C 47 -22.48 -21.29 -25.49
CA LEU C 47 -23.92 -21.08 -25.37
C LEU C 47 -24.66 -22.39 -25.57
N PRO C 48 -25.26 -22.97 -24.53
CA PRO C 48 -26.13 -24.13 -24.71
C PRO C 48 -27.49 -23.77 -25.26
N THR C 49 -28.25 -24.77 -25.71
CA THR C 49 -29.68 -24.56 -25.96
C THR C 49 -30.47 -24.79 -24.69
N TYR C 50 -31.20 -23.75 -24.26
CA TYR C 50 -31.99 -23.79 -23.03
C TYR C 50 -33.44 -24.14 -23.32
N ASN C 51 -34.05 -24.90 -22.41
CA ASN C 51 -35.48 -25.23 -22.44
C ASN C 51 -35.89 -25.93 -23.73
N ASN C 52 -34.93 -26.55 -24.42
CA ASN C 52 -35.19 -27.17 -25.71
C ASN C 52 -35.92 -26.21 -26.65
N HIS C 53 -35.38 -24.99 -26.76
CA HIS C 53 -35.90 -23.94 -27.63
C HIS C 53 -37.30 -23.46 -27.25
N LEU C 54 -37.69 -23.61 -26.00
CA LEU C 54 -39.06 -23.33 -25.58
C LEU C 54 -39.11 -22.19 -24.58
N TYR C 55 -40.20 -21.42 -24.66
CA TYR C 55 -40.60 -20.55 -23.56
C TYR C 55 -41.49 -21.32 -22.61
N LYS C 56 -41.12 -21.34 -21.33
CA LYS C 56 -41.89 -22.14 -20.37
C LYS C 56 -42.25 -21.31 -19.15
N GLN C 57 -43.56 -21.26 -18.89
CA GLN C 57 -44.11 -20.70 -17.66
C GLN C 57 -43.49 -21.38 -16.45
N ILE C 58 -43.03 -20.59 -15.48
CA ILE C 58 -42.49 -21.09 -14.24
C ILE C 58 -43.17 -20.36 -13.08
N SER C 59 -43.24 -21.03 -11.93
CA SER C 59 -43.86 -20.48 -10.74
C SER C 59 -43.30 -21.20 -9.52
N ASN C 60 -43.58 -20.63 -8.34
CA ASN C 60 -43.23 -21.31 -7.09
C ASN C 60 -43.84 -22.71 -7.03
N SER C 61 -44.96 -22.92 -7.74
CA SER C 61 -45.62 -24.22 -7.74
C SER C 61 -44.70 -25.29 -8.31
N THR C 62 -43.99 -24.98 -9.40
CA THR C 62 -42.96 -25.89 -9.89
C THR C 62 -41.85 -26.04 -8.86
N SER C 63 -41.53 -24.98 -8.13
CA SER C 63 -40.53 -25.03 -7.07
C SER C 63 -41.08 -25.61 -5.77
N GLY C 64 -42.39 -25.58 -5.56
CA GLY C 64 -43.03 -26.07 -4.36
C GLY C 64 -43.56 -24.99 -3.43
N GLY C 65 -43.05 -23.76 -3.51
CA GLY C 65 -43.68 -22.61 -2.90
C GLY C 65 -44.06 -22.73 -1.44
N SER C 66 -43.10 -23.07 -0.58
CA SER C 66 -43.42 -23.32 0.82
C SER C 66 -44.00 -22.07 1.51
N SER C 67 -43.57 -20.89 1.09
CA SER C 67 -43.97 -19.65 1.73
C SER C 67 -44.47 -18.65 0.70
N ASN C 68 -45.29 -17.70 1.17
CA ASN C 68 -45.80 -16.66 0.28
C ASN C 68 -44.73 -15.63 -0.02
N ASP C 69 -43.78 -15.45 0.90
CA ASP C 69 -42.68 -14.52 0.66
C ASP C 69 -41.85 -14.96 -0.54
N ASN C 70 -41.79 -16.28 -0.78
CA ASN C 70 -41.00 -16.80 -1.89
C ASN C 70 -41.86 -17.03 -3.13
N ALA C 71 -43.15 -16.70 -3.06
CA ALA C 71 -44.04 -16.95 -4.19
C ALA C 71 -43.67 -16.11 -5.39
N TYR C 72 -43.70 -16.72 -6.57
CA TYR C 72 -43.34 -16.01 -7.79
C TYR C 72 -44.04 -16.62 -8.99
N PHE C 73 -44.10 -15.85 -10.05
CA PHE C 73 -44.63 -16.28 -11.34
C PHE C 73 -43.80 -15.63 -12.43
N GLY C 74 -43.40 -16.40 -13.43
CA GLY C 74 -42.60 -15.83 -14.50
C GLY C 74 -42.43 -16.82 -15.64
N TYR C 75 -41.49 -16.49 -16.51
CA TYR C 75 -41.20 -17.30 -17.70
C TYR C 75 -39.71 -17.52 -17.83
N SER C 76 -39.33 -18.74 -18.18
CA SER C 76 -37.97 -19.06 -18.59
C SER C 76 -37.90 -19.05 -20.11
N THR C 77 -36.83 -18.50 -20.65
CA THR C 77 -36.69 -18.31 -22.09
C THR C 77 -35.54 -19.15 -22.62
N PRO C 78 -35.59 -19.52 -23.91
CA PRO C 78 -34.44 -20.21 -24.52
C PRO C 78 -33.23 -19.31 -24.69
N TRP C 79 -33.38 -18.00 -24.54
CA TRP C 79 -32.30 -17.05 -24.77
C TRP C 79 -31.33 -17.02 -23.60
N GLY C 80 -30.07 -16.70 -23.89
CA GLY C 80 -29.10 -16.36 -22.89
C GLY C 80 -28.81 -14.85 -22.93
N TYR C 81 -27.97 -14.41 -21.99
CA TYR C 81 -27.61 -13.01 -21.96
C TYR C 81 -26.18 -12.84 -21.45
N PHE C 82 -25.57 -11.72 -21.80
CA PHE C 82 -24.22 -11.39 -21.34
C PHE C 82 -24.26 -10.43 -20.17
N ASP C 83 -23.48 -10.75 -19.14
CA ASP C 83 -23.39 -9.90 -17.94
C ASP C 83 -21.92 -9.63 -17.66
N PHE C 84 -21.48 -8.39 -17.91
CA PHE C 84 -20.17 -7.91 -17.49
C PHE C 84 -20.23 -6.97 -16.28
N ASN C 85 -21.37 -6.87 -15.62
CA ASN C 85 -21.68 -5.85 -14.62
C ASN C 85 -20.77 -5.87 -13.38
N ARG C 86 -19.84 -6.80 -13.26
CA ARG C 86 -18.98 -6.79 -12.10
C ARG C 86 -17.66 -6.06 -12.36
N PHE C 87 -17.08 -5.48 -11.33
CA PHE C 87 -15.82 -4.74 -11.44
C PHE C 87 -14.65 -5.59 -11.90
N HIS C 88 -14.59 -6.83 -11.45
CA HIS C 88 -13.50 -7.75 -11.83
C HIS C 88 -13.42 -8.13 -13.31
N CYS C 89 -14.53 -8.01 -14.04
CA CYS C 89 -14.57 -8.30 -15.46
C CYS C 89 -13.63 -7.40 -16.24
N HIS C 90 -13.54 -6.13 -15.85
CA HIS C 90 -12.67 -5.19 -16.56
C HIS C 90 -11.39 -4.76 -15.86
N PHE C 91 -11.26 -5.04 -14.56
CA PHE C 91 -10.08 -4.59 -13.84
C PHE C 91 -9.29 -5.78 -13.32
N SER C 92 -7.98 -5.77 -13.55
CA SER C 92 -7.10 -6.70 -12.88
C SER C 92 -6.87 -6.24 -11.45
N PRO C 93 -6.47 -7.16 -10.56
CA PRO C 93 -6.16 -6.75 -9.19
C PRO C 93 -5.09 -5.67 -9.11
N ARG C 94 -4.13 -5.68 -10.03
CA ARG C 94 -3.13 -4.62 -10.08
C ARG C 94 -3.74 -3.31 -10.58
N ASP C 95 -4.55 -3.38 -11.64
CA ASP C 95 -5.22 -2.17 -12.14
C ASP C 95 -6.14 -1.58 -11.08
N TRP C 96 -6.83 -2.45 -10.33
CA TRP C 96 -7.72 -1.97 -9.29
C TRP C 96 -6.94 -1.26 -8.19
N GLN C 97 -5.77 -1.79 -7.86
CA GLN C 97 -4.92 -1.20 -6.85
C GLN C 97 -4.41 0.15 -7.33
N ARG C 98 -4.09 0.24 -8.62
CA ARG C 98 -3.59 1.47 -9.21
C ARG C 98 -4.65 2.56 -9.11
N LEU C 99 -5.89 2.19 -9.35
CA LEU C 99 -6.99 3.11 -9.31
C LEU C 99 -7.39 3.54 -7.91
N ILE C 100 -7.51 2.60 -6.98
CA ILE C 100 -8.01 2.98 -5.68
C ILE C 100 -6.98 3.72 -4.84
N ASN C 101 -5.70 3.54 -5.11
CA ASN C 101 -4.68 4.26 -4.35
C ASN C 101 -4.46 5.68 -4.84
N ASN C 102 -4.63 5.94 -6.13
CA ASN C 102 -4.25 7.20 -6.72
C ASN C 102 -5.39 8.17 -7.00
N ASN C 103 -6.63 7.82 -6.68
CA ASN C 103 -7.76 8.57 -7.22
C ASN C 103 -8.85 8.76 -6.18
N TRP C 104 -9.41 9.96 -6.14
CA TRP C 104 -10.57 10.26 -5.31
C TRP C 104 -11.89 9.82 -5.92
N GLY C 105 -11.97 9.71 -7.25
CA GLY C 105 -13.23 9.33 -7.85
C GLY C 105 -13.03 8.75 -9.23
N PHE C 106 -14.04 8.00 -9.66
CA PHE C 106 -14.06 7.42 -11.00
C PHE C 106 -15.51 7.17 -11.38
N ARG C 107 -15.73 6.91 -12.67
CA ARG C 107 -17.06 6.66 -13.18
C ARG C 107 -17.01 6.24 -14.65
N PRO C 108 -17.94 5.40 -15.09
CA PRO C 108 -17.91 4.95 -16.49
C PRO C 108 -18.38 6.03 -17.45
N LYS C 109 -17.79 6.01 -18.64
CA LYS C 109 -18.10 7.00 -19.68
C LYS C 109 -18.66 6.34 -20.93
N ARG C 110 -17.88 5.50 -21.60
CA ARG C 110 -18.29 4.86 -22.85
C ARG C 110 -18.20 3.35 -22.70
N LEU C 111 -18.92 2.65 -23.58
CA LEU C 111 -18.99 1.21 -23.59
C LEU C 111 -18.91 0.72 -25.03
N ASN C 112 -17.94 -0.16 -25.29
CA ASN C 112 -17.78 -0.74 -26.62
C ASN C 112 -17.79 -2.25 -26.47
N PHE C 113 -18.69 -2.91 -27.21
CA PHE C 113 -18.94 -4.33 -27.07
C PHE C 113 -18.72 -5.01 -28.41
N LYS C 114 -18.15 -6.22 -28.38
CA LYS C 114 -17.92 -6.99 -29.58
C LYS C 114 -18.20 -8.46 -29.33
N LEU C 115 -18.83 -9.10 -30.31
CA LEU C 115 -19.13 -10.53 -30.28
C LEU C 115 -18.68 -11.10 -31.62
N PHE C 116 -17.70 -12.02 -31.59
CA PHE C 116 -17.05 -12.42 -32.81
C PHE C 116 -16.50 -13.83 -32.68
N ASN C 117 -15.93 -14.32 -33.78
CA ASN C 117 -15.38 -15.69 -33.89
C ASN C 117 -16.41 -16.72 -33.46
N ILE C 118 -17.59 -16.65 -34.09
CA ILE C 118 -18.68 -17.56 -33.77
C ILE C 118 -18.36 -18.95 -34.28
N GLN C 119 -18.61 -19.97 -33.44
CA GLN C 119 -18.39 -21.35 -33.82
C GLN C 119 -19.54 -22.23 -33.34
N VAL C 120 -20.55 -22.41 -34.19
CA VAL C 120 -21.68 -23.28 -33.85
C VAL C 120 -21.27 -24.75 -33.98
N LYS C 121 -21.78 -25.59 -33.08
CA LYS C 121 -21.45 -27.01 -33.09
C LYS C 121 -22.68 -27.89 -33.02
N GLU C 122 -22.57 -29.10 -33.58
CA GLU C 122 -23.66 -30.05 -33.57
C GLU C 122 -23.20 -31.27 -32.82
N VAL C 123 -23.99 -31.74 -31.86
CA VAL C 123 -23.61 -32.90 -31.09
C VAL C 123 -24.42 -34.12 -31.49
N THR C 124 -23.73 -35.17 -31.92
CA THR C 124 -24.37 -36.41 -32.34
C THR C 124 -23.90 -37.52 -31.43
N ASP C 125 -24.84 -38.28 -30.88
CA ASP C 125 -24.49 -39.34 -29.97
C ASP C 125 -24.87 -40.74 -30.49
N ASN C 126 -23.88 -41.61 -30.57
CA ASN C 126 -24.09 -43.00 -30.99
C ASN C 126 -23.62 -43.87 -29.85
N ASN C 127 -24.49 -44.75 -29.38
CA ASN C 127 -24.17 -45.65 -28.26
C ASN C 127 -23.70 -44.80 -27.07
N GLY C 128 -22.55 -45.15 -26.52
CA GLY C 128 -21.99 -44.43 -25.40
C GLY C 128 -21.11 -43.23 -25.71
N VAL C 129 -20.84 -42.97 -26.99
CA VAL C 129 -19.96 -41.86 -27.36
C VAL C 129 -20.61 -40.72 -28.14
N LYS C 130 -20.34 -39.49 -27.72
CA LYS C 130 -20.89 -38.32 -28.39
C LYS C 130 -19.83 -37.67 -29.27
N THR C 131 -20.17 -37.44 -30.53
CA THR C 131 -19.25 -36.84 -31.48
C THR C 131 -19.67 -35.43 -31.86
N ILE C 132 -18.74 -34.50 -31.72
CA ILE C 132 -18.99 -33.09 -32.02
C ILE C 132 -18.38 -32.71 -33.37
N ALA C 133 -19.12 -31.93 -34.14
CA ALA C 133 -18.65 -31.49 -35.45
C ALA C 133 -19.10 -30.06 -35.71
N ASN C 134 -18.47 -29.43 -36.68
CA ASN C 134 -18.86 -28.09 -37.09
C ASN C 134 -20.15 -28.12 -37.89
N ASN C 135 -21.02 -27.15 -37.64
CA ASN C 135 -22.14 -26.86 -38.52
C ASN C 135 -21.89 -25.47 -39.09
N LEU C 136 -21.54 -25.40 -40.37
CA LEU C 136 -21.13 -24.14 -40.97
C LEU C 136 -22.30 -23.27 -41.39
N THR C 137 -23.49 -23.84 -41.56
CA THR C 137 -24.65 -23.09 -42.02
C THR C 137 -25.55 -22.61 -40.89
N SER C 138 -25.26 -22.98 -39.65
CA SER C 138 -26.10 -22.56 -38.54
C SER C 138 -25.84 -21.09 -38.19
N THR C 139 -26.82 -20.50 -37.52
CA THR C 139 -26.74 -19.10 -37.11
C THR C 139 -26.92 -18.97 -35.61
N VAL C 140 -26.55 -17.79 -35.11
CA VAL C 140 -26.70 -17.43 -33.70
C VAL C 140 -27.35 -16.05 -33.65
N GLN C 141 -28.51 -15.97 -33.01
CA GLN C 141 -29.28 -14.74 -32.93
C GLN C 141 -28.85 -13.92 -31.72
N VAL C 142 -28.41 -12.69 -31.98
CA VAL C 142 -28.03 -11.77 -30.91
C VAL C 142 -28.71 -10.44 -31.16
N PHE C 143 -29.22 -9.84 -30.08
CA PHE C 143 -29.74 -8.48 -30.15
C PHE C 143 -29.62 -7.85 -28.77
N THR C 144 -29.61 -6.53 -28.76
CA THR C 144 -29.65 -5.76 -27.53
C THR C 144 -30.99 -5.04 -27.44
N ASP C 145 -31.47 -4.87 -26.23
CA ASP C 145 -32.71 -4.11 -26.02
C ASP C 145 -32.28 -2.72 -25.59
N SER C 146 -32.29 -1.78 -26.53
CA SER C 146 -31.84 -0.43 -26.27
C SER C 146 -32.99 0.54 -25.98
N ASP C 147 -34.22 0.10 -26.16
CA ASP C 147 -35.39 0.85 -25.72
C ASP C 147 -35.88 0.37 -24.36
N TYR C 148 -35.24 -0.66 -23.80
CA TYR C 148 -35.51 -1.13 -22.44
C TYR C 148 -36.92 -1.68 -22.31
N GLN C 149 -37.38 -2.38 -23.36
CA GLN C 149 -38.72 -2.96 -23.38
C GLN C 149 -38.81 -4.26 -22.61
N LEU C 150 -37.71 -4.99 -22.48
CA LEU C 150 -37.71 -6.24 -21.72
C LEU C 150 -37.41 -6.00 -20.25
N PRO C 151 -37.85 -6.89 -19.37
CA PRO C 151 -37.43 -6.84 -17.98
C PRO C 151 -35.91 -6.85 -17.84
N TYR C 152 -35.41 -6.03 -16.92
CA TYR C 152 -33.97 -5.83 -16.78
C TYR C 152 -33.48 -6.60 -15.55
N VAL C 153 -32.76 -7.69 -15.78
CA VAL C 153 -32.29 -8.57 -14.72
C VAL C 153 -30.84 -8.32 -14.34
N LEU C 154 -30.15 -7.38 -14.99
CA LEU C 154 -28.72 -7.21 -14.76
C LEU C 154 -28.40 -6.46 -13.48
N GLY C 155 -29.38 -5.90 -12.79
CA GLY C 155 -29.11 -5.16 -11.58
C GLY C 155 -29.40 -5.95 -10.32
N SER C 156 -29.61 -7.26 -10.48
CA SER C 156 -29.97 -8.14 -9.36
C SER C 156 -28.77 -8.90 -8.80
N ALA C 157 -27.57 -8.56 -9.26
CA ALA C 157 -26.31 -9.19 -8.82
C ALA C 157 -26.25 -10.69 -8.99
N HIS C 158 -26.49 -11.15 -10.22
CA HIS C 158 -26.45 -12.56 -10.56
C HIS C 158 -25.10 -13.07 -11.03
N GLU C 159 -24.99 -14.40 -11.09
CA GLU C 159 -23.83 -15.12 -11.59
C GLU C 159 -23.88 -15.16 -13.12
N GLY C 160 -22.82 -15.64 -13.75
CA GLY C 160 -22.81 -15.67 -15.20
C GLY C 160 -22.07 -14.50 -15.80
N CYS C 161 -21.40 -13.76 -14.94
CA CYS C 161 -20.58 -12.62 -15.34
C CYS C 161 -19.30 -13.10 -16.00
N LEU C 162 -18.66 -12.25 -16.79
CA LEU C 162 -17.40 -12.63 -17.39
C LEU C 162 -16.42 -12.88 -16.26
N PRO C 163 -15.64 -13.97 -16.35
CA PRO C 163 -14.69 -14.38 -15.32
C PRO C 163 -13.58 -13.37 -15.06
N PRO C 164 -13.17 -13.23 -13.80
CA PRO C 164 -12.10 -12.30 -13.43
C PRO C 164 -10.79 -12.68 -14.12
N PHE C 165 -10.48 -13.96 -14.14
CA PHE C 165 -9.26 -14.42 -14.79
C PHE C 165 -9.56 -14.51 -16.28
N PRO C 166 -8.69 -13.94 -17.12
CA PRO C 166 -9.03 -13.95 -18.55
C PRO C 166 -8.94 -15.32 -19.20
N ALA C 167 -8.25 -16.29 -18.59
CA ALA C 167 -8.08 -17.58 -19.24
C ALA C 167 -9.23 -18.52 -18.96
N ASP C 168 -10.23 -18.06 -18.19
CA ASP C 168 -11.37 -18.91 -17.91
C ASP C 168 -12.41 -18.82 -19.02
N VAL C 169 -12.95 -19.96 -19.40
CA VAL C 169 -14.03 -20.07 -20.36
C VAL C 169 -15.33 -20.23 -19.58
N PHE C 170 -16.31 -19.39 -19.86
CA PHE C 170 -17.50 -19.31 -19.03
C PHE C 170 -18.74 -19.69 -19.83
N MET C 171 -19.78 -20.08 -19.11
CA MET C 171 -21.06 -20.49 -19.67
C MET C 171 -22.07 -19.35 -19.53
N ILE C 172 -22.78 -19.08 -20.61
CA ILE C 172 -23.70 -17.94 -20.64
C ILE C 172 -24.95 -18.27 -19.83
N PRO C 173 -25.40 -17.39 -18.95
CA PRO C 173 -26.60 -17.68 -18.15
C PRO C 173 -27.88 -17.58 -18.95
N GLN C 174 -28.85 -18.40 -18.56
CA GLN C 174 -30.16 -18.41 -19.20
C GLN C 174 -30.97 -17.19 -18.80
N TYR C 175 -31.61 -16.56 -19.77
CA TYR C 175 -32.46 -15.42 -19.49
C TYR C 175 -33.79 -15.86 -18.91
N GLY C 176 -34.29 -15.08 -17.95
CA GLY C 176 -35.59 -15.33 -17.37
C GLY C 176 -36.06 -14.08 -16.66
N TYR C 177 -37.36 -13.96 -16.52
CA TYR C 177 -37.94 -12.79 -15.90
C TYR C 177 -39.16 -13.19 -15.09
N LEU C 178 -39.58 -12.28 -14.22
CA LEU C 178 -40.77 -12.46 -13.40
C LEU C 178 -41.77 -11.35 -13.71
N THR C 179 -43.05 -11.70 -13.64
CA THR C 179 -44.12 -10.72 -13.81
C THR C 179 -45.06 -10.82 -12.61
N LEU C 180 -46.16 -10.09 -12.64
CA LEU C 180 -47.07 -10.05 -11.49
C LEU C 180 -47.61 -11.44 -11.16
N ASN C 181 -47.60 -11.77 -9.88
CA ASN C 181 -48.07 -13.08 -9.42
C ASN C 181 -49.16 -12.89 -8.37
N ASP C 182 -50.00 -13.91 -8.26
CA ASP C 182 -50.86 -14.10 -7.10
C ASP C 182 -50.63 -15.52 -6.63
N GLY C 183 -49.98 -15.68 -5.48
CA GLY C 183 -49.44 -16.98 -5.13
C GLY C 183 -48.59 -17.48 -6.29
N SER C 184 -48.84 -18.71 -6.70
CA SER C 184 -48.26 -19.23 -7.93
C SER C 184 -49.01 -18.80 -9.19
N GLN C 185 -50.27 -18.39 -9.05
CA GLN C 185 -51.09 -18.01 -10.18
C GLN C 185 -50.76 -16.59 -10.65
N ALA C 186 -51.07 -16.33 -11.92
CA ALA C 186 -50.88 -15.02 -12.52
C ALA C 186 -52.14 -14.18 -12.37
N VAL C 187 -52.08 -12.95 -12.89
CA VAL C 187 -53.20 -12.04 -12.90
C VAL C 187 -53.36 -11.48 -14.31
N GLY C 188 -54.50 -10.83 -14.54
CA GLY C 188 -54.76 -10.27 -15.84
C GLY C 188 -53.76 -9.21 -16.29
N ARG C 189 -53.06 -8.59 -15.34
CA ARG C 189 -52.09 -7.57 -15.67
C ARG C 189 -50.71 -8.14 -15.99
N SER C 190 -50.47 -9.42 -15.68
CA SER C 190 -49.17 -10.02 -15.95
C SER C 190 -48.86 -9.98 -17.43
N SER C 191 -47.57 -9.80 -17.74
CA SER C 191 -47.10 -9.64 -19.11
C SER C 191 -46.30 -10.86 -19.55
N PHE C 192 -46.36 -11.13 -20.84
CA PHE C 192 -45.57 -12.17 -21.48
C PHE C 192 -44.82 -11.57 -22.65
N TYR C 193 -43.53 -11.85 -22.73
CA TYR C 193 -42.65 -11.27 -23.73
C TYR C 193 -42.05 -12.36 -24.60
N CYS C 194 -42.27 -12.25 -25.91
CA CYS C 194 -41.62 -13.11 -26.89
C CYS C 194 -40.38 -12.40 -27.40
N LEU C 195 -39.21 -12.92 -27.07
CA LEU C 195 -37.97 -12.31 -27.52
C LEU C 195 -37.72 -12.54 -29.00
N GLU C 196 -38.45 -13.48 -29.61
CA GLU C 196 -38.42 -13.62 -31.06
C GLU C 196 -39.09 -12.45 -31.76
N TYR C 197 -39.92 -11.69 -31.05
CA TYR C 197 -40.73 -10.62 -31.60
C TYR C 197 -39.94 -9.34 -31.79
N PHE C 198 -38.70 -9.31 -31.40
CA PHE C 198 -37.69 -8.29 -31.59
C PHE C 198 -36.91 -8.56 -32.87
N PRO C 199 -36.46 -7.51 -33.55
CA PRO C 199 -35.48 -7.70 -34.64
C PRO C 199 -34.12 -8.04 -34.07
N SER C 200 -33.42 -8.95 -34.73
CA SER C 200 -32.14 -9.41 -34.23
C SER C 200 -31.25 -9.83 -35.40
N GLN C 201 -29.95 -9.64 -35.21
CA GLN C 201 -28.97 -10.05 -36.21
C GLN C 201 -28.69 -11.53 -36.05
N MET C 202 -28.42 -12.19 -37.18
CA MET C 202 -28.13 -13.62 -37.22
C MET C 202 -26.71 -13.81 -37.73
N LEU C 203 -25.91 -14.57 -36.99
CA LEU C 203 -24.48 -14.67 -37.24
C LEU C 203 -24.10 -16.11 -37.56
N ARG C 204 -23.41 -16.30 -38.68
CA ARG C 204 -22.74 -17.56 -38.95
C ARG C 204 -21.28 -17.47 -38.55
N THR C 205 -20.50 -18.50 -38.90
CA THR C 205 -19.13 -18.59 -38.43
C THR C 205 -18.24 -17.44 -38.91
N GLY C 206 -18.69 -16.68 -39.90
CA GLY C 206 -17.91 -15.54 -40.36
C GLY C 206 -18.40 -14.18 -39.92
N ASN C 207 -19.64 -14.11 -39.41
CA ASN C 207 -20.22 -12.85 -39.00
C ASN C 207 -19.75 -12.45 -37.60
N ASN C 208 -19.77 -11.14 -37.34
CA ASN C 208 -19.47 -10.59 -36.03
C ASN C 208 -20.54 -9.58 -35.65
N PHE C 209 -20.51 -9.16 -34.39
CA PHE C 209 -21.51 -8.23 -33.85
C PHE C 209 -20.83 -7.24 -32.93
N GLN C 210 -21.18 -5.97 -33.06
CA GLN C 210 -20.61 -4.94 -32.20
C GLN C 210 -21.58 -3.78 -32.07
N PHE C 211 -21.48 -3.06 -30.97
CA PHE C 211 -22.20 -1.82 -30.78
C PHE C 211 -21.47 -0.97 -29.76
N SER C 212 -21.78 0.32 -29.75
CA SER C 212 -21.20 1.25 -28.79
C SER C 212 -22.31 1.82 -27.93
N TYR C 213 -22.01 2.03 -26.65
CA TYR C 213 -22.96 2.56 -25.68
C TYR C 213 -22.33 3.71 -24.90
N GLU C 214 -23.12 4.77 -24.67
CA GLU C 214 -22.69 5.97 -23.97
C GLU C 214 -23.36 5.97 -22.59
N PHE C 215 -22.55 5.83 -21.54
CA PHE C 215 -23.07 5.96 -20.19
C PHE C 215 -23.64 7.36 -19.99
N GLU C 216 -24.84 7.42 -19.42
CA GLU C 216 -25.40 8.71 -19.07
C GLU C 216 -24.68 9.28 -17.85
N ASN C 217 -24.77 10.60 -17.70
CA ASN C 217 -24.00 11.31 -16.69
C ASN C 217 -24.36 10.83 -15.29
N VAL C 218 -23.35 10.41 -14.54
CA VAL C 218 -23.53 9.99 -13.14
C VAL C 218 -22.46 10.67 -12.31
N PRO C 219 -22.67 10.78 -11.01
CA PRO C 219 -21.61 11.32 -10.14
C PRO C 219 -20.49 10.31 -9.96
N PHE C 220 -19.28 10.83 -9.80
CA PHE C 220 -18.14 9.99 -9.49
C PHE C 220 -18.39 9.19 -8.23
N HIS C 221 -18.00 7.92 -8.23
CA HIS C 221 -18.11 7.13 -7.02
C HIS C 221 -17.00 7.69 -6.15
N SER C 222 -17.26 7.88 -4.87
CA SER C 222 -16.24 8.45 -4.00
C SER C 222 -15.32 7.40 -3.40
N SER C 223 -14.15 7.25 -4.01
CA SER C 223 -13.16 6.29 -3.53
C SER C 223 -12.20 6.93 -2.53
N TYR C 224 -12.73 7.33 -1.37
CA TYR C 224 -11.91 7.92 -0.33
C TYR C 224 -12.63 7.84 1.00
N ALA C 225 -11.89 8.02 2.09
CA ALA C 225 -12.48 7.98 3.41
C ALA C 225 -12.22 9.34 4.05
N HIS C 226 -13.23 9.91 4.70
CA HIS C 226 -13.07 11.20 5.34
C HIS C 226 -12.06 11.17 6.47
N SER C 227 -11.25 12.22 6.57
CA SER C 227 -10.24 12.29 7.63
C SER C 227 -10.82 13.00 8.84
N GLN C 228 -12.02 13.54 8.68
CA GLN C 228 -12.76 14.18 9.75
C GLN C 228 -14.09 13.48 9.96
N SER C 229 -14.65 13.66 11.14
CA SER C 229 -15.97 13.16 11.47
C SER C 229 -16.95 14.31 11.51
N LEU C 230 -18.20 14.02 11.16
CA LEU C 230 -19.21 15.06 11.01
C LEU C 230 -19.34 15.92 12.26
N ASP C 231 -19.09 15.33 13.43
CA ASP C 231 -19.27 16.03 14.69
C ASP C 231 -18.02 16.74 15.19
N ARG C 232 -16.85 16.51 14.58
CA ARG C 232 -15.61 17.15 14.96
C ARG C 232 -15.19 18.32 14.06
N LEU C 233 -16.05 18.78 13.15
CA LEU C 233 -15.67 19.77 12.14
C LEU C 233 -15.22 21.11 12.74
N MET C 234 -15.37 21.31 14.04
CA MET C 234 -15.14 22.58 14.70
C MET C 234 -13.66 22.94 14.80
N ASN C 235 -13.40 24.21 15.06
CA ASN C 235 -12.10 24.66 15.51
C ASN C 235 -11.92 24.32 16.98
N PRO C 236 -10.96 23.45 17.33
CA PRO C 236 -10.81 23.04 18.73
C PRO C 236 -10.30 24.13 19.65
N LEU C 237 -9.77 25.22 19.13
CA LEU C 237 -9.15 26.25 19.96
C LEU C 237 -10.10 27.35 20.39
N ILE C 238 -11.29 27.45 19.78
CA ILE C 238 -12.12 28.64 19.92
C ILE C 238 -13.50 28.26 20.42
N ASP C 239 -14.05 29.10 21.30
CA ASP C 239 -15.43 28.96 21.76
C ASP C 239 -16.40 29.34 20.66
N GLN C 240 -17.59 28.76 20.74
CA GLN C 240 -18.73 29.30 20.01
C GLN C 240 -19.27 30.55 20.71
N TYR C 241 -20.06 31.32 19.99
CA TYR C 241 -20.85 32.37 20.63
C TYR C 241 -22.25 31.89 21.00
N LEU C 242 -22.59 30.64 20.71
CA LEU C 242 -23.86 30.07 21.12
C LEU C 242 -23.81 29.57 22.56
N TYR C 243 -24.97 29.56 23.21
CA TYR C 243 -25.12 29.02 24.55
C TYR C 243 -26.05 27.81 24.54
N TYR C 244 -25.83 26.93 25.50
CA TYR C 244 -26.66 25.75 25.71
C TYR C 244 -27.07 25.74 27.18
N LEU C 245 -28.13 25.01 27.50
CA LEU C 245 -28.63 24.95 28.87
C LEU C 245 -27.76 23.97 29.64
N SER C 246 -27.02 24.47 30.63
CA SER C 246 -26.13 23.63 31.43
C SER C 246 -26.82 22.98 32.62
N LYS C 247 -27.62 23.73 33.36
CA LYS C 247 -28.19 23.27 34.63
C LYS C 247 -29.68 23.55 34.68
N THR C 248 -30.46 22.53 34.99
CA THR C 248 -31.87 22.70 35.29
C THR C 248 -32.18 22.71 36.78
N ILE C 249 -31.20 22.49 37.65
CA ILE C 249 -31.38 22.56 39.10
C ILE C 249 -30.13 23.14 39.72
N ASN C 250 -30.30 23.81 40.87
CA ASN C 250 -29.16 24.36 41.59
C ASN C 250 -28.45 23.29 42.41
N GLY C 251 -29.17 22.26 42.82
CA GLY C 251 -28.59 21.22 43.63
C GLY C 251 -29.65 20.27 44.11
N SER C 252 -29.25 19.40 45.03
CA SER C 252 -30.17 18.41 45.58
C SER C 252 -31.10 19.06 46.58
N GLY C 253 -32.39 18.87 46.38
CA GLY C 253 -33.38 19.42 47.29
C GLY C 253 -34.68 19.68 46.57
N GLN C 254 -35.66 20.14 47.35
CA GLN C 254 -36.96 20.49 46.82
C GLN C 254 -36.93 21.89 46.19
N ASN C 255 -37.66 22.04 45.10
CA ASN C 255 -37.85 23.34 44.45
C ASN C 255 -36.52 23.98 44.06
N GLN C 256 -35.65 23.17 43.46
CA GLN C 256 -34.32 23.60 43.07
C GLN C 256 -34.24 24.07 41.62
N GLN C 257 -35.37 24.19 40.92
CA GLN C 257 -35.36 24.53 39.51
C GLN C 257 -34.58 25.81 39.25
N THR C 258 -33.80 25.81 38.17
CA THR C 258 -33.05 26.98 37.74
C THR C 258 -32.74 26.83 36.26
N LEU C 259 -32.33 27.94 35.64
CA LEU C 259 -31.88 27.95 34.25
C LEU C 259 -30.47 28.52 34.23
N LYS C 260 -29.51 27.70 33.80
CA LYS C 260 -28.12 28.10 33.67
C LYS C 260 -27.63 27.77 32.27
N PHE C 261 -26.87 28.67 31.67
CA PHE C 261 -26.45 28.53 30.28
C PHE C 261 -24.93 28.67 30.18
N SER C 262 -24.25 27.57 29.89
CA SER C 262 -22.84 27.62 29.55
C SER C 262 -22.67 27.90 28.06
N VAL C 263 -21.50 28.45 27.72
CA VAL C 263 -21.15 28.57 26.31
C VAL C 263 -20.49 27.28 25.84
N ALA C 264 -20.81 26.90 24.60
CA ALA C 264 -20.26 25.70 24.01
C ALA C 264 -18.84 25.97 23.52
N GLY C 265 -17.92 25.07 23.87
CA GLY C 265 -16.52 25.30 23.62
C GLY C 265 -15.70 24.03 23.54
N PRO C 266 -14.37 24.18 23.52
CA PRO C 266 -13.49 23.00 23.38
C PRO C 266 -13.70 21.95 24.45
N SER C 267 -13.94 22.37 25.69
CA SER C 267 -14.09 21.40 26.78
C SER C 267 -15.29 20.50 26.57
N ASN C 268 -16.42 21.08 26.17
CA ASN C 268 -17.62 20.29 25.86
C ASN C 268 -17.92 20.44 24.37
N MET C 269 -17.59 19.41 23.60
CA MET C 269 -17.82 19.47 22.16
C MET C 269 -19.14 18.81 21.77
N ALA C 270 -19.77 18.10 22.70
CA ALA C 270 -20.98 17.37 22.36
C ALA C 270 -22.18 18.30 22.26
N VAL C 271 -22.13 19.44 22.95
CA VAL C 271 -23.31 20.27 23.10
C VAL C 271 -23.36 21.36 22.01
N GLN C 272 -22.28 21.50 21.24
CA GLN C 272 -22.18 22.62 20.32
C GLN C 272 -23.21 22.54 19.21
N GLY C 273 -23.60 23.71 18.70
CA GLY C 273 -24.47 23.74 17.55
C GLY C 273 -23.74 23.34 16.28
N ARG C 274 -24.43 22.56 15.45
CA ARG C 274 -23.85 22.05 14.22
C ARG C 274 -24.81 22.28 13.06
N ASN C 275 -24.23 22.51 11.89
CA ASN C 275 -24.99 22.79 10.69
C ASN C 275 -25.51 21.53 10.00
N TYR C 276 -24.91 20.38 10.25
CA TYR C 276 -25.26 19.19 9.49
C TYR C 276 -25.25 17.97 10.39
N ILE C 277 -26.08 16.99 10.03
CA ILE C 277 -26.30 15.81 10.84
C ILE C 277 -26.09 14.57 9.98
N PRO C 278 -25.82 13.43 10.59
CA PRO C 278 -25.58 12.22 9.80
C PRO C 278 -26.84 11.70 9.13
N GLY C 279 -26.64 10.82 8.16
CA GLY C 279 -27.69 10.37 7.29
C GLY C 279 -28.68 9.41 7.93
N PRO C 280 -29.59 8.89 7.10
CA PRO C 280 -30.69 8.08 7.64
C PRO C 280 -30.23 6.69 8.05
N SER C 281 -31.04 6.04 8.89
CA SER C 281 -30.69 4.73 9.42
C SER C 281 -31.94 3.86 9.51
N TYR C 282 -31.76 2.58 9.26
CA TYR C 282 -32.78 1.56 9.50
C TYR C 282 -32.06 0.43 10.24
N ARG C 283 -32.35 0.25 11.53
CA ARG C 283 -31.44 -0.53 12.35
C ARG C 283 -31.39 -1.99 11.91
N GLN C 284 -30.18 -2.56 11.97
CA GLN C 284 -29.92 -3.98 11.74
C GLN C 284 -29.53 -4.63 13.06
N GLN C 285 -29.83 -5.91 13.18
CA GLN C 285 -29.37 -6.69 14.31
C GLN C 285 -27.90 -7.05 14.12
N ARG C 286 -27.12 -6.95 15.20
CA ARG C 286 -25.71 -7.25 15.13
C ARG C 286 -25.44 -8.69 15.55
N VAL C 287 -24.53 -9.32 14.82
CA VAL C 287 -24.14 -10.68 15.07
C VAL C 287 -22.63 -10.71 15.26
N SER C 288 -22.18 -11.23 16.39
CA SER C 288 -20.76 -11.33 16.67
C SER C 288 -20.07 -12.45 15.89
N THR C 289 -18.83 -12.22 15.47
CA THR C 289 -18.05 -13.24 14.78
C THR C 289 -17.75 -14.41 15.73
N THR C 290 -17.52 -14.11 17.01
CA THR C 290 -17.29 -15.16 17.98
C THR C 290 -18.69 -15.55 18.41
N VAL C 291 -19.08 -16.76 18.04
CA VAL C 291 -20.43 -17.26 18.27
C VAL C 291 -20.97 -17.37 19.69
N THR C 292 -20.12 -17.66 20.66
CA THR C 292 -20.60 -17.83 22.02
C THR C 292 -21.11 -16.51 22.60
N GLN C 293 -20.88 -15.39 21.91
CA GLN C 293 -21.48 -14.14 22.31
C GLN C 293 -22.90 -14.01 21.77
N ASN C 294 -23.24 -14.83 20.77
CA ASN C 294 -24.55 -14.77 20.16
C ASN C 294 -25.57 -15.54 21.00
N ASN C 295 -26.84 -15.20 20.81
CA ASN C 295 -27.92 -15.84 21.53
C ASN C 295 -28.12 -17.27 21.08
N ASN C 296 -28.51 -18.15 21.99
CA ASN C 296 -28.74 -19.55 21.66
C ASN C 296 -30.17 -19.77 21.14
N SER C 297 -30.47 -19.22 19.97
CA SER C 297 -31.77 -19.33 19.34
C SER C 297 -31.62 -19.03 17.85
N GLU C 298 -32.63 -19.35 17.05
CA GLU C 298 -32.54 -19.08 15.62
C GLU C 298 -33.13 -17.71 15.31
N PHE C 299 -32.26 -16.76 14.97
CA PHE C 299 -32.70 -15.41 14.65
C PHE C 299 -32.34 -14.91 13.25
N ALA C 300 -31.85 -15.77 12.37
CA ALA C 300 -31.49 -15.35 11.02
C ALA C 300 -32.68 -14.70 10.32
N TRP C 301 -33.81 -15.39 10.32
CA TRP C 301 -35.03 -14.82 9.75
C TRP C 301 -35.87 -14.06 10.78
N PRO C 302 -36.15 -14.62 11.97
CA PRO C 302 -37.05 -13.92 12.89
C PRO C 302 -36.51 -12.59 13.42
N GLY C 303 -35.20 -12.46 13.54
CA GLY C 303 -34.65 -11.23 14.09
C GLY C 303 -34.23 -10.22 13.04
N ALA C 304 -34.53 -10.51 11.78
CA ALA C 304 -34.06 -9.67 10.68
C ALA C 304 -34.95 -8.46 10.48
N SER C 305 -34.34 -7.36 10.03
CA SER C 305 -35.10 -6.19 9.59
C SER C 305 -35.59 -6.40 8.17
N SER C 306 -36.87 -6.15 7.95
CA SER C 306 -37.47 -6.45 6.65
C SER C 306 -38.39 -5.31 6.26
N TRP C 307 -38.83 -5.35 5.00
CA TRP C 307 -39.88 -4.49 4.50
C TRP C 307 -40.93 -5.33 3.77
N ALA C 308 -42.19 -4.99 3.99
CA ALA C 308 -43.32 -5.72 3.43
C ALA C 308 -43.89 -4.98 2.22
N LEU C 309 -44.24 -5.75 1.19
CA LEU C 309 -44.81 -5.20 -0.03
C LEU C 309 -45.94 -6.10 -0.48
N ASN C 310 -47.16 -5.56 -0.52
CA ASN C 310 -48.34 -6.30 -0.96
C ASN C 310 -48.52 -7.61 -0.19
N GLY C 311 -48.12 -7.60 1.08
CA GLY C 311 -48.25 -8.76 1.92
C GLY C 311 -47.07 -9.70 1.93
N ARG C 312 -46.03 -9.42 1.14
CA ARG C 312 -44.83 -10.25 1.11
C ARG C 312 -43.67 -9.55 1.81
N ASN C 313 -43.07 -10.25 2.76
CA ASN C 313 -41.94 -9.74 3.52
C ASN C 313 -40.66 -9.95 2.72
N SER C 314 -39.82 -8.94 2.67
CA SER C 314 -38.51 -9.02 2.04
C SER C 314 -37.46 -8.54 3.03
N LEU C 315 -36.42 -9.36 3.22
CA LEU C 315 -35.29 -8.94 4.03
C LEU C 315 -34.73 -7.62 3.53
N MET C 316 -34.27 -6.78 4.45
CA MET C 316 -33.67 -5.51 4.05
C MET C 316 -32.20 -5.80 3.83
N ASN C 317 -31.81 -5.88 2.57
CA ASN C 317 -30.46 -6.29 2.20
C ASN C 317 -29.99 -5.50 1.00
N PRO C 318 -28.76 -4.96 1.05
CA PRO C 318 -27.99 -4.73 2.26
C PRO C 318 -28.61 -3.62 3.12
N GLY C 319 -29.50 -2.83 2.51
CA GLY C 319 -30.16 -1.75 3.20
C GLY C 319 -29.47 -0.42 2.97
N PRO C 320 -29.89 0.62 3.70
CA PRO C 320 -29.20 1.90 3.59
C PRO C 320 -27.74 1.79 3.99
N ALA C 321 -26.94 2.72 3.49
CA ALA C 321 -25.50 2.67 3.74
C ALA C 321 -25.22 3.14 5.15
N MET C 322 -24.65 2.26 5.97
CA MET C 322 -24.38 2.54 7.36
C MET C 322 -23.08 1.85 7.75
N ALA C 323 -22.48 2.33 8.83
CA ALA C 323 -21.26 1.72 9.32
C ALA C 323 -21.55 0.33 9.88
N SER C 324 -20.63 -0.60 9.63
CA SER C 324 -20.84 -1.98 10.04
C SER C 324 -20.74 -2.13 11.55
N HIS C 325 -19.90 -1.33 12.19
CA HIS C 325 -19.71 -1.41 13.62
C HIS C 325 -19.15 -0.10 14.16
N LYS C 326 -19.15 0.03 15.47
CA LYS C 326 -18.59 1.19 16.12
C LYS C 326 -17.09 0.98 16.25
N GLU C 327 -16.35 2.05 16.51
CA GLU C 327 -14.91 1.92 16.64
C GLU C 327 -14.61 1.00 17.81
N GLY C 328 -13.63 0.12 17.64
CA GLY C 328 -13.24 -0.81 18.68
C GLY C 328 -14.07 -2.07 18.77
N GLU C 329 -14.95 -2.29 17.81
CA GLU C 329 -15.77 -3.49 17.82
C GLU C 329 -15.76 -4.15 16.47
N ASP C 330 -14.60 -4.61 16.05
CA ASP C 330 -14.40 -5.23 14.75
C ASP C 330 -15.17 -6.54 14.53
N ARG C 331 -15.36 -7.30 15.60
CA ARG C 331 -16.06 -8.58 15.53
C ARG C 331 -17.51 -8.55 15.06
N PHE C 332 -18.26 -7.53 15.43
CA PHE C 332 -19.68 -7.42 15.06
C PHE C 332 -19.98 -6.95 13.63
N PHE C 333 -21.07 -7.45 13.07
CA PHE C 333 -21.55 -7.08 11.75
C PHE C 333 -23.07 -7.01 11.73
N PRO C 334 -23.64 -6.16 10.87
CA PRO C 334 -25.09 -6.05 10.73
C PRO C 334 -25.61 -7.37 10.19
N LEU C 335 -26.78 -7.82 10.63
CA LEU C 335 -27.25 -9.12 10.18
C LEU C 335 -27.42 -9.21 8.67
N SER C 336 -28.04 -8.22 8.05
CA SER C 336 -28.17 -8.21 6.60
C SER C 336 -27.59 -6.93 6.01
N GLY C 337 -26.95 -6.15 6.86
CA GLY C 337 -26.36 -4.88 6.48
C GLY C 337 -25.22 -4.85 5.49
N SER C 338 -24.31 -5.81 5.58
CA SER C 338 -23.17 -5.83 4.69
C SER C 338 -23.24 -6.86 3.58
N LEU C 339 -22.38 -6.65 2.59
CA LEU C 339 -22.23 -7.57 1.48
C LEU C 339 -21.34 -8.72 1.91
N ILE C 340 -21.78 -9.95 1.65
CA ILE C 340 -21.05 -11.14 2.03
C ILE C 340 -20.77 -11.91 0.75
N PHE C 341 -19.50 -12.01 0.38
CA PHE C 341 -19.12 -12.77 -0.79
C PHE C 341 -18.69 -14.17 -0.40
N GLY C 342 -18.48 -15.01 -1.40
CA GLY C 342 -17.94 -16.34 -1.21
C GLY C 342 -16.45 -16.36 -1.46
N LYS C 343 -15.77 -17.27 -0.78
CA LYS C 343 -14.42 -17.64 -1.19
C LYS C 343 -14.48 -18.66 -2.32
N GLN C 344 -13.39 -18.72 -3.08
CA GLN C 344 -13.31 -19.66 -4.19
C GLN C 344 -13.61 -21.08 -3.72
N GLY C 345 -14.46 -21.77 -4.46
CA GLY C 345 -14.81 -23.14 -4.14
C GLY C 345 -15.72 -23.32 -2.95
N THR C 346 -16.56 -22.33 -2.65
CA THR C 346 -17.44 -22.43 -1.48
C THR C 346 -18.77 -23.06 -1.85
N GLY C 347 -19.27 -23.91 -0.96
CA GLY C 347 -20.54 -24.57 -1.21
C GLY C 347 -21.69 -23.59 -1.29
N ARG C 348 -22.85 -24.10 -1.73
CA ARG C 348 -24.00 -23.25 -1.94
C ARG C 348 -24.78 -22.99 -0.65
N ASP C 349 -24.96 -24.03 0.18
CA ASP C 349 -25.89 -23.97 1.30
C ASP C 349 -25.18 -24.26 2.62
N ASN C 350 -25.46 -23.41 3.63
CA ASN C 350 -25.02 -23.63 5.01
C ASN C 350 -23.51 -23.81 5.11
N VAL C 351 -22.77 -22.88 4.55
CA VAL C 351 -21.31 -22.90 4.65
C VAL C 351 -20.87 -22.27 5.98
N ASP C 352 -19.68 -22.64 6.42
CA ASP C 352 -19.10 -22.09 7.63
C ASP C 352 -18.64 -20.65 7.40
N ALA C 353 -18.44 -19.94 8.52
CA ALA C 353 -18.03 -18.54 8.48
C ALA C 353 -16.68 -18.30 7.82
N ASP C 354 -15.77 -19.27 7.92
CA ASP C 354 -14.46 -19.16 7.28
C ASP C 354 -14.56 -19.12 5.75
N LYS C 355 -15.54 -19.85 5.21
CA LYS C 355 -15.80 -19.92 3.78
C LYS C 355 -16.18 -18.59 3.11
N VAL C 356 -16.93 -17.73 3.81
CA VAL C 356 -17.36 -16.45 3.24
C VAL C 356 -16.51 -15.23 3.65
N MET C 357 -16.69 -14.13 2.93
CA MET C 357 -15.97 -12.89 3.20
C MET C 357 -17.01 -11.80 3.47
N ILE C 358 -17.09 -11.34 4.71
CA ILE C 358 -18.08 -10.36 5.13
C ILE C 358 -17.43 -8.98 5.03
N THR C 359 -17.91 -8.16 4.09
CA THR C 359 -17.27 -6.87 3.85
C THR C 359 -17.46 -5.94 5.03
N ASN C 360 -16.53 -5.01 5.18
CA ASN C 360 -16.56 -4.07 6.28
C ASN C 360 -16.95 -2.71 5.76
N GLU C 361 -17.81 -2.00 6.48
CA GLU C 361 -18.27 -0.68 6.05
C GLU C 361 -17.77 0.43 6.97
N GLU C 362 -16.67 0.17 7.65
CA GLU C 362 -16.11 1.10 8.63
C GLU C 362 -15.69 2.49 8.12
N GLU C 363 -15.27 2.58 6.86
CA GLU C 363 -14.82 3.85 6.32
C GLU C 363 -15.87 4.95 6.32
N ILE C 364 -17.15 4.57 6.38
CA ILE C 364 -18.23 5.55 6.36
C ILE C 364 -18.75 5.94 7.73
N LYS C 365 -18.05 5.52 8.78
CA LYS C 365 -18.44 5.82 10.16
C LYS C 365 -18.40 7.32 10.50
N THR C 366 -17.52 8.07 9.85
CA THR C 366 -17.38 9.49 10.06
C THR C 366 -18.66 10.28 9.76
N THR C 367 -19.40 9.87 8.73
CA THR C 367 -20.63 10.59 8.41
C THR C 367 -21.90 9.76 8.50
N ASN C 368 -21.80 8.45 8.65
CA ASN C 368 -23.04 7.68 8.68
C ASN C 368 -23.20 6.97 10.02
N PRO C 369 -24.45 6.78 10.45
CA PRO C 369 -24.69 6.08 11.71
C PRO C 369 -24.32 4.61 11.62
N VAL C 370 -24.01 4.03 12.78
CA VAL C 370 -23.71 2.61 12.84
C VAL C 370 -24.99 1.83 12.61
N ALA C 371 -24.90 0.80 11.75
CA ALA C 371 -26.08 0.07 11.33
C ALA C 371 -26.79 -0.59 12.50
N THR C 372 -26.06 -0.95 13.55
CA THR C 372 -26.61 -1.69 14.68
C THR C 372 -26.97 -0.79 15.87
N GLU C 373 -26.82 0.52 15.72
CA GLU C 373 -27.11 1.48 16.77
C GLU C 373 -28.34 2.31 16.41
N SER C 374 -29.01 2.79 17.45
CA SER C 374 -30.08 3.75 17.26
C SER C 374 -29.53 5.05 16.71
N TYR C 375 -30.32 5.69 15.85
CA TYR C 375 -29.90 6.98 15.28
C TYR C 375 -29.70 8.01 16.37
N GLY C 376 -30.52 7.97 17.41
CA GLY C 376 -30.42 8.97 18.47
C GLY C 376 -31.59 8.82 19.43
N GLN C 377 -31.89 9.91 20.14
CA GLN C 377 -33.01 9.96 21.06
C GLN C 377 -33.92 11.12 20.71
N VAL C 378 -35.21 10.97 21.03
CA VAL C 378 -36.17 12.05 20.94
C VAL C 378 -36.98 12.09 22.23
N ALA C 379 -37.47 13.28 22.55
CA ALA C 379 -38.35 13.44 23.70
C ALA C 379 -39.71 12.83 23.40
N THR C 380 -40.21 12.00 24.30
CA THR C 380 -41.50 11.34 24.13
C THR C 380 -42.64 12.02 24.89
N ASN C 381 -42.37 13.07 25.65
CA ASN C 381 -43.43 13.69 26.44
C ASN C 381 -43.15 15.18 26.62
N HIS C 382 -44.02 15.82 27.39
CA HIS C 382 -43.79 17.14 27.95
C HIS C 382 -43.40 16.99 29.41
N GLN C 383 -42.25 17.51 29.78
CA GLN C 383 -41.86 17.49 31.18
C GLN C 383 -42.70 18.51 31.95
N SER C 384 -42.77 18.32 33.26
CA SER C 384 -43.46 19.23 34.15
C SER C 384 -43.03 18.91 35.57
N ALA C 385 -43.57 19.67 36.53
CA ALA C 385 -43.29 19.37 37.93
C ALA C 385 -43.79 17.97 38.30
N GLN C 386 -44.82 17.49 37.62
CA GLN C 386 -45.30 16.13 37.86
C GLN C 386 -44.49 15.10 37.09
N ALA C 387 -44.14 15.38 35.84
CA ALA C 387 -43.62 14.36 34.92
C ALA C 387 -42.18 14.66 34.56
N GLN C 388 -41.34 13.64 34.66
CA GLN C 388 -39.95 13.74 34.26
C GLN C 388 -39.81 13.77 32.74
N ALA C 389 -38.65 14.24 32.27
CA ALA C 389 -38.34 14.18 30.86
C ALA C 389 -38.06 12.75 30.42
N GLN C 390 -38.71 12.33 29.35
CA GLN C 390 -38.62 10.97 28.84
C GLN C 390 -38.10 11.01 27.42
N THR C 391 -37.15 10.12 27.10
CA THR C 391 -36.59 10.00 25.77
C THR C 391 -36.72 8.56 25.30
N GLY C 392 -37.12 8.39 24.05
CA GLY C 392 -37.14 7.09 23.39
C GLY C 392 -36.01 6.98 22.39
N TRP C 393 -35.77 5.77 21.89
CA TRP C 393 -34.70 5.55 20.94
C TRP C 393 -35.23 5.58 19.52
N VAL C 394 -34.45 6.13 18.61
CA VAL C 394 -34.82 6.21 17.21
C VAL C 394 -34.21 4.98 16.52
N GLN C 395 -35.09 4.04 16.16
CA GLN C 395 -34.62 2.82 15.51
C GLN C 395 -34.43 3.05 14.02
N ASN C 396 -35.30 3.84 13.42
CA ASN C 396 -35.21 4.21 12.01
C ASN C 396 -35.48 5.70 11.88
N GLN C 397 -34.76 6.37 10.99
CA GLN C 397 -34.92 7.78 10.73
C GLN C 397 -34.88 8.02 9.23
N GLY C 398 -35.91 8.68 8.72
CA GLY C 398 -35.90 9.05 7.32
C GLY C 398 -35.05 10.27 7.07
N ILE C 399 -34.98 10.66 5.80
CA ILE C 399 -34.21 11.83 5.41
C ILE C 399 -34.71 13.06 6.14
N LEU C 400 -33.80 13.84 6.67
CA LEU C 400 -34.07 15.15 7.22
C LEU C 400 -33.28 16.19 6.44
N PRO C 401 -33.83 17.40 6.30
CA PRO C 401 -33.02 18.50 5.75
C PRO C 401 -31.77 18.72 6.60
N GLY C 402 -30.63 18.81 5.93
CA GLY C 402 -29.37 18.94 6.62
C GLY C 402 -28.63 17.65 6.87
N MET C 403 -29.08 16.53 6.31
CA MET C 403 -28.33 15.29 6.37
C MET C 403 -27.30 15.20 5.25
N VAL C 404 -26.17 14.57 5.57
CA VAL C 404 -25.16 14.21 4.59
C VAL C 404 -24.76 12.76 4.86
N TRP C 405 -24.40 12.05 3.80
CA TRP C 405 -24.11 10.63 3.93
C TRP C 405 -23.19 10.18 2.81
N GLN C 406 -22.59 9.01 2.99
CA GLN C 406 -21.78 8.35 1.98
C GLN C 406 -22.54 7.15 1.43
N ASP C 407 -22.46 6.95 0.13
CA ASP C 407 -23.03 5.77 -0.47
C ASP C 407 -22.16 4.56 -0.14
N ARG C 408 -22.76 3.38 -0.29
CA ARG C 408 -22.02 2.15 -0.04
C ARG C 408 -20.85 2.02 -1.00
N ASP C 409 -19.75 1.49 -0.50
CA ASP C 409 -18.53 1.35 -1.28
C ASP C 409 -18.72 0.33 -2.39
N VAL C 410 -17.91 0.44 -3.42
CA VAL C 410 -17.85 -0.55 -4.49
C VAL C 410 -16.63 -1.41 -4.25
N TYR C 411 -16.72 -2.68 -4.64
CA TYR C 411 -15.65 -3.63 -4.43
C TYR C 411 -15.23 -4.22 -5.75
N LEU C 412 -14.05 -4.84 -5.76
CA LEU C 412 -13.57 -5.49 -6.98
C LEU C 412 -14.47 -6.64 -7.40
N GLN C 413 -15.15 -7.27 -6.43
CA GLN C 413 -16.05 -8.37 -6.76
C GLN C 413 -17.48 -7.88 -6.94
N GLY C 414 -17.73 -6.60 -6.74
CA GLY C 414 -19.08 -6.09 -6.63
C GLY C 414 -19.66 -5.63 -7.95
N PRO C 415 -20.94 -5.25 -7.92
CA PRO C 415 -21.60 -4.77 -9.13
C PRO C 415 -21.13 -3.37 -9.50
N ILE C 416 -21.33 -3.01 -10.76
CA ILE C 416 -20.96 -1.68 -11.24
C ILE C 416 -22.19 -0.79 -11.29
N TRP C 417 -23.19 -1.16 -12.08
CA TRP C 417 -24.36 -0.32 -12.28
C TRP C 417 -25.62 -1.09 -11.96
N ALA C 418 -26.71 -0.34 -11.85
CA ALA C 418 -28.06 -0.89 -11.77
C ALA C 418 -28.97 -0.01 -12.62
N LYS C 419 -30.18 -0.51 -12.87
CA LYS C 419 -31.18 0.25 -13.59
C LYS C 419 -32.08 0.97 -12.59
N ILE C 420 -32.18 2.28 -12.71
CA ILE C 420 -33.15 3.01 -11.90
C ILE C 420 -34.55 2.58 -12.30
N PRO C 421 -35.34 1.97 -11.40
CA PRO C 421 -36.68 1.53 -11.78
C PRO C 421 -37.52 2.71 -12.26
N HIS C 422 -38.26 2.50 -13.34
CA HIS C 422 -38.98 3.59 -13.96
C HIS C 422 -40.23 3.89 -13.13
N THR C 423 -40.28 5.07 -12.53
CA THR C 423 -41.28 5.41 -11.53
C THR C 423 -41.54 6.90 -11.57
N ASP C 424 -42.62 7.31 -10.92
CA ASP C 424 -42.94 8.73 -10.84
C ASP C 424 -41.91 9.48 -9.99
N GLY C 425 -41.38 8.83 -8.97
CA GLY C 425 -40.41 9.49 -8.10
C GLY C 425 -39.44 8.52 -7.46
N ASN C 426 -38.29 9.07 -7.09
CA ASN C 426 -37.28 8.34 -6.35
C ASN C 426 -36.43 9.35 -5.59
N PHE C 427 -35.67 8.87 -4.62
CA PHE C 427 -34.74 9.72 -3.90
C PHE C 427 -33.37 9.07 -3.87
N HIS C 428 -32.36 9.82 -4.30
CA HIS C 428 -30.97 9.40 -4.32
C HIS C 428 -30.87 8.03 -4.97
N PRO C 429 -31.07 7.97 -6.29
CA PRO C 429 -31.22 6.67 -6.97
C PRO C 429 -30.05 5.72 -6.85
N SER C 430 -28.92 6.18 -6.31
CA SER C 430 -27.73 5.34 -6.21
C SER C 430 -28.08 3.98 -5.60
N PRO C 431 -27.75 2.87 -6.27
CA PRO C 431 -28.24 1.57 -5.84
C PRO C 431 -27.67 1.16 -4.50
N LEU C 432 -28.49 0.40 -3.74
CA LEU C 432 -28.14 0.10 -2.36
C LEU C 432 -27.05 -0.95 -2.25
N MET C 433 -26.86 -1.79 -3.26
CA MET C 433 -25.74 -2.73 -3.24
C MET C 433 -24.44 -2.08 -3.71
N GLY C 434 -24.46 -0.79 -4.02
CA GLY C 434 -23.28 -0.08 -4.47
C GLY C 434 -23.27 0.12 -5.97
N GLY C 435 -22.43 1.05 -6.41
CA GLY C 435 -22.28 1.32 -7.81
C GLY C 435 -23.05 2.54 -8.30
N PHE C 436 -23.25 2.58 -9.61
CA PHE C 436 -23.79 3.73 -10.31
C PHE C 436 -25.21 3.45 -10.74
N GLY C 437 -26.16 4.25 -10.23
CA GLY C 437 -27.54 4.13 -10.68
C GLY C 437 -27.78 4.88 -11.97
N MET C 438 -28.59 4.28 -12.84
CA MET C 438 -28.81 4.82 -14.18
C MET C 438 -30.23 4.56 -14.63
N LYS C 439 -30.84 5.56 -15.27
CA LYS C 439 -32.14 5.36 -15.90
C LYS C 439 -32.05 4.55 -17.17
N HIS C 440 -30.97 4.72 -17.94
CA HIS C 440 -30.70 3.91 -19.11
C HIS C 440 -29.35 3.25 -18.92
N PRO C 441 -29.31 2.12 -18.22
CA PRO C 441 -28.05 1.42 -18.01
C PRO C 441 -27.57 0.79 -19.31
N PRO C 442 -26.41 0.15 -19.31
CA PRO C 442 -26.02 -0.64 -20.48
C PRO C 442 -27.10 -1.64 -20.82
N PRO C 443 -27.52 -1.70 -22.07
CA PRO C 443 -28.68 -2.52 -22.44
C PRO C 443 -28.36 -4.00 -22.33
N GLN C 444 -29.38 -4.77 -21.96
CA GLN C 444 -29.26 -6.22 -21.97
C GLN C 444 -28.89 -6.70 -23.36
N ILE C 445 -28.10 -7.76 -23.42
CA ILE C 445 -27.64 -8.34 -24.68
C ILE C 445 -28.11 -9.79 -24.69
N LEU C 446 -29.02 -10.11 -25.60
CA LEU C 446 -29.66 -11.41 -25.63
C LEU C 446 -29.09 -12.26 -26.76
N ILE C 447 -28.97 -13.56 -26.52
CA ILE C 447 -28.39 -14.47 -27.49
C ILE C 447 -29.03 -15.83 -27.34
N LYS C 448 -29.25 -16.51 -28.47
CA LYS C 448 -29.74 -17.88 -28.47
C LYS C 448 -29.18 -18.59 -29.69
N ASN C 449 -29.29 -19.91 -29.67
CA ASN C 449 -28.98 -20.72 -30.84
C ASN C 449 -30.22 -20.86 -31.71
N THR C 450 -30.11 -20.45 -32.97
CA THR C 450 -31.22 -20.61 -33.89
C THR C 450 -31.50 -22.09 -34.09
N PRO C 451 -32.73 -22.56 -33.86
CA PRO C 451 -32.98 -24.00 -33.89
C PRO C 451 -32.82 -24.58 -35.29
N VAL C 452 -32.24 -25.77 -35.34
CA VAL C 452 -32.14 -26.53 -36.58
C VAL C 452 -33.02 -27.77 -36.43
N PRO C 453 -34.15 -27.85 -37.12
CA PRO C 453 -35.04 -29.01 -36.94
C PRO C 453 -34.44 -30.27 -37.53
N ALA C 454 -34.63 -31.38 -36.82
CA ALA C 454 -34.16 -32.67 -37.27
C ALA C 454 -35.12 -33.28 -38.27
N SER C 467 -38.44 -31.94 -32.02
CA SER C 467 -37.33 -32.71 -32.54
C SER C 467 -36.33 -31.81 -33.28
N PHE C 468 -35.16 -31.63 -32.68
CA PHE C 468 -34.13 -30.76 -33.24
C PHE C 468 -32.79 -31.45 -33.14
N ILE C 469 -31.80 -30.90 -33.84
CA ILE C 469 -30.43 -31.36 -33.75
C ILE C 469 -29.79 -30.75 -32.50
N THR C 470 -29.24 -31.60 -31.64
CA THR C 470 -28.58 -31.13 -30.43
C THR C 470 -27.38 -30.25 -30.80
N GLN C 471 -27.34 -29.05 -30.24
CA GLN C 471 -26.50 -28.02 -30.83
C GLN C 471 -26.07 -27.03 -29.76
N TYR C 472 -24.86 -26.48 -29.91
CA TYR C 472 -24.39 -25.41 -29.06
C TYR C 472 -23.42 -24.55 -29.85
N SER C 473 -23.14 -23.35 -29.36
CA SER C 473 -22.21 -22.46 -30.02
C SER C 473 -21.10 -22.04 -29.06
N THR C 474 -19.98 -21.62 -29.62
CA THR C 474 -18.83 -21.16 -28.84
C THR C 474 -18.39 -19.85 -29.44
N GLY C 475 -17.90 -18.92 -28.62
CA GLY C 475 -17.50 -17.62 -29.12
C GLY C 475 -16.54 -16.79 -28.29
N GLN C 476 -16.11 -15.68 -28.87
CA GLN C 476 -15.22 -14.73 -28.21
C GLN C 476 -16.01 -13.46 -27.97
N VAL C 477 -15.98 -12.96 -26.74
CA VAL C 477 -16.68 -11.72 -26.42
C VAL C 477 -15.72 -10.69 -25.85
N SER C 478 -15.75 -9.47 -26.37
CA SER C 478 -14.87 -8.43 -25.86
C SER C 478 -15.65 -7.20 -25.46
N VAL C 479 -15.36 -6.66 -24.28
CA VAL C 479 -16.02 -5.46 -23.80
C VAL C 479 -14.99 -4.42 -23.40
N GLU C 480 -15.15 -3.18 -23.87
CA GLU C 480 -14.21 -2.11 -23.54
C GLU C 480 -14.94 -0.97 -22.86
N ILE C 481 -14.41 -0.51 -21.73
CA ILE C 481 -15.05 0.58 -20.99
C ILE C 481 -14.12 1.75 -20.72
N GLU C 482 -14.57 2.96 -21.00
CA GLU C 482 -13.76 4.13 -20.71
C GLU C 482 -14.17 4.69 -19.35
N TRP C 483 -13.18 4.92 -18.49
CA TRP C 483 -13.41 5.38 -17.13
C TRP C 483 -12.81 6.77 -16.98
N GLU C 484 -13.51 7.64 -16.26
CA GLU C 484 -13.01 8.97 -15.97
C GLU C 484 -12.48 8.99 -14.54
N LEU C 485 -11.35 9.65 -14.33
CA LEU C 485 -10.67 9.66 -13.04
C LEU C 485 -10.78 11.03 -12.39
N GLN C 486 -10.78 11.03 -11.07
CA GLN C 486 -10.70 12.26 -10.29
C GLN C 486 -9.46 12.17 -9.40
N LYS C 487 -8.46 13.00 -9.70
CA LYS C 487 -7.21 13.01 -8.97
C LYS C 487 -7.34 13.79 -7.67
N GLU C 488 -6.44 13.51 -6.73
CA GLU C 488 -6.35 14.25 -5.49
C GLU C 488 -5.29 15.35 -5.60
N ASN C 489 -5.65 16.55 -5.17
CA ASN C 489 -4.74 17.66 -4.98
C ASN C 489 -4.29 17.80 -3.52
N SER C 490 -4.61 16.81 -2.69
CA SER C 490 -4.54 16.94 -1.24
C SER C 490 -3.21 17.45 -0.72
N LYS C 491 -3.28 18.26 0.33
CA LYS C 491 -2.13 18.87 1.00
C LYS C 491 -1.70 18.10 2.25
N ARG C 492 -2.28 16.95 2.53
CA ARG C 492 -1.93 16.17 3.71
C ARG C 492 -0.42 15.95 3.81
N TRP C 493 0.13 16.20 5.00
CA TRP C 493 1.57 16.14 5.15
C TRP C 493 2.06 14.71 5.33
N ASN C 494 1.39 13.92 6.17
CA ASN C 494 1.83 12.58 6.45
C ASN C 494 1.35 11.60 5.39
N PRO C 495 1.99 10.43 5.28
CA PRO C 495 1.61 9.48 4.24
C PRO C 495 0.23 8.85 4.46
N GLU C 496 -0.37 8.40 3.36
CA GLU C 496 -1.72 7.84 3.34
C GLU C 496 -1.73 6.39 3.78
N ILE C 497 -2.94 5.84 3.81
CA ILE C 497 -3.16 4.40 3.88
C ILE C 497 -3.34 3.90 2.46
N GLN C 498 -2.63 2.85 2.08
CA GLN C 498 -2.71 2.34 0.72
C GLN C 498 -3.00 0.86 0.69
N TYR C 499 -3.55 0.36 -0.41
CA TYR C 499 -3.77 -1.06 -0.49
C TYR C 499 -2.46 -1.67 -0.92
N THR C 500 -1.98 -2.64 -0.16
CA THR C 500 -0.72 -3.26 -0.49
C THR C 500 -0.71 -4.76 -0.27
N SER C 501 0.03 -5.48 -1.10
CA SER C 501 0.19 -6.92 -0.92
C SER C 501 1.12 -7.07 0.26
N ASN C 502 0.85 -8.02 1.13
CA ASN C 502 1.71 -8.24 2.28
C ASN C 502 3.00 -8.89 1.82
N TYR C 503 4.14 -8.49 2.37
CA TYR C 503 5.37 -9.15 1.98
C TYR C 503 5.75 -10.17 3.03
N TYR C 504 5.45 -11.43 2.74
CA TYR C 504 5.75 -12.52 3.64
C TYR C 504 5.74 -13.79 2.80
N LYS C 505 6.45 -14.82 3.23
CA LYS C 505 6.43 -16.06 2.48
C LYS C 505 5.05 -16.68 2.61
N SER C 506 4.62 -17.32 1.54
CA SER C 506 3.30 -17.94 1.50
C SER C 506 3.32 -19.04 0.45
N ASN C 507 2.45 -20.05 0.65
CA ASN C 507 2.37 -21.14 -0.31
C ASN C 507 1.94 -20.65 -1.68
N ASN C 508 1.10 -19.63 -1.72
CA ASN C 508 0.62 -19.05 -2.97
C ASN C 508 0.77 -17.53 -2.87
N VAL C 509 0.63 -16.87 -3.99
CA VAL C 509 0.54 -15.42 -3.96
C VAL C 509 -0.91 -15.01 -4.22
N GLU C 510 -1.33 -13.93 -3.56
CA GLU C 510 -2.72 -13.49 -3.66
C GLU C 510 -3.05 -13.12 -5.09
N PHE C 511 -4.27 -13.45 -5.51
CA PHE C 511 -4.78 -13.15 -6.84
C PHE C 511 -3.92 -13.82 -7.92
N ALA C 512 -3.74 -15.13 -7.76
CA ALA C 512 -3.04 -15.93 -8.74
C ALA C 512 -3.55 -17.36 -8.65
N VAL C 513 -3.24 -18.14 -9.69
CA VAL C 513 -3.68 -19.53 -9.71
C VAL C 513 -2.84 -20.37 -8.75
N ASN C 514 -3.42 -21.47 -8.28
CA ASN C 514 -2.72 -22.40 -7.41
C ASN C 514 -2.09 -23.50 -8.24
N THR C 515 -1.60 -24.55 -7.59
CA THR C 515 -0.91 -25.62 -8.31
C THR C 515 -1.85 -26.35 -9.26
N GLU C 516 -3.14 -26.37 -8.95
CA GLU C 516 -4.10 -27.07 -9.78
C GLU C 516 -4.73 -26.17 -10.84
N GLY C 517 -4.32 -24.91 -10.91
CA GLY C 517 -4.80 -24.01 -11.94
C GLY C 517 -6.06 -23.25 -11.60
N VAL C 518 -6.40 -23.13 -10.33
CA VAL C 518 -7.64 -22.49 -9.92
C VAL C 518 -7.34 -21.07 -9.45
N TYR C 519 -7.78 -20.09 -10.21
CA TYR C 519 -7.65 -18.69 -9.85
C TYR C 519 -8.59 -18.40 -8.70
N SER C 520 -8.16 -17.55 -7.78
CA SER C 520 -8.98 -17.22 -6.61
C SER C 520 -8.71 -15.79 -6.21
N GLU C 521 -9.76 -15.17 -5.65
CA GLU C 521 -9.66 -13.84 -5.07
C GLU C 521 -9.67 -13.97 -3.57
N PRO C 522 -8.54 -13.81 -2.89
CA PRO C 522 -8.50 -14.15 -1.45
C PRO C 522 -9.26 -13.19 -0.56
N ARG C 523 -9.46 -11.96 -1.01
CA ARG C 523 -10.06 -10.93 -0.18
C ARG C 523 -10.87 -9.99 -1.05
N PRO C 524 -11.92 -9.38 -0.49
CA PRO C 524 -12.54 -8.24 -1.17
C PRO C 524 -11.68 -7.01 -0.99
N ILE C 525 -11.63 -6.18 -2.02
CA ILE C 525 -10.83 -4.96 -1.98
C ILE C 525 -11.79 -3.78 -2.09
N GLY C 526 -11.89 -3.01 -1.02
CA GLY C 526 -12.67 -1.79 -1.07
C GLY C 526 -12.00 -0.74 -1.92
N THR C 527 -12.74 0.32 -2.17
CA THR C 527 -12.23 1.42 -2.98
C THR C 527 -11.74 2.60 -2.14
N ARG C 528 -11.89 2.57 -0.82
CA ARG C 528 -11.64 3.77 -0.01
C ARG C 528 -10.35 3.59 0.79
N TYR C 529 -9.32 4.32 0.38
CA TYR C 529 -8.01 4.32 1.03
C TYR C 529 -7.55 5.75 1.27
N LEU C 530 -7.46 6.54 0.20
CA LEU C 530 -7.11 7.94 0.30
C LEU C 530 -8.11 8.69 1.17
N THR C 531 -7.69 9.85 1.66
CA THR C 531 -8.51 10.61 2.59
C THR C 531 -8.84 11.99 2.01
N ARG C 532 -9.95 12.55 2.49
CA ARG C 532 -10.33 13.91 2.21
C ARG C 532 -10.77 14.59 3.50
N ASN C 533 -10.82 15.92 3.45
CA ASN C 533 -11.45 16.69 4.50
C ASN C 533 -12.96 16.65 4.34
N LEU C 534 -13.65 16.74 5.46
CA LEU C 534 -15.10 16.65 5.48
C LEU C 534 -15.73 18.03 5.26
N THR D 39 20.39 -14.54 -44.56
CA THR D 39 19.98 -15.91 -44.27
C THR D 39 18.47 -15.98 -44.07
N THR D 40 17.86 -17.07 -44.53
CA THR D 40 16.43 -17.29 -44.38
C THR D 40 16.20 -18.75 -44.04
N SER D 41 15.38 -19.00 -43.02
CA SER D 41 15.06 -20.36 -42.59
C SER D 41 13.55 -20.54 -42.54
N THR D 42 13.10 -21.74 -42.86
CA THR D 42 11.69 -22.08 -42.83
C THR D 42 11.52 -23.48 -42.26
N ARG D 43 10.59 -23.63 -41.32
CA ARG D 43 10.38 -24.91 -40.65
C ARG D 43 8.89 -25.16 -40.51
N THR D 44 8.55 -26.40 -40.13
CA THR D 44 7.19 -26.81 -39.83
C THR D 44 7.09 -27.14 -38.35
N TRP D 45 6.07 -26.59 -37.69
CA TRP D 45 5.90 -26.73 -36.26
C TRP D 45 4.57 -27.41 -35.95
N ALA D 46 4.46 -27.94 -34.74
CA ALA D 46 3.22 -28.43 -34.18
C ALA D 46 3.07 -27.88 -32.77
N LEU D 47 1.90 -27.36 -32.46
CA LEU D 47 1.62 -26.81 -31.13
C LEU D 47 0.55 -27.64 -30.44
N PRO D 48 0.87 -28.30 -29.34
CA PRO D 48 -0.18 -29.02 -28.60
C PRO D 48 -0.92 -28.12 -27.63
N THR D 49 -1.76 -28.71 -26.78
CA THR D 49 -2.49 -27.94 -25.78
C THR D 49 -1.82 -28.14 -24.45
N TYR D 50 -0.92 -27.23 -24.10
CA TYR D 50 -0.21 -27.34 -22.85
C TYR D 50 -1.09 -27.11 -21.63
N ASN D 51 -0.84 -27.90 -20.60
CA ASN D 51 -1.47 -27.76 -19.31
C ASN D 51 -3.00 -27.70 -19.30
N ASN D 52 -3.66 -28.38 -20.23
CA ASN D 52 -5.13 -28.38 -20.27
C ASN D 52 -5.74 -26.98 -20.24
N HIS D 53 -5.18 -26.06 -21.05
CA HIS D 53 -5.59 -24.66 -21.10
C HIS D 53 -5.54 -24.00 -19.73
N LEU D 54 -4.53 -24.35 -18.92
CA LEU D 54 -4.44 -23.79 -17.56
C LEU D 54 -3.10 -23.20 -17.14
N TYR D 55 -3.16 -22.23 -16.23
CA TYR D 55 -1.97 -21.63 -15.66
C TYR D 55 -1.82 -22.39 -14.37
N LYS D 56 -0.63 -22.89 -14.07
CA LYS D 56 -0.44 -23.68 -12.86
C LYS D 56 0.83 -23.27 -12.14
N GLN D 57 0.69 -23.07 -10.82
CA GLN D 57 1.83 -22.85 -9.95
C GLN D 57 2.74 -24.08 -9.92
N ILE D 58 4.04 -23.85 -10.03
CA ILE D 58 5.05 -24.89 -9.96
C ILE D 58 6.11 -24.40 -8.98
N SER D 59 6.68 -25.32 -8.20
CA SER D 59 7.69 -24.93 -7.24
C SER D 59 8.63 -26.09 -6.93
N ASN D 60 9.46 -25.87 -5.91
CA ASN D 60 10.41 -26.88 -5.46
C ASN D 60 9.70 -28.14 -4.98
N SER D 61 8.60 -28.00 -4.26
CA SER D 61 7.94 -29.16 -3.66
C SER D 61 7.10 -29.92 -4.68
N THR D 62 6.88 -29.34 -5.86
CA THR D 62 6.20 -30.07 -6.92
C THR D 62 7.12 -31.07 -7.59
N SER D 63 8.41 -30.72 -7.70
CA SER D 63 9.36 -31.60 -8.39
C SER D 63 10.07 -32.52 -7.40
N GLY D 64 9.71 -32.45 -6.12
CA GLY D 64 10.33 -33.25 -5.10
C GLY D 64 11.46 -32.54 -4.38
N GLY D 65 12.09 -31.58 -5.07
CA GLY D 65 12.96 -30.60 -4.43
C GLY D 65 14.04 -31.16 -3.53
N SER D 66 14.02 -30.64 -2.30
CA SER D 66 14.85 -31.00 -1.13
C SER D 66 16.21 -30.32 -1.11
N SER D 67 16.58 -29.54 -2.11
CA SER D 67 17.87 -28.85 -2.12
C SER D 67 17.63 -27.35 -2.17
N ASN D 68 18.27 -26.61 -1.27
CA ASN D 68 18.08 -25.16 -1.22
C ASN D 68 18.65 -24.48 -2.45
N ASP D 69 19.80 -24.95 -2.93
CA ASP D 69 20.37 -24.39 -4.15
C ASP D 69 19.44 -24.58 -5.33
N ASN D 70 18.68 -25.67 -5.34
CA ASN D 70 17.82 -26.01 -6.46
C ASN D 70 16.37 -25.60 -6.25
N ALA D 71 16.04 -24.96 -5.13
CA ALA D 71 14.65 -24.57 -4.89
C ALA D 71 14.24 -23.42 -5.80
N TYR D 72 12.96 -23.40 -6.16
CA TYR D 72 12.46 -22.41 -7.10
C TYR D 72 10.96 -22.25 -6.90
N PHE D 73 10.42 -21.16 -7.45
CA PHE D 73 8.99 -20.92 -7.47
C PHE D 73 8.63 -20.23 -8.77
N GLY D 74 7.51 -20.61 -9.36
CA GLY D 74 7.11 -20.00 -10.61
C GLY D 74 5.80 -20.55 -11.11
N TYR D 75 5.55 -20.32 -12.40
CA TYR D 75 4.30 -20.69 -13.03
C TYR D 75 4.56 -21.32 -14.39
N SER D 76 3.66 -22.23 -14.78
CA SER D 76 3.63 -22.78 -16.13
C SER D 76 2.36 -22.30 -16.82
N THR D 77 2.49 -21.94 -18.09
CA THR D 77 1.42 -21.34 -18.86
C THR D 77 1.00 -22.28 -19.98
N PRO D 78 -0.24 -22.18 -20.45
CA PRO D 78 -0.63 -22.95 -21.65
C PRO D 78 0.05 -22.49 -22.92
N TRP D 79 0.66 -21.33 -22.92
CA TRP D 79 1.28 -20.76 -24.11
C TRP D 79 2.58 -21.49 -24.47
N GLY D 80 2.87 -21.52 -25.77
CA GLY D 80 4.18 -21.90 -26.27
C GLY D 80 4.92 -20.68 -26.80
N TYR D 81 6.16 -20.89 -27.22
CA TYR D 81 6.94 -19.79 -27.75
C TYR D 81 7.93 -20.30 -28.78
N PHE D 82 8.26 -19.44 -29.74
CA PHE D 82 9.23 -19.74 -30.78
C PHE D 82 10.62 -19.31 -30.35
N ASP D 83 11.57 -20.24 -30.42
CA ASP D 83 12.94 -19.99 -30.04
C ASP D 83 13.91 -20.26 -31.19
N PHE D 84 14.39 -19.20 -31.82
CA PHE D 84 15.34 -19.30 -32.93
C PHE D 84 16.67 -18.66 -32.54
N ASN D 85 16.95 -18.65 -31.24
CA ASN D 85 18.14 -18.04 -30.67
C ASN D 85 19.47 -18.65 -31.16
N ARG D 86 19.52 -19.97 -31.28
CA ARG D 86 20.74 -20.65 -31.72
C ARG D 86 21.12 -20.37 -33.17
N PHE D 87 22.42 -20.36 -33.45
CA PHE D 87 22.93 -20.08 -34.79
C PHE D 87 22.53 -21.08 -35.88
N HIS D 88 22.61 -22.37 -35.58
CA HIS D 88 22.27 -23.37 -36.58
C HIS D 88 20.89 -23.20 -37.26
N CYS D 89 19.97 -22.49 -36.62
CA CYS D 89 18.65 -22.23 -37.18
C CYS D 89 18.75 -21.44 -38.49
N HIS D 90 19.67 -20.49 -38.55
CA HIS D 90 19.83 -19.65 -39.73
C HIS D 90 21.07 -19.93 -40.59
N PHE D 91 21.90 -20.89 -40.21
CA PHE D 91 23.10 -21.15 -41.01
C PHE D 91 23.26 -22.64 -41.26
N SER D 92 23.44 -22.99 -42.54
CA SER D 92 23.95 -24.29 -42.91
C SER D 92 25.47 -24.30 -42.74
N PRO D 93 26.07 -25.49 -42.56
CA PRO D 93 27.51 -25.57 -42.31
C PRO D 93 28.39 -25.02 -43.44
N GLY D 105 34.52 -10.90 -38.24
CA GLY D 105 33.55 -10.01 -37.65
C GLY D 105 32.18 -10.07 -38.27
N PHE D 106 31.15 -10.18 -37.44
CA PHE D 106 29.77 -10.21 -37.91
C PHE D 106 28.86 -9.79 -36.77
N ARG D 107 27.61 -9.48 -37.12
CA ARG D 107 26.61 -9.02 -36.17
C ARG D 107 25.25 -8.88 -36.84
N PRO D 108 24.16 -9.16 -36.13
CA PRO D 108 22.83 -9.08 -36.74
C PRO D 108 22.39 -7.64 -36.92
N LYS D 109 21.53 -7.43 -37.92
CA LYS D 109 21.02 -6.11 -38.26
C LYS D 109 19.51 -6.05 -38.23
N ARG D 110 18.83 -6.79 -39.11
CA ARG D 110 17.38 -6.77 -39.21
C ARG D 110 16.83 -8.15 -38.94
N LEU D 111 15.54 -8.19 -38.63
CA LEU D 111 14.82 -9.42 -38.34
C LEU D 111 13.46 -9.34 -39.01
N ASN D 112 13.07 -10.44 -39.66
CA ASN D 112 11.73 -10.55 -40.23
C ASN D 112 11.19 -11.92 -39.88
N PHE D 113 9.94 -11.97 -39.44
CA PHE D 113 9.33 -13.18 -38.91
C PHE D 113 7.96 -13.35 -39.54
N LYS D 114 7.65 -14.57 -39.96
CA LYS D 114 6.36 -14.85 -40.54
C LYS D 114 5.78 -16.14 -40.02
N LEU D 115 4.47 -16.14 -39.84
CA LEU D 115 3.73 -17.30 -39.36
C LEU D 115 2.51 -17.44 -40.25
N PHE D 116 2.39 -18.57 -40.95
CA PHE D 116 1.39 -18.71 -41.98
C PHE D 116 1.03 -20.19 -42.15
N ASN D 117 0.08 -20.45 -43.04
CA ASN D 117 -0.40 -21.79 -43.33
C ASN D 117 -0.81 -22.53 -42.07
N ILE D 118 -1.71 -21.90 -41.31
CA ILE D 118 -2.15 -22.44 -40.04
C ILE D 118 -3.15 -23.56 -40.28
N GLN D 119 -2.96 -24.68 -39.57
CA GLN D 119 -3.87 -25.82 -39.66
C GLN D 119 -4.22 -26.29 -38.26
N VAL D 120 -5.49 -26.19 -37.89
CA VAL D 120 -5.98 -26.63 -36.60
C VAL D 120 -6.64 -27.99 -36.78
N LYS D 121 -6.33 -28.92 -35.88
CA LYS D 121 -6.84 -30.28 -35.95
C LYS D 121 -7.64 -30.59 -34.70
N GLU D 122 -8.52 -31.58 -34.78
CA GLU D 122 -9.24 -32.08 -33.63
C GLU D 122 -9.10 -33.60 -33.55
N VAL D 123 -8.53 -34.06 -32.44
CA VAL D 123 -8.31 -35.47 -32.23
C VAL D 123 -9.40 -36.06 -31.36
N THR D 124 -10.21 -36.94 -31.94
CA THR D 124 -11.27 -37.57 -31.20
C THR D 124 -10.93 -39.04 -31.04
N ASP D 125 -10.92 -39.51 -29.80
CA ASP D 125 -10.61 -40.91 -29.57
C ASP D 125 -11.89 -41.64 -29.20
N ASN D 126 -12.29 -42.55 -30.07
CA ASN D 126 -13.49 -43.34 -29.85
C ASN D 126 -13.07 -44.78 -29.85
N ASN D 127 -13.38 -45.50 -28.78
CA ASN D 127 -13.03 -46.92 -28.64
C ASN D 127 -11.56 -47.21 -28.96
N GLY D 128 -11.31 -48.22 -29.78
CA GLY D 128 -9.96 -48.60 -30.15
C GLY D 128 -9.11 -47.61 -30.95
N VAL D 129 -9.72 -46.93 -31.92
CA VAL D 129 -8.96 -46.02 -32.78
C VAL D 129 -9.38 -44.55 -32.80
N LYS D 130 -8.40 -43.67 -32.62
CA LYS D 130 -8.61 -42.22 -32.66
C LYS D 130 -8.71 -41.70 -34.08
N THR D 131 -9.42 -40.60 -34.27
CA THR D 131 -9.58 -39.99 -35.58
C THR D 131 -9.15 -38.52 -35.58
N ILE D 132 -8.33 -38.12 -36.56
CA ILE D 132 -7.87 -36.75 -36.68
C ILE D 132 -8.55 -36.04 -37.85
N ALA D 133 -9.32 -35.01 -37.57
CA ALA D 133 -10.02 -34.27 -38.61
C ALA D 133 -9.74 -32.78 -38.47
N ASN D 134 -9.87 -32.07 -39.59
CA ASN D 134 -9.65 -30.64 -39.60
C ASN D 134 -10.75 -29.91 -38.84
N ASN D 135 -10.36 -28.85 -38.14
CA ASN D 135 -11.30 -27.93 -37.53
C ASN D 135 -11.13 -26.60 -38.23
N LEU D 136 -12.11 -26.22 -39.04
CA LEU D 136 -11.99 -25.04 -39.89
C LEU D 136 -12.22 -23.74 -39.15
N THR D 137 -13.08 -23.74 -38.14
CA THR D 137 -13.51 -22.51 -37.48
C THR D 137 -12.69 -22.16 -36.25
N SER D 138 -11.74 -23.01 -35.84
CA SER D 138 -10.92 -22.72 -34.69
C SER D 138 -9.87 -21.66 -35.01
N THR D 139 -9.34 -21.03 -33.96
CA THR D 139 -8.37 -19.96 -34.09
C THR D 139 -7.10 -20.28 -33.31
N VAL D 140 -6.04 -19.57 -33.64
CA VAL D 140 -4.76 -19.65 -32.94
C VAL D 140 -4.35 -18.23 -32.55
N GLN D 141 -3.90 -18.06 -31.32
CA GLN D 141 -3.46 -16.77 -30.81
C GLN D 141 -1.94 -16.67 -30.83
N VAL D 142 -1.43 -15.54 -31.31
CA VAL D 142 0.00 -15.27 -31.31
C VAL D 142 0.20 -13.78 -31.08
N PHE D 143 1.21 -13.44 -30.27
CA PHE D 143 1.55 -12.05 -30.05
C PHE D 143 3.03 -11.96 -29.71
N THR D 144 3.61 -10.80 -30.02
CA THR D 144 4.97 -10.50 -29.61
C THR D 144 4.92 -9.59 -28.38
N ASP D 145 5.88 -9.79 -27.48
CA ASP D 145 6.04 -8.88 -26.36
C ASP D 145 7.17 -7.95 -26.77
N SER D 146 6.80 -6.74 -27.21
CA SER D 146 7.78 -5.77 -27.67
C SER D 146 8.11 -4.73 -26.62
N ASP D 147 7.41 -4.74 -25.49
CA ASP D 147 7.75 -3.91 -24.35
C ASP D 147 8.56 -4.65 -23.31
N TYR D 148 8.87 -5.93 -23.58
CA TYR D 148 9.68 -6.75 -22.68
C TYR D 148 9.06 -6.81 -21.30
N GLN D 149 7.74 -6.94 -21.27
CA GLN D 149 6.96 -6.96 -20.04
C GLN D 149 6.87 -8.35 -19.42
N LEU D 150 7.16 -9.39 -20.17
CA LEU D 150 7.18 -10.74 -19.64
C LEU D 150 8.57 -11.13 -19.18
N PRO D 151 8.68 -12.10 -18.27
CA PRO D 151 9.98 -12.69 -17.97
C PRO D 151 10.60 -13.28 -19.22
N TYR D 152 11.87 -12.95 -19.44
CA TYR D 152 12.56 -13.30 -20.67
C TYR D 152 13.33 -14.60 -20.46
N VAL D 153 12.86 -15.69 -21.08
CA VAL D 153 13.47 -17.00 -20.95
C VAL D 153 14.36 -17.36 -22.11
N LEU D 154 14.48 -16.50 -23.13
CA LEU D 154 15.19 -16.91 -24.35
C LEU D 154 16.69 -16.78 -24.24
N GLY D 155 17.22 -16.32 -23.12
CA GLY D 155 18.64 -16.18 -22.95
C GLY D 155 19.30 -17.27 -22.14
N SER D 156 18.54 -18.29 -21.77
CA SER D 156 19.09 -19.36 -20.92
C SER D 156 19.47 -20.66 -21.61
N ALA D 157 19.78 -20.60 -22.91
CA ALA D 157 20.23 -21.76 -23.68
C ALA D 157 19.31 -22.97 -23.62
N HIS D 158 18.01 -22.73 -23.72
CA HIS D 158 17.01 -23.79 -23.69
C HIS D 158 16.78 -24.53 -25.01
N GLU D 159 16.19 -25.71 -24.91
CA GLU D 159 15.82 -26.56 -26.05
C GLU D 159 14.52 -26.06 -26.66
N GLY D 160 14.13 -26.62 -27.80
CA GLY D 160 12.90 -26.19 -28.46
C GLY D 160 13.08 -25.19 -29.57
N CYS D 161 14.33 -24.95 -29.95
CA CYS D 161 14.67 -24.05 -31.04
C CYS D 161 14.34 -24.67 -32.39
N LEU D 162 14.27 -23.85 -33.44
CA LEU D 162 14.01 -24.36 -34.77
C LEU D 162 15.13 -25.32 -35.13
N PRO D 163 14.79 -26.47 -35.71
CA PRO D 163 15.77 -27.51 -36.05
C PRO D 163 16.83 -27.08 -37.05
N PRO D 164 18.06 -27.56 -36.86
CA PRO D 164 19.14 -27.22 -37.80
C PRO D 164 18.81 -27.75 -39.20
N PHE D 165 18.27 -28.94 -39.31
CA PHE D 165 17.92 -29.48 -40.62
C PHE D 165 16.60 -28.86 -41.05
N PRO D 166 16.52 -28.41 -42.31
CA PRO D 166 15.28 -27.73 -42.73
C PRO D 166 14.07 -28.63 -42.91
N ALA D 167 14.25 -29.94 -43.07
CA ALA D 167 13.12 -30.83 -43.30
C ALA D 167 12.55 -31.42 -42.01
N ASP D 168 13.07 -31.01 -40.85
CA ASP D 168 12.58 -31.52 -39.58
C ASP D 168 11.33 -30.77 -39.14
N VAL D 169 10.43 -31.49 -38.47
CA VAL D 169 9.22 -30.92 -37.89
C VAL D 169 9.39 -30.93 -36.38
N PHE D 170 9.27 -29.76 -35.76
CA PHE D 170 9.62 -29.60 -34.36
C PHE D 170 8.39 -29.26 -33.54
N MET D 171 8.46 -29.57 -32.25
CA MET D 171 7.43 -29.27 -31.28
C MET D 171 7.74 -27.94 -30.60
N ILE D 172 6.72 -27.12 -30.40
CA ILE D 172 6.90 -25.81 -29.78
C ILE D 172 7.00 -25.97 -28.27
N PRO D 173 8.03 -25.43 -27.63
CA PRO D 173 8.20 -25.63 -26.18
C PRO D 173 7.23 -24.77 -25.37
N GLN D 174 6.92 -25.27 -24.17
CA GLN D 174 5.98 -24.62 -23.29
C GLN D 174 6.60 -23.40 -22.63
N TYR D 175 5.82 -22.35 -22.46
CA TYR D 175 6.30 -21.15 -21.81
C TYR D 175 6.02 -21.19 -20.31
N GLY D 176 7.07 -20.99 -19.53
CA GLY D 176 6.96 -20.86 -18.09
C GLY D 176 8.04 -19.92 -17.60
N TYR D 177 7.88 -19.46 -16.37
CA TYR D 177 8.81 -18.49 -15.81
C TYR D 177 8.96 -18.72 -14.31
N LEU D 178 10.02 -18.14 -13.76
CA LEU D 178 10.30 -18.17 -12.34
C LEU D 178 10.24 -16.76 -11.78
N THR D 179 9.74 -16.64 -10.56
CA THR D 179 9.70 -15.39 -9.84
C THR D 179 10.39 -15.58 -8.50
N LEU D 180 10.33 -14.58 -7.64
CA LEU D 180 11.02 -14.66 -6.36
C LEU D 180 10.46 -15.80 -5.52
N ASN D 181 11.32 -16.37 -4.69
CA ASN D 181 10.97 -17.52 -3.88
C ASN D 181 11.66 -17.43 -2.54
N ASP D 182 11.08 -18.08 -1.53
CA ASP D 182 11.77 -18.40 -0.29
C ASP D 182 11.53 -19.89 -0.03
N GLY D 183 12.59 -20.69 -0.17
CA GLY D 183 12.38 -22.12 -0.22
C GLY D 183 11.49 -22.45 -1.40
N SER D 184 10.40 -23.16 -1.15
CA SER D 184 9.44 -23.46 -2.20
C SER D 184 8.30 -22.43 -2.16
N GLN D 185 8.21 -21.69 -1.06
CA GLN D 185 7.21 -20.66 -0.85
C GLN D 185 7.52 -19.38 -1.61
N ALA D 186 6.50 -18.54 -1.77
CA ALA D 186 6.66 -17.28 -2.47
C ALA D 186 6.60 -16.08 -1.54
N VAL D 187 7.45 -15.09 -1.81
CA VAL D 187 7.44 -13.84 -1.08
C VAL D 187 6.36 -12.93 -1.68
N GLY D 188 5.93 -11.96 -0.89
CA GLY D 188 4.91 -11.03 -1.34
C GLY D 188 5.31 -10.18 -2.53
N ARG D 189 6.59 -10.21 -2.87
CA ARG D 189 7.10 -9.45 -4.01
C ARG D 189 7.00 -10.22 -5.31
N SER D 190 6.64 -11.50 -5.26
CA SER D 190 6.55 -12.33 -6.45
C SER D 190 5.50 -11.80 -7.41
N SER D 191 5.71 -12.05 -8.70
CA SER D 191 4.82 -11.58 -9.76
C SER D 191 4.18 -12.76 -10.49
N PHE D 192 2.90 -12.61 -10.78
CA PHE D 192 2.16 -13.56 -11.61
C PHE D 192 1.71 -12.85 -12.88
N TYR D 193 1.83 -13.54 -14.01
CA TYR D 193 1.50 -12.96 -15.31
C TYR D 193 0.50 -13.86 -16.03
N CYS D 194 -0.59 -13.25 -16.47
CA CYS D 194 -1.57 -13.96 -17.26
C CYS D 194 -1.29 -13.53 -18.68
N LEU D 195 -0.89 -14.47 -19.53
CA LEU D 195 -0.62 -14.20 -20.95
C LEU D 195 -1.86 -13.80 -21.73
N GLU D 196 -3.03 -14.30 -21.30
CA GLU D 196 -4.33 -14.00 -21.88
C GLU D 196 -4.64 -12.50 -21.81
N TYR D 197 -4.22 -11.85 -20.73
CA TYR D 197 -4.37 -10.42 -20.54
C TYR D 197 -3.22 -9.68 -21.24
N PHE D 198 -3.28 -9.69 -22.58
CA PHE D 198 -2.30 -9.12 -23.48
C PHE D 198 -3.04 -9.20 -24.80
N PRO D 199 -3.00 -8.13 -25.59
CA PRO D 199 -3.73 -8.23 -26.87
C PRO D 199 -2.96 -9.05 -27.88
N SER D 200 -3.66 -9.99 -28.52
CA SER D 200 -3.04 -10.90 -29.46
C SER D 200 -3.92 -11.07 -30.69
N GLN D 201 -3.26 -11.25 -31.83
CA GLN D 201 -3.94 -11.54 -33.09
C GLN D 201 -4.38 -13.00 -33.12
N MET D 202 -5.61 -13.23 -33.55
CA MET D 202 -6.19 -14.56 -33.61
C MET D 202 -6.29 -15.00 -35.07
N LEU D 203 -5.80 -16.21 -35.37
CA LEU D 203 -5.60 -16.66 -36.74
C LEU D 203 -6.43 -17.92 -36.99
N ARG D 204 -7.28 -17.87 -38.01
CA ARG D 204 -7.89 -19.07 -38.55
C ARG D 204 -7.01 -19.65 -39.67
N THR D 205 -7.55 -20.62 -40.39
CA THR D 205 -6.74 -21.36 -41.36
C THR D 205 -6.23 -20.49 -42.49
N GLY D 206 -6.91 -19.39 -42.80
CA GLY D 206 -6.48 -18.51 -43.88
C GLY D 206 -5.70 -17.29 -43.45
N ASN D 207 -5.57 -17.06 -42.16
CA ASN D 207 -4.86 -15.90 -41.63
C ASN D 207 -3.36 -16.14 -41.58
N ASN D 208 -2.60 -15.06 -41.62
CA ASN D 208 -1.14 -15.12 -41.54
C ASN D 208 -0.62 -14.02 -40.63
N PHE D 209 0.50 -14.26 -39.97
CA PHE D 209 1.06 -13.27 -39.05
C PHE D 209 2.53 -12.92 -39.33
N GLN D 210 2.85 -11.63 -39.39
CA GLN D 210 4.24 -11.21 -39.61
C GLN D 210 4.64 -9.92 -38.89
N PHE D 211 5.91 -9.83 -38.52
CA PHE D 211 6.44 -8.64 -37.86
C PHE D 211 7.92 -8.48 -38.18
N SER D 212 8.42 -7.26 -38.10
CA SER D 212 9.83 -7.00 -38.39
C SER D 212 10.53 -6.33 -37.21
N TYR D 213 11.71 -6.83 -36.87
CA TYR D 213 12.46 -6.31 -35.74
C TYR D 213 13.87 -5.83 -36.14
N GLU D 214 14.25 -4.67 -35.63
CA GLU D 214 15.54 -4.05 -35.88
C GLU D 214 16.47 -4.29 -34.70
N PHE D 215 17.57 -4.99 -34.94
CA PHE D 215 18.56 -5.18 -33.89
C PHE D 215 19.22 -3.87 -33.51
N GLU D 216 19.41 -3.67 -32.21
CA GLU D 216 20.12 -2.49 -31.76
C GLU D 216 21.61 -2.63 -32.01
N ASN D 217 22.30 -1.49 -32.02
CA ASN D 217 23.73 -1.49 -32.34
C ASN D 217 24.52 -2.28 -31.32
N VAL D 218 25.29 -3.25 -31.81
CA VAL D 218 26.19 -4.05 -30.98
C VAL D 218 27.53 -4.15 -31.70
N PRO D 219 28.60 -4.44 -30.97
CA PRO D 219 29.90 -4.59 -31.63
C PRO D 219 29.98 -5.90 -32.39
N PHE D 220 30.81 -5.89 -33.45
CA PHE D 220 31.08 -7.11 -34.19
C PHE D 220 31.65 -8.17 -33.28
N HIS D 221 31.29 -9.42 -33.52
CA HIS D 221 31.86 -10.52 -32.76
C HIS D 221 33.18 -10.86 -33.42
N SER D 222 34.21 -11.11 -32.63
CA SER D 222 35.51 -11.42 -33.19
C SER D 222 35.60 -12.85 -33.67
N SER D 223 36.02 -13.02 -34.93
CA SER D 223 36.17 -14.34 -35.50
C SER D 223 37.56 -14.37 -36.07
N TYR D 224 38.52 -14.25 -35.18
CA TYR D 224 39.93 -14.25 -35.52
C TYR D 224 40.72 -14.58 -34.27
N ALA D 225 41.98 -14.93 -34.45
CA ALA D 225 42.85 -15.23 -33.32
C ALA D 225 44.10 -14.38 -33.47
N HIS D 226 44.66 -13.92 -32.36
CA HIS D 226 45.86 -13.10 -32.41
C HIS D 226 47.09 -13.88 -32.86
N ARG D 274 55.58 -3.21 -19.64
CA ARG D 274 54.49 -3.30 -20.60
C ARG D 274 53.34 -2.38 -20.24
N ASN D 275 52.70 -1.83 -21.26
CA ASN D 275 51.59 -0.90 -21.07
C ASN D 275 50.27 -1.59 -20.75
N TYR D 276 50.07 -2.83 -21.19
CA TYR D 276 48.79 -3.47 -21.03
C TYR D 276 48.98 -4.89 -20.50
N ILE D 277 47.99 -5.36 -19.76
CA ILE D 277 48.07 -6.62 -19.03
C ILE D 277 46.90 -7.51 -19.43
N PRO D 278 46.99 -8.81 -19.19
CA PRO D 278 45.87 -9.70 -19.49
C PRO D 278 44.71 -9.49 -18.53
N GLY D 279 43.54 -9.93 -18.99
CA GLY D 279 42.29 -9.62 -18.35
C GLY D 279 42.00 -10.39 -17.07
N PRO D 280 40.76 -10.35 -16.62
CA PRO D 280 40.40 -10.87 -15.31
C PRO D 280 40.32 -12.39 -15.29
N SER D 281 40.49 -12.94 -14.09
CA SER D 281 40.51 -14.38 -13.91
C SER D 281 39.71 -14.78 -12.67
N TYR D 282 39.00 -15.90 -12.80
CA TYR D 282 38.35 -16.55 -11.67
C TYR D 282 38.65 -18.04 -11.84
N ARG D 283 39.47 -18.62 -10.97
CA ARG D 283 40.09 -19.89 -11.32
C ARG D 283 39.09 -21.05 -11.28
N GLN D 284 39.20 -21.94 -12.27
CA GLN D 284 38.45 -23.18 -12.34
C GLN D 284 39.35 -24.36 -11.98
N GLN D 285 38.75 -25.38 -11.39
CA GLN D 285 39.47 -26.63 -11.13
C GLN D 285 39.75 -27.36 -12.44
N ARG D 286 40.93 -27.98 -12.50
CA ARG D 286 41.43 -28.61 -13.72
C ARG D 286 41.08 -30.10 -13.73
N VAL D 287 40.39 -30.54 -14.78
CA VAL D 287 40.00 -31.92 -14.92
C VAL D 287 40.62 -32.47 -16.20
N SER D 288 41.13 -33.70 -16.13
CA SER D 288 41.79 -34.34 -17.25
C SER D 288 40.86 -35.31 -17.96
N THR D 289 40.99 -35.38 -19.29
CA THR D 289 40.27 -36.37 -20.07
C THR D 289 40.87 -37.77 -19.95
N THR D 290 42.05 -37.89 -19.36
CA THR D 290 42.59 -39.19 -18.98
C THR D 290 42.20 -39.45 -17.52
N VAL D 291 41.30 -40.40 -17.30
CA VAL D 291 40.68 -40.52 -15.98
C VAL D 291 41.70 -40.90 -14.92
N THR D 292 42.76 -41.62 -15.29
CA THR D 292 43.73 -42.06 -14.30
C THR D 292 44.48 -40.89 -13.67
N GLN D 293 44.58 -39.77 -14.37
CA GLN D 293 45.27 -38.61 -13.82
C GLN D 293 44.42 -37.83 -12.83
N ASN D 294 43.10 -38.00 -12.89
CA ASN D 294 42.20 -37.32 -11.96
C ASN D 294 42.26 -37.99 -10.58
N ASN D 295 41.85 -37.26 -9.56
CA ASN D 295 41.84 -37.75 -8.17
C ASN D 295 40.75 -38.79 -7.95
N ASN D 296 41.01 -39.75 -7.06
CA ASN D 296 40.02 -40.77 -6.76
C ASN D 296 39.05 -40.30 -5.67
N SER D 297 38.21 -39.33 -6.00
CA SER D 297 37.23 -38.78 -5.09
C SER D 297 36.14 -38.11 -5.90
N GLU D 298 34.99 -37.84 -5.29
CA GLU D 298 33.92 -37.18 -6.03
C GLU D 298 34.04 -35.68 -5.83
N PHE D 299 34.53 -34.99 -6.85
CA PHE D 299 34.72 -33.55 -6.78
C PHE D 299 33.93 -32.69 -7.78
N ALA D 300 32.96 -33.28 -8.47
CA ALA D 300 32.15 -32.54 -9.45
C ALA D 300 31.56 -31.29 -8.80
N TRP D 301 30.73 -31.47 -7.79
CA TRP D 301 30.20 -30.34 -7.04
C TRP D 301 31.16 -29.82 -5.97
N PRO D 302 31.78 -30.67 -5.14
CA PRO D 302 32.61 -30.11 -4.04
C PRO D 302 33.78 -29.26 -4.50
N GLY D 303 34.45 -29.65 -5.58
CA GLY D 303 35.64 -28.93 -6.01
C GLY D 303 35.37 -27.92 -7.09
N ALA D 304 34.12 -27.48 -7.21
CA ALA D 304 33.72 -26.57 -8.27
C ALA D 304 33.69 -25.13 -7.80
N SER D 305 34.13 -24.23 -8.67
CA SER D 305 34.07 -22.80 -8.40
C SER D 305 32.63 -22.32 -8.53
N SER D 306 32.15 -21.59 -7.52
CA SER D 306 30.77 -21.17 -7.49
C SER D 306 30.65 -19.76 -6.96
N TRP D 307 29.48 -19.17 -7.13
CA TRP D 307 29.12 -17.90 -6.51
C TRP D 307 27.83 -18.06 -5.72
N ALA D 308 27.68 -17.26 -4.68
CA ALA D 308 26.55 -17.35 -3.76
C ALA D 308 25.69 -16.11 -3.92
N LEU D 309 24.38 -16.30 -4.04
CA LEU D 309 23.42 -15.22 -4.16
C LEU D 309 22.24 -15.50 -3.25
N ASN D 310 22.03 -14.63 -2.27
CA ASN D 310 20.93 -14.74 -1.31
C ASN D 310 20.98 -16.08 -0.57
N GLY D 311 22.17 -16.64 -0.43
CA GLY D 311 22.31 -17.88 0.29
C GLY D 311 22.10 -19.15 -0.51
N ARG D 312 22.20 -19.08 -1.84
CA ARG D 312 22.18 -20.27 -2.69
C ARG D 312 23.46 -20.29 -3.52
N ASN D 313 24.08 -21.46 -3.58
CA ASN D 313 25.30 -21.65 -4.34
C ASN D 313 24.96 -22.01 -5.78
N SER D 314 25.39 -21.16 -6.72
CA SER D 314 25.23 -21.44 -8.13
C SER D 314 26.61 -21.69 -8.72
N LEU D 315 26.72 -22.78 -9.49
CA LEU D 315 27.95 -23.08 -10.19
C LEU D 315 28.34 -21.92 -11.10
N MET D 316 29.63 -21.70 -11.28
CA MET D 316 30.07 -20.66 -12.20
C MET D 316 30.23 -21.33 -13.56
N ASN D 317 29.26 -21.08 -14.43
CA ASN D 317 29.22 -21.73 -15.71
C ASN D 317 28.74 -20.77 -16.80
N PRO D 318 29.44 -20.73 -17.93
CA PRO D 318 30.83 -21.18 -18.05
C PRO D 318 31.78 -20.23 -17.32
N GLY D 319 31.29 -19.03 -17.01
CA GLY D 319 32.07 -18.07 -16.26
C GLY D 319 32.76 -17.06 -17.15
N PRO D 320 33.76 -16.36 -16.60
CA PRO D 320 34.53 -15.42 -17.41
C PRO D 320 35.27 -16.13 -18.53
N ALA D 321 35.58 -15.37 -19.58
CA ALA D 321 36.25 -15.94 -20.74
C ALA D 321 37.74 -16.10 -20.44
N MET D 322 38.20 -17.35 -20.46
CA MET D 322 39.58 -17.68 -20.10
C MET D 322 40.06 -18.82 -20.98
N ALA D 323 41.38 -18.98 -21.03
CA ALA D 323 41.95 -20.09 -21.78
C ALA D 323 41.58 -21.41 -21.12
N SER D 324 41.24 -22.41 -21.93
CA SER D 324 40.84 -23.70 -21.40
C SER D 324 42.02 -24.43 -20.76
N HIS D 325 43.21 -24.26 -21.31
CA HIS D 325 44.37 -25.03 -20.88
C HIS D 325 45.64 -24.31 -21.31
N LYS D 326 46.75 -24.67 -20.68
CA LYS D 326 48.05 -24.23 -21.16
C LYS D 326 48.35 -24.87 -22.52
N GLU D 327 49.23 -24.21 -23.27
CA GLU D 327 49.64 -24.76 -24.55
C GLU D 327 50.46 -26.02 -24.34
N GLY D 328 50.24 -27.02 -25.19
CA GLY D 328 50.86 -28.31 -25.04
C GLY D 328 50.02 -29.32 -24.29
N GLU D 329 49.02 -28.88 -23.53
CA GLU D 329 48.12 -29.77 -22.81
C GLU D 329 46.73 -29.59 -23.42
N ASP D 330 46.29 -30.56 -24.21
CA ASP D 330 44.93 -30.57 -24.72
C ASP D 330 44.02 -31.51 -23.93
N ARG D 331 44.56 -32.21 -22.95
CA ARG D 331 43.79 -33.19 -22.19
C ARG D 331 43.17 -32.62 -20.93
N PHE D 332 43.45 -31.35 -20.66
CA PHE D 332 42.93 -30.68 -19.47
C PHE D 332 41.87 -29.65 -19.82
N PHE D 333 40.83 -29.59 -19.00
CA PHE D 333 39.76 -28.63 -19.20
C PHE D 333 39.27 -28.10 -17.85
N PRO D 334 38.74 -26.87 -17.84
CA PRO D 334 38.20 -26.30 -16.61
C PRO D 334 36.96 -27.11 -16.26
N LEU D 335 36.71 -27.35 -14.99
CA LEU D 335 35.57 -28.18 -14.62
C LEU D 335 34.25 -27.59 -15.09
N SER D 336 34.04 -26.30 -14.87
CA SER D 336 32.81 -25.64 -15.31
C SER D 336 33.12 -24.47 -16.24
N GLY D 337 34.39 -24.34 -16.60
CA GLY D 337 34.85 -23.27 -17.47
C GLY D 337 34.33 -23.25 -18.90
N SER D 338 34.21 -24.40 -19.52
CA SER D 338 33.79 -24.45 -20.92
C SER D 338 32.40 -24.99 -21.19
N LEU D 339 31.94 -24.71 -22.40
CA LEU D 339 30.67 -25.16 -22.93
C LEU D 339 30.78 -26.61 -23.39
N ILE D 340 29.72 -27.38 -23.18
CA ILE D 340 29.68 -28.79 -23.52
C ILE D 340 28.38 -29.05 -24.25
N PHE D 341 28.46 -29.67 -25.42
CA PHE D 341 27.30 -29.98 -26.23
C PHE D 341 27.12 -31.50 -26.33
N GLY D 342 25.88 -31.92 -26.51
CA GLY D 342 25.60 -33.33 -26.71
C GLY D 342 25.63 -33.73 -28.17
N LYS D 343 26.08 -34.97 -28.40
CA LYS D 343 26.00 -35.59 -29.71
C LYS D 343 24.57 -36.05 -29.98
N GLN D 344 24.27 -36.28 -31.26
CA GLN D 344 22.96 -36.76 -31.64
C GLN D 344 22.62 -38.06 -30.92
N GLY D 345 21.46 -38.09 -30.28
CA GLY D 345 21.01 -39.26 -29.57
C GLY D 345 21.58 -39.44 -28.17
N THR D 346 22.41 -38.51 -27.72
CA THR D 346 22.99 -38.60 -26.39
C THR D 346 21.91 -38.60 -25.32
N GLY D 347 22.04 -39.51 -24.36
CA GLY D 347 21.08 -39.61 -23.29
C GLY D 347 21.09 -38.37 -22.40
N ARG D 348 20.11 -38.33 -21.50
CA ARG D 348 19.94 -37.18 -20.63
C ARG D 348 20.88 -37.20 -19.43
N ASP D 349 21.07 -38.34 -18.79
CA ASP D 349 21.72 -38.39 -17.48
C ASP D 349 22.90 -39.34 -17.48
N ASN D 350 24.03 -38.88 -16.95
CA ASN D 350 25.21 -39.70 -16.68
C ASN D 350 25.72 -40.40 -17.93
N VAL D 351 25.97 -39.59 -18.95
CA VAL D 351 26.53 -40.07 -20.22
C VAL D 351 28.05 -39.92 -20.17
N ASP D 352 28.74 -40.84 -20.83
CA ASP D 352 30.19 -40.87 -20.78
C ASP D 352 30.77 -39.70 -21.57
N ALA D 353 32.11 -39.60 -21.56
CA ALA D 353 32.77 -38.45 -22.15
C ALA D 353 32.70 -38.46 -23.67
N ASP D 354 32.52 -39.65 -24.27
CA ASP D 354 32.48 -39.72 -25.73
C ASP D 354 31.12 -39.34 -26.30
N LYS D 355 30.09 -39.22 -25.46
CA LYS D 355 28.79 -38.78 -25.94
C LYS D 355 28.65 -37.27 -26.00
N VAL D 356 29.55 -36.52 -25.36
CA VAL D 356 29.45 -35.07 -25.29
C VAL D 356 30.66 -34.46 -25.96
N MET D 357 30.49 -33.22 -26.41
CA MET D 357 31.53 -32.47 -27.10
C MET D 357 31.97 -31.33 -26.19
N ILE D 358 33.24 -31.35 -25.79
CA ILE D 358 33.77 -30.32 -24.90
C ILE D 358 34.59 -29.28 -25.66
N THR D 359 33.95 -28.19 -26.03
CA THR D 359 34.61 -27.11 -26.75
C THR D 359 35.70 -26.50 -25.88
N ASN D 360 36.82 -26.16 -26.49
CA ASN D 360 37.93 -25.56 -25.75
C ASN D 360 38.25 -24.17 -26.30
N GLU D 361 38.40 -23.20 -25.41
CA GLU D 361 38.73 -21.84 -25.82
C GLU D 361 40.24 -21.62 -25.96
N GLU D 362 40.86 -22.34 -26.88
CA GLU D 362 42.29 -22.25 -27.16
C GLU D 362 42.76 -20.92 -27.78
N GLU D 363 41.95 -20.38 -28.68
CA GLU D 363 42.27 -19.15 -29.40
C GLU D 363 42.47 -17.89 -28.57
N ILE D 364 41.93 -17.85 -27.36
CA ILE D 364 42.04 -16.66 -26.51
C ILE D 364 43.19 -16.73 -25.52
N LYS D 365 44.06 -17.72 -25.68
CA LYS D 365 45.22 -17.92 -24.81
C LYS D 365 46.19 -16.74 -24.86
N THR D 366 46.34 -16.12 -26.01
CA THR D 366 47.26 -15.00 -26.17
C THR D 366 46.92 -13.80 -25.28
N THR D 367 45.65 -13.44 -25.14
CA THR D 367 45.28 -12.29 -24.33
C THR D 367 44.60 -12.56 -22.97
N ASN D 368 44.09 -13.76 -22.77
CA ASN D 368 43.42 -14.09 -21.52
C ASN D 368 44.22 -15.11 -20.73
N PRO D 369 44.03 -15.16 -19.41
CA PRO D 369 44.73 -16.14 -18.57
C PRO D 369 44.11 -17.53 -18.72
N VAL D 370 44.86 -18.53 -18.26
CA VAL D 370 44.36 -19.90 -18.27
C VAL D 370 43.38 -20.09 -17.12
N ALA D 371 42.24 -20.72 -17.41
CA ALA D 371 41.20 -20.88 -16.40
C ALA D 371 41.67 -21.72 -15.22
N THR D 372 42.63 -22.61 -15.44
CA THR D 372 43.12 -23.51 -14.40
C THR D 372 44.37 -23.00 -13.71
N GLU D 373 44.84 -21.81 -14.06
CA GLU D 373 46.05 -21.26 -13.50
C GLU D 373 45.74 -20.03 -12.65
N SER D 374 46.63 -19.74 -11.71
CA SER D 374 46.57 -18.47 -11.01
C SER D 374 46.85 -17.33 -11.97
N TYR D 375 46.32 -16.15 -11.64
CA TYR D 375 46.60 -14.98 -12.45
C TYR D 375 48.06 -14.56 -12.31
N GLY D 376 48.65 -14.79 -11.15
CA GLY D 376 50.04 -14.42 -10.93
C GLY D 376 50.36 -14.40 -9.44
N GLN D 377 51.39 -13.64 -9.09
CA GLN D 377 51.83 -13.52 -7.71
C GLN D 377 51.79 -12.07 -7.27
N VAL D 378 51.70 -11.88 -5.94
CA VAL D 378 51.79 -10.57 -5.32
C VAL D 378 52.60 -10.69 -4.05
N ALA D 379 53.22 -9.56 -3.66
CA ALA D 379 53.96 -9.50 -2.40
C ALA D 379 52.99 -9.59 -1.23
N THR D 380 53.29 -10.46 -0.28
CA THR D 380 52.45 -10.61 0.90
C THR D 380 53.02 -9.93 2.15
N ASN D 381 54.20 -9.34 2.09
CA ASN D 381 54.78 -8.74 3.29
C ASN D 381 55.78 -7.67 2.91
N HIS D 382 56.51 -7.19 3.91
CA HIS D 382 57.65 -6.30 3.75
C HIS D 382 58.93 -7.08 4.02
N GLN D 383 59.81 -7.13 3.02
CA GLN D 383 61.13 -7.70 3.22
C GLN D 383 61.97 -6.79 4.11
N SER D 384 62.91 -7.39 4.81
CA SER D 384 63.86 -6.66 5.64
C SER D 384 64.98 -7.62 6.01
N ALA D 385 65.97 -7.11 6.74
CA ALA D 385 67.10 -7.94 7.15
C ALA D 385 66.63 -9.12 7.99
N GLN D 386 65.49 -9.00 8.66
CA GLN D 386 64.93 -10.07 9.47
C GLN D 386 63.84 -10.88 8.77
N ALA D 387 63.42 -10.50 7.57
CA ALA D 387 62.28 -11.15 6.92
C ALA D 387 62.53 -11.32 5.43
N GLN D 388 62.39 -12.55 4.94
CA GLN D 388 62.52 -12.81 3.52
C GLN D 388 61.28 -12.35 2.78
N ALA D 389 61.47 -12.03 1.50
CA ALA D 389 60.35 -11.59 0.69
C ALA D 389 59.40 -12.75 0.42
N GLN D 390 58.14 -12.56 0.78
CA GLN D 390 57.12 -13.58 0.63
C GLN D 390 56.14 -13.17 -0.45
N THR D 391 55.64 -14.14 -1.20
CA THR D 391 54.65 -13.90 -2.24
C THR D 391 53.51 -14.89 -2.08
N GLY D 392 52.42 -14.61 -2.79
CA GLY D 392 51.27 -15.49 -2.76
C GLY D 392 50.60 -15.48 -4.12
N TRP D 393 49.73 -16.47 -4.33
CA TRP D 393 49.13 -16.69 -5.63
C TRP D 393 47.80 -15.95 -5.73
N VAL D 394 47.55 -15.38 -6.90
CA VAL D 394 46.29 -14.68 -7.17
C VAL D 394 45.34 -15.70 -7.78
N GLN D 395 44.34 -16.11 -7.00
CA GLN D 395 43.39 -17.10 -7.49
C GLN D 395 42.32 -16.47 -8.37
N ASN D 396 41.82 -15.31 -7.97
CA ASN D 396 40.88 -14.56 -8.78
C ASN D 396 41.35 -13.12 -8.88
N GLN D 397 41.13 -12.51 -10.04
CA GLN D 397 41.54 -11.14 -10.28
C GLN D 397 40.42 -10.40 -10.98
N GLY D 398 39.96 -9.30 -10.36
CA GLY D 398 39.00 -8.43 -10.99
C GLY D 398 39.64 -7.53 -12.02
N ILE D 399 38.81 -6.68 -12.62
CA ILE D 399 39.28 -5.76 -13.66
C ILE D 399 40.30 -4.81 -13.06
N LEU D 400 41.37 -4.56 -13.81
CA LEU D 400 42.35 -3.52 -13.53
C LEU D 400 42.47 -2.61 -14.75
N PRO D 401 42.79 -1.34 -14.56
CA PRO D 401 43.03 -0.47 -15.71
C PRO D 401 44.20 -0.99 -16.54
N GLY D 402 44.03 -0.97 -17.85
CA GLY D 402 45.03 -1.51 -18.75
C GLY D 402 44.81 -2.95 -19.15
N MET D 403 43.72 -3.57 -18.75
CA MET D 403 43.42 -4.94 -19.16
C MET D 403 42.74 -4.97 -20.52
N VAL D 404 43.19 -5.90 -21.36
CA VAL D 404 42.56 -6.21 -22.63
C VAL D 404 42.22 -7.69 -22.61
N TRP D 405 41.12 -8.04 -23.27
CA TRP D 405 40.67 -9.43 -23.26
C TRP D 405 39.82 -9.69 -24.48
N GLN D 406 39.62 -10.96 -24.77
CA GLN D 406 38.70 -11.42 -25.80
C GLN D 406 37.49 -12.08 -25.16
N ASP D 407 36.35 -11.93 -25.82
CA ASP D 407 35.13 -12.53 -25.32
C ASP D 407 35.08 -14.01 -25.69
N ARG D 408 34.03 -14.69 -25.26
CA ARG D 408 33.90 -16.11 -25.55
C ARG D 408 33.50 -16.31 -27.01
N ASP D 409 34.01 -17.40 -27.59
CA ASP D 409 33.73 -17.72 -28.98
C ASP D 409 32.30 -18.21 -29.12
N VAL D 410 31.79 -18.13 -30.34
CA VAL D 410 30.45 -18.60 -30.65
C VAL D 410 30.57 -19.81 -31.57
N TYR D 411 29.55 -20.65 -31.55
CA TYR D 411 29.56 -21.91 -32.26
C TYR D 411 28.30 -22.02 -33.12
N LEU D 412 28.31 -22.98 -34.04
CA LEU D 412 27.13 -23.24 -34.85
C LEU D 412 25.95 -23.62 -33.97
N GLN D 413 26.20 -24.37 -32.91
CA GLN D 413 25.18 -24.81 -31.97
C GLN D 413 24.80 -23.74 -30.95
N GLY D 414 25.71 -22.83 -30.64
CA GLY D 414 25.55 -21.95 -29.50
C GLY D 414 24.49 -20.90 -29.66
N PRO D 415 24.25 -20.14 -28.59
CA PRO D 415 23.23 -19.08 -28.63
C PRO D 415 23.72 -17.86 -29.39
N ILE D 416 22.77 -17.07 -29.88
CA ILE D 416 23.07 -15.89 -30.66
C ILE D 416 23.07 -14.66 -29.75
N TRP D 417 21.94 -14.36 -29.13
CA TRP D 417 21.80 -13.18 -28.30
C TRP D 417 21.30 -13.55 -26.91
N ALA D 418 21.38 -12.58 -26.00
CA ALA D 418 20.77 -12.67 -24.69
C ALA D 418 20.32 -11.28 -24.27
N LYS D 419 19.38 -11.24 -23.33
CA LYS D 419 18.87 -9.99 -22.81
C LYS D 419 19.77 -9.51 -21.67
N ILE D 420 20.24 -8.28 -21.78
CA ILE D 420 20.96 -7.68 -20.66
C ILE D 420 19.97 -7.44 -19.52
N PRO D 421 20.20 -7.98 -18.34
CA PRO D 421 19.29 -7.70 -17.22
C PRO D 421 19.22 -6.21 -16.97
N HIS D 422 18.04 -5.75 -16.59
CA HIS D 422 17.81 -4.32 -16.43
C HIS D 422 18.22 -3.95 -15.02
N THR D 423 19.32 -3.21 -14.91
CA THR D 423 19.96 -2.94 -13.63
C THR D 423 20.58 -1.55 -13.67
N ASP D 424 20.93 -1.05 -12.48
CA ASP D 424 21.57 0.26 -12.38
C ASP D 424 22.92 0.25 -13.09
N GLY D 425 23.62 -0.88 -13.04
CA GLY D 425 24.94 -0.95 -13.65
C GLY D 425 25.27 -2.34 -14.14
N ASN D 426 26.22 -2.37 -15.07
CA ASN D 426 26.80 -3.60 -15.57
C ASN D 426 28.17 -3.27 -16.14
N PHE D 427 29.00 -4.31 -16.29
CA PHE D 427 30.29 -4.13 -16.92
C PHE D 427 30.45 -5.15 -18.03
N HIS D 428 30.74 -4.65 -19.24
CA HIS D 428 30.95 -5.44 -20.44
C HIS D 428 29.77 -6.39 -20.62
N PRO D 429 28.62 -5.88 -21.05
CA PRO D 429 27.38 -6.66 -21.02
C PRO D 429 27.39 -7.95 -21.83
N SER D 430 28.41 -8.19 -22.66
CA SER D 430 28.45 -9.37 -23.50
C SER D 430 28.15 -10.64 -22.70
N PRO D 431 27.23 -11.48 -23.15
CA PRO D 431 26.82 -12.64 -22.35
C PRO D 431 27.94 -13.65 -22.21
N LEU D 432 27.94 -14.35 -21.07
CA LEU D 432 29.03 -15.24 -20.73
C LEU D 432 28.99 -16.55 -21.51
N MET D 433 27.81 -17.00 -21.92
CA MET D 433 27.74 -18.17 -22.78
C MET D 433 28.00 -17.84 -24.24
N GLY D 434 28.28 -16.59 -24.55
CA GLY D 434 28.64 -16.16 -25.89
C GLY D 434 27.50 -15.43 -26.57
N GLY D 435 27.86 -14.72 -27.63
CA GLY D 435 26.89 -14.00 -28.44
C GLY D 435 26.80 -12.52 -28.11
N PHE D 436 25.68 -11.94 -28.52
CA PHE D 436 25.46 -10.50 -28.46
C PHE D 436 24.51 -10.18 -27.31
N GLY D 437 24.98 -9.37 -26.35
CA GLY D 437 24.10 -8.89 -25.29
C GLY D 437 23.31 -7.69 -25.75
N MET D 438 22.05 -7.62 -25.33
CA MET D 438 21.14 -6.60 -25.81
C MET D 438 20.20 -6.19 -24.69
N LYS D 439 19.94 -4.88 -24.60
CA LYS D 439 18.91 -4.39 -23.70
C LYS D 439 17.51 -4.56 -24.28
N HIS D 440 17.39 -4.64 -25.60
CA HIS D 440 16.12 -4.90 -26.27
C HIS D 440 16.36 -6.00 -27.31
N PRO D 441 16.46 -7.25 -26.87
CA PRO D 441 16.77 -8.34 -27.79
C PRO D 441 15.58 -8.64 -28.69
N PRO D 442 15.71 -9.59 -29.62
CA PRO D 442 14.53 -10.03 -30.37
C PRO D 442 13.43 -10.48 -29.45
N PRO D 443 12.23 -9.97 -29.63
CA PRO D 443 11.17 -10.18 -28.63
C PRO D 443 10.66 -11.61 -28.64
N GLN D 444 10.16 -12.03 -27.48
CA GLN D 444 9.51 -13.32 -27.39
C GLN D 444 8.24 -13.34 -28.23
N ILE D 445 7.98 -14.49 -28.85
CA ILE D 445 6.81 -14.69 -29.69
C ILE D 445 6.00 -15.80 -29.04
N LEU D 446 4.83 -15.45 -28.51
CA LEU D 446 4.02 -16.37 -27.73
C LEU D 446 2.85 -16.86 -28.57
N ILE D 447 2.54 -18.15 -28.42
CA ILE D 447 1.48 -18.77 -29.22
C ILE D 447 0.78 -19.83 -28.40
N LYS D 448 -0.54 -19.91 -28.54
CA LYS D 448 -1.33 -20.98 -27.94
C LYS D 448 -2.53 -21.26 -28.83
N ASN D 449 -3.15 -22.42 -28.61
CA ASN D 449 -4.38 -22.77 -29.29
C ASN D 449 -5.58 -22.23 -28.50
N THR D 450 -6.44 -21.49 -29.18
CA THR D 450 -7.61 -20.94 -28.52
C THR D 450 -8.52 -22.07 -28.07
N PRO D 451 -8.86 -22.15 -26.79
CA PRO D 451 -9.65 -23.28 -26.29
C PRO D 451 -11.05 -23.29 -26.88
N VAL D 452 -11.48 -24.47 -27.31
CA VAL D 452 -12.83 -24.69 -27.81
C VAL D 452 -13.53 -25.66 -26.84
N PRO D 453 -14.53 -25.22 -26.10
CA PRO D 453 -15.15 -26.11 -25.11
C PRO D 453 -16.02 -27.18 -25.75
N ALA D 454 -16.26 -28.23 -24.98
CA ALA D 454 -17.20 -29.27 -25.36
C ALA D 454 -18.62 -28.80 -25.08
N ASP D 455 -19.57 -29.71 -25.21
CA ASP D 455 -20.97 -29.35 -25.01
C ASP D 455 -21.23 -28.93 -23.57
N PRO D 456 -21.83 -27.77 -23.35
CA PRO D 456 -22.15 -27.32 -21.99
C PRO D 456 -23.19 -28.22 -21.35
N PRO D 457 -23.35 -28.15 -20.02
CA PRO D 457 -24.28 -29.06 -19.34
C PRO D 457 -25.75 -28.88 -19.72
N THR D 458 -26.10 -27.78 -20.41
CA THR D 458 -27.44 -27.41 -20.90
C THR D 458 -28.27 -26.75 -19.79
N ALA D 459 -27.86 -26.85 -18.52
CA ALA D 459 -28.42 -26.06 -17.45
C ALA D 459 -27.29 -25.24 -16.84
N PHE D 460 -27.55 -23.97 -16.56
CA PHE D 460 -26.49 -23.05 -16.22
C PHE D 460 -25.74 -23.48 -14.96
N ASN D 461 -24.41 -23.54 -15.06
CA ASN D 461 -23.54 -23.84 -13.94
C ASN D 461 -22.57 -22.68 -13.75
N LYS D 462 -22.18 -22.45 -12.50
CA LYS D 462 -21.33 -21.32 -12.17
C LYS D 462 -19.88 -21.56 -12.54
N ASP D 463 -19.41 -22.80 -12.42
CA ASP D 463 -18.00 -23.11 -12.56
C ASP D 463 -17.52 -22.81 -13.99
N LYS D 464 -16.22 -22.56 -14.11
CA LYS D 464 -15.63 -22.45 -15.45
C LYS D 464 -15.69 -23.80 -16.14
N LEU D 465 -15.60 -23.77 -17.46
CA LEU D 465 -15.72 -24.99 -18.23
C LEU D 465 -14.39 -25.74 -18.23
N ASN D 466 -14.41 -26.96 -17.68
CA ASN D 466 -13.23 -27.81 -17.67
C ASN D 466 -13.21 -28.88 -18.75
N SER D 467 -14.25 -28.97 -19.58
CA SER D 467 -14.30 -29.98 -20.63
C SER D 467 -14.15 -29.31 -21.98
N PHE D 468 -13.09 -29.68 -22.71
CA PHE D 468 -12.74 -29.04 -23.97
C PHE D 468 -12.58 -30.09 -25.05
N ILE D 469 -12.55 -29.65 -26.30
CA ILE D 469 -12.32 -30.54 -27.42
C ILE D 469 -10.82 -30.73 -27.61
N THR D 470 -10.40 -31.97 -27.77
CA THR D 470 -8.97 -32.25 -27.98
C THR D 470 -8.52 -31.68 -29.32
N GLN D 471 -7.44 -30.91 -29.27
CA GLN D 471 -7.10 -30.04 -30.38
C GLN D 471 -5.60 -29.78 -30.36
N TYR D 472 -5.04 -29.52 -31.55
CA TYR D 472 -3.66 -29.08 -31.68
C TYR D 472 -3.55 -28.35 -33.01
N SER D 473 -2.47 -27.63 -33.22
CA SER D 473 -2.31 -26.92 -34.49
C SER D 473 -0.91 -27.07 -35.06
N THR D 474 -0.82 -26.94 -36.38
CA THR D 474 0.45 -27.04 -37.09
C THR D 474 0.53 -25.92 -38.10
N GLY D 475 1.73 -25.45 -38.39
CA GLY D 475 1.91 -24.36 -39.31
C GLY D 475 3.32 -24.26 -39.84
N GLN D 476 3.54 -23.32 -40.77
CA GLN D 476 4.86 -23.09 -41.32
C GLN D 476 5.38 -21.80 -40.73
N VAL D 477 6.61 -21.82 -40.22
CA VAL D 477 7.20 -20.63 -39.64
C VAL D 477 8.50 -20.25 -40.35
N SER D 478 8.61 -18.99 -40.76
CA SER D 478 9.82 -18.54 -41.43
C SER D 478 10.42 -17.29 -40.78
N VAL D 479 11.72 -17.32 -40.52
CA VAL D 479 12.41 -16.18 -39.93
C VAL D 479 13.58 -15.73 -40.80
N GLU D 480 13.64 -14.44 -41.11
CA GLU D 480 14.69 -13.89 -41.95
C GLU D 480 15.52 -12.86 -41.20
N ILE D 481 16.83 -13.00 -41.26
CA ILE D 481 17.73 -12.06 -40.58
C ILE D 481 18.84 -11.53 -41.47
N GLU D 482 18.99 -10.22 -41.51
CA GLU D 482 20.08 -9.60 -42.27
C GLU D 482 21.30 -9.49 -41.37
N TRP D 483 22.40 -10.08 -41.81
CA TRP D 483 23.65 -10.06 -41.07
C TRP D 483 24.63 -9.12 -41.74
N GLU D 484 25.46 -8.47 -40.92
CA GLU D 484 26.50 -7.59 -41.43
C GLU D 484 27.88 -8.22 -41.25
N ASN E 217 40.93 10.71 -30.88
CA ASN E 217 40.74 11.65 -29.79
C ASN E 217 41.06 11.02 -28.44
N VAL E 218 41.70 11.79 -27.57
CA VAL E 218 42.11 11.31 -26.26
C VAL E 218 41.73 12.35 -25.23
N PRO E 219 41.60 11.95 -23.97
CA PRO E 219 41.44 12.95 -22.90
C PRO E 219 42.76 13.64 -22.61
N PHE E 220 42.66 14.84 -22.04
CA PHE E 220 43.85 15.55 -21.59
C PHE E 220 44.63 14.68 -20.60
N HIS E 221 45.95 14.72 -20.69
CA HIS E 221 46.74 14.00 -19.72
C HIS E 221 46.75 14.91 -18.52
N SER E 222 46.50 14.38 -17.32
CA SER E 222 46.47 15.23 -16.14
C SER E 222 47.89 15.57 -15.69
N SER E 223 48.15 16.85 -15.50
CA SER E 223 49.46 17.30 -15.06
C SER E 223 49.27 18.23 -13.89
N TYR E 224 48.80 17.66 -12.80
CA TYR E 224 48.56 18.40 -11.58
C TYR E 224 48.55 17.42 -10.42
N ALA E 225 48.67 17.93 -9.21
CA ALA E 225 48.63 17.12 -8.00
C ALA E 225 47.49 17.64 -7.14
N HIS E 226 46.67 16.74 -6.62
CA HIS E 226 45.55 17.16 -5.80
C HIS E 226 45.99 17.72 -4.45
N SER E 227 45.42 18.86 -4.08
CA SER E 227 45.66 19.48 -2.79
C SER E 227 44.79 18.89 -1.70
N GLN E 228 43.96 17.91 -2.03
CA GLN E 228 43.19 17.15 -1.06
C GLN E 228 43.43 15.66 -1.24
N SER E 229 43.10 14.91 -0.20
CA SER E 229 43.20 13.47 -0.22
C SER E 229 41.79 12.88 -0.19
N LEU E 230 41.67 11.67 -0.75
CA LEU E 230 40.37 11.05 -0.92
C LEU E 230 39.62 10.91 0.40
N ASP E 231 40.33 10.66 1.49
CA ASP E 231 39.72 10.44 2.80
C ASP E 231 39.38 11.73 3.53
N ARG E 232 39.98 12.86 3.15
CA ARG E 232 39.79 14.12 3.85
C ARG E 232 38.78 15.07 3.19
N LEU E 233 38.05 14.62 2.17
CA LEU E 233 37.14 15.47 1.42
C LEU E 233 36.01 16.08 2.27
N MET E 234 35.88 15.68 3.52
CA MET E 234 34.81 16.13 4.39
C MET E 234 35.00 17.59 4.81
N ASN E 235 33.91 18.18 5.29
CA ASN E 235 33.98 19.45 6.01
C ASN E 235 34.50 19.17 7.42
N PRO E 236 35.63 19.74 7.83
CA PRO E 236 36.19 19.42 9.15
C PRO E 236 35.38 19.95 10.32
N LEU E 237 34.49 20.91 10.10
CA LEU E 237 33.80 21.55 11.22
C LEU E 237 32.47 20.91 11.60
N ILE E 238 31.91 20.06 10.75
CA ILE E 238 30.52 19.66 10.87
C ILE E 238 30.44 18.14 10.95
N ASP E 239 29.53 17.66 11.79
CA ASP E 239 29.25 16.23 11.89
C ASP E 239 28.54 15.72 10.65
N GLN E 240 28.64 14.41 10.45
CA GLN E 240 27.69 13.69 9.61
C GLN E 240 26.43 13.38 10.42
N TYR E 241 25.34 13.17 9.70
CA TYR E 241 24.11 12.71 10.34
C TYR E 241 24.06 11.19 10.41
N LEU E 242 25.15 10.54 10.03
CA LEU E 242 25.19 9.08 10.02
C LEU E 242 25.93 8.55 11.24
N TYR E 243 25.47 7.39 11.71
CA TYR E 243 26.02 6.73 12.88
C TYR E 243 26.88 5.54 12.46
N TYR E 244 27.91 5.28 13.28
CA TYR E 244 28.75 4.11 13.12
C TYR E 244 28.74 3.35 14.43
N LEU E 245 29.25 2.13 14.42
CA LEU E 245 29.20 1.29 15.61
C LEU E 245 30.46 1.53 16.42
N SER E 246 30.30 2.21 17.56
CA SER E 246 31.46 2.62 18.34
C SER E 246 31.98 1.51 19.25
N LYS E 247 31.10 0.87 20.02
CA LYS E 247 31.52 -0.01 21.10
C LYS E 247 30.61 -1.22 21.20
N THR E 248 31.20 -2.42 21.16
CA THR E 248 30.47 -3.67 21.19
C THR E 248 30.40 -4.36 22.54
N ILE E 249 31.06 -3.85 23.57
CA ILE E 249 30.99 -4.42 24.91
C ILE E 249 30.98 -3.30 25.94
N ASN E 250 30.23 -3.50 27.02
CA ASN E 250 30.15 -2.49 28.07
C ASN E 250 31.48 -2.31 28.77
N GLY E 251 32.18 -3.42 29.03
CA GLY E 251 33.46 -3.33 29.70
C GLY E 251 34.07 -4.71 29.86
N SER E 252 35.01 -4.80 30.79
CA SER E 252 35.64 -6.08 31.08
C SER E 252 34.72 -6.94 31.93
N GLY E 253 34.60 -8.21 31.57
CA GLY E 253 33.80 -9.15 32.30
C GLY E 253 33.20 -10.18 31.37
N GLN E 254 32.25 -10.94 31.89
CA GLN E 254 31.55 -11.97 31.14
C GLN E 254 30.21 -11.44 30.65
N ASN E 255 29.85 -11.83 29.42
CA ASN E 255 28.56 -11.48 28.83
C ASN E 255 28.34 -9.97 28.81
N GLN E 256 29.32 -9.24 28.28
CA GLN E 256 29.28 -7.80 28.21
C GLN E 256 28.76 -7.26 26.88
N GLN E 257 28.28 -8.14 26.00
CA GLN E 257 27.86 -7.73 24.66
C GLN E 257 26.89 -6.56 24.71
N THR E 258 27.12 -5.57 23.85
CA THR E 258 26.24 -4.42 23.75
C THR E 258 26.42 -3.81 22.36
N LEU E 259 25.49 -2.94 21.99
CA LEU E 259 25.57 -2.20 20.75
C LEU E 259 25.51 -0.71 21.06
N LYS E 260 26.58 0.01 20.74
CA LYS E 260 26.65 1.44 20.96
C LYS E 260 27.01 2.14 19.67
N PHE E 261 26.21 3.12 19.28
CA PHE E 261 26.41 3.86 18.05
C PHE E 261 26.78 5.30 18.36
N SER E 262 27.59 5.90 17.50
CA SER E 262 28.06 7.26 17.69
C SER E 262 28.00 8.02 16.37
N VAL E 263 27.91 9.33 16.47
CA VAL E 263 27.95 10.19 15.31
C VAL E 263 29.38 10.26 14.78
N ALA E 264 29.52 10.13 13.47
CA ALA E 264 30.80 10.38 12.82
C ALA E 264 31.01 11.88 12.66
N GLY E 265 32.18 12.36 13.06
CA GLY E 265 32.42 13.78 13.14
C GLY E 265 33.88 14.15 13.04
N PRO E 266 34.18 15.42 13.29
CA PRO E 266 35.58 15.89 13.21
C PRO E 266 36.53 15.13 14.12
N SER E 267 36.05 14.68 15.28
CA SER E 267 36.94 14.03 16.23
C SER E 267 37.43 12.68 15.70
N ASN E 268 36.56 11.91 15.05
CA ASN E 268 36.95 10.66 14.42
C ASN E 268 36.62 10.79 12.94
N MET E 269 37.65 10.95 12.11
CA MET E 269 37.43 11.15 10.68
C MET E 269 37.55 9.85 9.91
N ALA E 270 38.06 8.80 10.56
CA ALA E 270 38.33 7.57 9.84
C ALA E 270 37.06 6.77 9.58
N VAL E 271 36.06 6.94 10.45
CA VAL E 271 34.91 6.03 10.42
C VAL E 271 33.75 6.65 9.64
N GLN E 272 33.96 7.82 9.05
CA GLN E 272 32.87 8.49 8.36
C GLN E 272 32.50 7.77 7.07
N GLY E 273 31.23 7.88 6.68
CA GLY E 273 30.81 7.33 5.41
C GLY E 273 31.30 8.18 4.25
N ARG E 274 31.84 7.51 3.24
CA ARG E 274 32.42 8.21 2.10
C ARG E 274 31.82 7.68 0.82
N ASN E 275 31.60 8.60 -0.12
CA ASN E 275 31.00 8.27 -1.40
C ASN E 275 31.98 7.63 -2.37
N TYR E 276 33.27 7.78 -2.15
CA TYR E 276 34.27 7.31 -3.10
C TYR E 276 35.44 6.70 -2.36
N ILE E 277 36.02 5.66 -2.96
CA ILE E 277 37.06 4.86 -2.33
C ILE E 277 38.27 4.88 -3.27
N PRO E 278 39.46 4.58 -2.75
CA PRO E 278 40.65 4.61 -3.61
C PRO E 278 40.62 3.52 -4.66
N GLY E 279 41.39 3.75 -5.71
CA GLY E 279 41.40 2.89 -6.88
C GLY E 279 42.02 1.54 -6.62
N PRO E 280 42.19 0.76 -7.68
CA PRO E 280 42.67 -0.62 -7.52
C PRO E 280 44.15 -0.67 -7.15
N SER E 281 44.54 -1.82 -6.60
CA SER E 281 45.90 -2.04 -6.16
C SER E 281 46.31 -3.48 -6.40
N TYR E 282 47.54 -3.67 -6.85
CA TYR E 282 48.15 -4.99 -7.01
C TYR E 282 49.51 -4.88 -6.34
N ARG E 283 49.70 -5.53 -5.19
CA ARG E 283 50.80 -5.13 -4.33
C ARG E 283 52.16 -5.39 -4.97
N GLN E 284 53.11 -4.50 -4.67
CA GLN E 284 54.50 -4.62 -5.07
C GLN E 284 55.37 -4.87 -3.84
N GLN E 285 56.53 -5.47 -4.07
CA GLN E 285 57.48 -5.67 -3.00
C GLN E 285 58.26 -4.39 -2.74
N ARG E 286 58.47 -4.09 -1.45
CA ARG E 286 59.10 -2.84 -1.03
C ARG E 286 60.61 -3.04 -0.92
N VAL E 287 61.38 -2.23 -1.65
CA VAL E 287 62.83 -2.33 -1.67
C VAL E 287 63.42 -1.00 -1.22
N SER E 288 64.43 -1.08 -0.35
CA SER E 288 65.06 0.08 0.26
C SER E 288 66.33 0.47 -0.50
N THR E 289 66.56 1.77 -0.60
CA THR E 289 67.83 2.28 -1.12
C THR E 289 68.95 2.20 -0.10
N THR E 290 68.64 1.89 1.15
CA THR E 290 69.67 1.61 2.15
C THR E 290 69.86 0.10 2.18
N VAL E 291 71.01 -0.36 1.69
CA VAL E 291 71.18 -1.78 1.38
C VAL E 291 71.17 -2.64 2.64
N THR E 292 71.54 -2.10 3.78
CA THR E 292 71.54 -2.89 5.01
C THR E 292 70.14 -3.10 5.55
N GLN E 293 69.15 -2.35 5.05
CA GLN E 293 67.76 -2.57 5.43
C GLN E 293 67.13 -3.73 4.65
N ASN E 294 67.62 -4.01 3.46
CA ASN E 294 67.08 -5.10 2.66
C ASN E 294 67.55 -6.46 3.16
N ASN E 295 66.77 -7.49 2.88
CA ASN E 295 67.08 -8.85 3.28
C ASN E 295 68.30 -9.34 2.52
N ASN E 296 69.12 -10.16 3.17
CA ASN E 296 70.33 -10.68 2.52
C ASN E 296 70.02 -11.95 1.71
N SER E 297 69.29 -11.78 0.61
CA SER E 297 68.92 -12.86 -0.27
C SER E 297 68.62 -12.29 -1.65
N GLU E 298 68.59 -13.13 -2.68
CA GLU E 298 68.30 -12.63 -4.01
C GLU E 298 66.80 -12.70 -4.23
N PHE E 299 66.15 -11.54 -4.19
CA PHE E 299 64.71 -11.45 -4.37
C PHE E 299 64.22 -10.66 -5.58
N ALA E 300 65.13 -10.28 -6.48
CA ALA E 300 64.75 -9.52 -7.68
C ALA E 300 63.67 -10.26 -8.45
N TRP E 301 63.94 -11.53 -8.74
CA TRP E 301 62.94 -12.37 -9.42
C TRP E 301 62.04 -13.10 -8.44
N PRO E 302 62.55 -13.83 -7.42
CA PRO E 302 61.65 -14.67 -6.62
C PRO E 302 60.57 -13.90 -5.87
N GLY E 303 60.84 -12.66 -5.48
CA GLY E 303 59.88 -11.92 -4.68
C GLY E 303 59.10 -10.88 -5.45
N ALA E 304 59.10 -10.98 -6.77
CA ALA E 304 58.49 -9.98 -7.64
C ALA E 304 57.08 -10.39 -8.02
N SER E 305 56.19 -9.40 -8.09
CA SER E 305 54.83 -9.63 -8.53
C SER E 305 54.79 -9.81 -10.04
N SER E 306 54.16 -10.89 -10.50
CA SER E 306 54.12 -11.22 -11.91
C SER E 306 52.73 -11.67 -12.29
N TRP E 307 52.45 -11.63 -13.58
CA TRP E 307 51.23 -12.22 -14.14
C TRP E 307 51.59 -13.31 -15.13
N ALA E 308 50.80 -14.38 -15.10
CA ALA E 308 51.04 -15.57 -15.90
C ALA E 308 50.10 -15.61 -17.10
N LEU E 309 50.68 -15.82 -18.28
CA LEU E 309 49.92 -15.88 -19.52
C LEU E 309 50.39 -17.07 -20.34
N ASN E 310 49.49 -18.04 -20.54
CA ASN E 310 49.77 -19.24 -21.32
C ASN E 310 51.03 -19.95 -20.86
N GLY E 311 51.23 -20.01 -19.55
CA GLY E 311 52.35 -20.70 -18.95
C GLY E 311 53.59 -19.86 -18.74
N ARG E 312 53.72 -18.74 -19.44
CA ARG E 312 54.87 -17.85 -19.28
C ARG E 312 54.59 -16.84 -18.17
N ASN E 313 55.60 -16.58 -17.36
CA ASN E 313 55.50 -15.65 -16.24
C ASN E 313 56.14 -14.33 -16.61
N SER E 314 55.32 -13.30 -16.80
CA SER E 314 55.78 -11.97 -17.14
C SER E 314 55.72 -11.09 -15.90
N LEU E 315 56.82 -10.37 -15.64
CA LEU E 315 56.88 -9.45 -14.52
C LEU E 315 55.78 -8.41 -14.64
N MET E 316 55.29 -7.91 -13.50
CA MET E 316 54.32 -6.83 -13.51
C MET E 316 55.12 -5.54 -13.46
N ASN E 317 55.23 -4.87 -14.60
CA ASN E 317 56.01 -3.65 -14.71
C ASN E 317 55.37 -2.74 -15.75
N PRO E 318 55.25 -1.44 -15.43
CA PRO E 318 55.37 -0.86 -14.10
C PRO E 318 54.23 -1.30 -13.18
N GLY E 319 53.18 -1.84 -13.78
CA GLY E 319 52.01 -2.26 -13.05
C GLY E 319 50.98 -1.16 -13.00
N PRO E 320 49.89 -1.39 -12.28
CA PRO E 320 48.91 -0.32 -12.08
C PRO E 320 49.54 0.89 -11.39
N ALA E 321 48.92 2.04 -11.58
CA ALA E 321 49.44 3.28 -11.01
C ALA E 321 49.17 3.30 -9.51
N MET E 322 50.23 3.38 -8.72
CA MET E 322 50.12 3.38 -7.27
C MET E 322 51.23 4.22 -6.67
N ALA E 323 50.99 4.72 -5.46
CA ALA E 323 51.99 5.52 -4.77
C ALA E 323 53.23 4.67 -4.47
N SER E 324 54.41 5.22 -4.77
CA SER E 324 55.64 4.47 -4.58
C SER E 324 55.92 4.19 -3.11
N HIS E 325 55.51 5.10 -2.23
CA HIS E 325 55.84 4.97 -0.82
C HIS E 325 54.85 5.79 0.00
N LYS E 326 54.81 5.53 1.30
CA LYS E 326 53.93 6.28 2.18
C LYS E 326 54.57 7.63 2.49
N GLU E 327 53.79 8.58 3.00
CA GLU E 327 54.32 9.89 3.28
C GLU E 327 55.45 9.80 4.30
N GLY E 328 56.55 10.49 4.03
CA GLY E 328 57.68 10.49 4.91
C GLY E 328 58.77 9.49 4.56
N GLU E 329 58.39 8.27 4.17
CA GLU E 329 59.38 7.26 3.86
C GLU E 329 59.75 7.42 2.39
N ASP E 330 60.89 8.02 2.11
CA ASP E 330 61.39 8.15 0.75
C ASP E 330 62.47 7.16 0.41
N ARG E 331 62.92 6.35 1.37
CA ARG E 331 64.02 5.43 1.13
C ARG E 331 63.57 4.10 0.54
N PHE E 332 62.26 3.97 0.31
CA PHE E 332 61.71 2.74 -0.23
C PHE E 332 61.11 2.93 -1.62
N PHE E 333 61.30 1.94 -2.48
CA PHE E 333 60.74 1.98 -3.81
C PHE E 333 60.13 0.63 -4.16
N PRO E 334 59.03 0.63 -4.93
CA PRO E 334 58.39 -0.61 -5.33
C PRO E 334 59.34 -1.38 -6.22
N LEU E 335 59.38 -2.69 -6.09
CA LEU E 335 60.34 -3.46 -6.88
C LEU E 335 60.15 -3.31 -8.39
N SER E 336 58.91 -3.37 -8.85
CA SER E 336 58.63 -3.18 -10.29
C SER E 336 57.69 -2.00 -10.51
N GLY E 337 57.33 -1.33 -9.43
CA GLY E 337 56.42 -0.20 -9.44
C GLY E 337 56.77 1.09 -10.16
N SER E 338 58.03 1.49 -10.11
CA SER E 338 58.45 2.74 -10.74
C SER E 338 59.31 2.51 -11.98
N LEU E 339 59.24 3.47 -12.91
CA LEU E 339 60.04 3.40 -14.12
C LEU E 339 61.51 3.57 -13.79
N ILE E 358 65.32 6.55 -10.30
CA ILE E 358 64.08 5.97 -9.81
C ILE E 358 62.97 6.99 -9.72
N THR E 359 62.03 6.94 -10.65
CA THR E 359 60.89 7.86 -10.66
C THR E 359 60.01 7.63 -9.43
N ASN E 360 59.44 8.70 -8.91
CA ASN E 360 58.59 8.62 -7.73
C ASN E 360 57.14 8.95 -8.10
N GLU E 361 56.23 8.11 -7.61
CA GLU E 361 54.80 8.26 -7.87
C GLU E 361 54.03 8.75 -6.65
N GLU E 362 54.74 9.41 -5.74
CA GLU E 362 54.16 9.91 -4.49
C GLU E 362 53.06 10.97 -4.66
N GLU E 363 53.06 11.69 -5.77
CA GLU E 363 52.06 12.73 -6.00
C GLU E 363 50.61 12.21 -6.10
N ILE E 364 50.46 10.94 -6.48
CA ILE E 364 49.12 10.35 -6.64
C ILE E 364 48.64 9.57 -5.42
N LYS E 365 49.35 9.72 -4.30
CA LYS E 365 49.03 9.06 -3.03
C LYS E 365 47.67 9.47 -2.43
N THR E 366 47.23 10.69 -2.73
CA THR E 366 45.97 11.20 -2.25
C THR E 366 44.79 10.37 -2.73
N THR E 367 44.81 9.93 -3.99
CA THR E 367 43.72 9.12 -4.54
C THR E 367 44.07 7.65 -4.81
N ASN E 368 45.35 7.31 -4.81
CA ASN E 368 45.75 5.95 -5.08
C ASN E 368 46.46 5.31 -3.91
N PRO E 369 46.20 4.00 -3.66
CA PRO E 369 46.85 3.33 -2.54
C PRO E 369 48.33 3.09 -2.83
N VAL E 370 49.10 2.91 -1.75
CA VAL E 370 50.55 2.73 -1.88
C VAL E 370 50.83 1.38 -2.50
N ALA E 371 51.81 1.35 -3.40
CA ALA E 371 52.14 0.15 -4.15
C ALA E 371 52.62 -0.98 -3.25
N THR E 372 53.29 -0.63 -2.16
CA THR E 372 53.90 -1.60 -1.26
C THR E 372 53.03 -1.94 -0.07
N GLU E 373 51.80 -1.43 -0.02
CA GLU E 373 50.91 -1.65 1.10
C GLU E 373 49.66 -2.40 0.66
N SER E 374 49.00 -3.05 1.61
CA SER E 374 47.72 -3.70 1.32
C SER E 374 46.65 -2.67 1.04
N TYR E 375 45.66 -3.06 0.23
CA TYR E 375 44.54 -2.15 -0.03
C TYR E 375 43.74 -1.92 1.24
N GLY E 376 43.68 -2.90 2.12
CA GLY E 376 42.94 -2.78 3.35
C GLY E 376 42.69 -4.14 3.96
N GLN E 377 41.69 -4.19 4.82
CA GLN E 377 41.31 -5.42 5.51
C GLN E 377 39.88 -5.81 5.16
N VAL E 378 39.60 -7.11 5.24
CA VAL E 378 38.28 -7.66 4.98
C VAL E 378 37.96 -8.67 6.08
N ALA E 379 36.71 -8.66 6.55
CA ALA E 379 36.23 -9.65 7.49
C ALA E 379 36.28 -11.03 6.83
N THR E 380 36.97 -11.97 7.47
CA THR E 380 37.10 -13.31 6.89
C THR E 380 35.91 -14.20 7.23
N ASN E 381 35.36 -14.10 8.43
CA ASN E 381 34.37 -15.06 8.91
C ASN E 381 33.12 -14.35 9.42
N HIS E 382 32.21 -15.15 9.98
CA HIS E 382 31.11 -14.68 10.79
C HIS E 382 31.52 -14.77 12.26
N GLN E 383 31.47 -13.65 12.96
CA GLN E 383 31.68 -13.68 14.40
C GLN E 383 30.52 -14.39 15.07
N SER E 384 30.75 -14.82 16.30
CA SER E 384 29.70 -15.38 17.15
C SER E 384 30.20 -15.35 18.58
N ALA E 385 29.33 -15.77 19.50
CA ALA E 385 29.75 -15.89 20.89
C ALA E 385 30.97 -16.80 21.02
N GLN E 386 31.05 -17.83 20.18
CA GLN E 386 32.18 -18.75 20.21
C GLN E 386 33.37 -18.23 19.42
N ALA E 387 33.12 -17.51 18.32
CA ALA E 387 34.16 -17.19 17.34
C ALA E 387 34.35 -15.69 17.24
N GLN E 388 35.58 -15.23 17.47
CA GLN E 388 35.87 -13.80 17.41
C GLN E 388 36.06 -13.35 15.97
N ALA E 389 35.83 -12.05 15.74
CA ALA E 389 35.92 -11.48 14.41
C ALA E 389 37.35 -11.56 13.89
N GLN E 390 37.51 -12.05 12.67
CA GLN E 390 38.80 -12.21 12.05
C GLN E 390 38.85 -11.39 10.77
N THR E 391 40.05 -10.91 10.44
CA THR E 391 40.24 -10.06 9.28
C THR E 391 41.46 -10.52 8.50
N GLY E 392 41.35 -10.49 7.18
CA GLY E 392 42.47 -10.78 6.30
C GLY E 392 42.98 -9.49 5.67
N TRP E 393 44.13 -9.58 5.02
CA TRP E 393 44.67 -8.45 4.28
C TRP E 393 44.35 -8.60 2.80
N VAL E 394 44.01 -7.49 2.15
CA VAL E 394 43.71 -7.46 0.74
C VAL E 394 45.01 -7.13 0.02
N GLN E 395 45.58 -8.13 -0.67
CA GLN E 395 46.83 -7.92 -1.37
C GLN E 395 46.58 -7.27 -2.73
N ASN E 396 45.55 -7.72 -3.43
CA ASN E 396 45.13 -7.13 -4.70
C ASN E 396 43.64 -6.85 -4.66
N GLN E 397 43.23 -5.74 -5.26
CA GLN E 397 41.83 -5.39 -5.36
C GLN E 397 41.55 -4.84 -6.75
N GLY E 398 40.64 -5.50 -7.47
CA GLY E 398 40.22 -5.01 -8.76
C GLY E 398 39.22 -3.87 -8.64
N ILE E 399 38.78 -3.40 -9.80
CA ILE E 399 37.87 -2.26 -9.85
C ILE E 399 36.61 -2.53 -9.04
N LEU E 400 36.19 -1.52 -8.28
CA LEU E 400 34.92 -1.50 -7.57
C LEU E 400 34.17 -0.24 -7.96
N PRO E 401 32.85 -0.30 -8.01
CA PRO E 401 32.07 0.92 -8.22
C PRO E 401 32.35 1.92 -7.11
N GLY E 402 32.61 3.17 -7.50
CA GLY E 402 32.95 4.20 -6.55
C GLY E 402 34.43 4.46 -6.41
N MET E 403 35.29 3.72 -7.10
CA MET E 403 36.72 3.97 -7.07
C MET E 403 37.08 5.16 -7.95
N VAL E 404 38.06 5.93 -7.49
CA VAL E 404 38.69 6.98 -8.30
C VAL E 404 40.19 6.81 -8.16
N TRP E 405 40.91 7.13 -9.24
CA TRP E 405 42.34 6.90 -9.28
C TRP E 405 42.98 7.90 -10.23
N GLN E 406 44.29 8.04 -10.11
CA GLN E 406 45.12 8.79 -11.04
C GLN E 406 45.99 7.84 -11.85
N ASP E 407 46.32 8.27 -13.06
CA ASP E 407 47.20 7.49 -13.93
C ASP E 407 48.66 7.80 -13.61
N ARG E 408 49.57 7.12 -14.31
CA ARG E 408 50.99 7.34 -14.11
C ARG E 408 51.45 8.59 -14.85
N ASP E 409 52.34 9.34 -14.20
CA ASP E 409 52.79 10.61 -14.74
C ASP E 409 53.66 10.40 -15.97
N VAL E 410 53.77 11.44 -16.79
CA VAL E 410 54.63 11.42 -17.96
C VAL E 410 55.78 12.40 -17.78
N ASP F 17 15.43 46.95 -3.31
CA ASP F 17 14.41 47.98 -3.46
C ASP F 17 14.41 48.93 -2.25
N GLY F 18 13.65 48.57 -1.23
CA GLY F 18 13.51 49.42 -0.07
C GLY F 18 13.31 48.63 1.20
N VAL F 19 13.32 49.35 2.33
CA VAL F 19 13.22 48.70 3.63
C VAL F 19 11.84 48.11 3.84
N GLY F 20 10.79 48.85 3.49
CA GLY F 20 9.43 48.47 3.80
C GLY F 20 8.68 47.72 2.72
N SER F 21 9.37 47.08 1.79
CA SER F 21 8.74 46.29 0.75
C SER F 21 9.39 44.91 0.69
N SER F 22 8.56 43.88 0.68
CA SER F 22 9.04 42.50 0.64
C SER F 22 9.70 42.21 -0.70
N SER F 23 10.85 41.53 -0.65
CA SER F 23 11.60 41.16 -1.84
C SER F 23 11.28 39.75 -2.33
N GLY F 24 10.35 39.06 -1.68
CA GLY F 24 9.97 37.73 -2.10
C GLY F 24 8.80 37.23 -1.28
N ASN F 25 8.18 36.17 -1.78
CA ASN F 25 7.04 35.55 -1.13
C ASN F 25 7.40 34.15 -0.67
N TRP F 26 6.45 33.52 0.01
CA TRP F 26 6.64 32.18 0.56
C TRP F 26 6.12 31.18 -0.44
N HIS F 27 7.00 30.32 -0.95
CA HIS F 27 6.60 29.33 -1.93
C HIS F 27 6.93 27.89 -1.56
N CYS F 28 6.01 27.22 -0.86
CA CYS F 28 6.21 25.81 -0.54
C CYS F 28 5.11 25.09 -1.29
N ASP F 29 5.50 24.27 -2.27
CA ASP F 29 4.50 23.54 -3.06
C ASP F 29 5.09 22.35 -3.79
N SER F 30 4.22 21.42 -4.18
CA SER F 30 4.62 20.28 -4.97
C SER F 30 3.61 20.21 -6.11
N GLN F 31 4.08 20.05 -7.33
CA GLN F 31 3.15 19.96 -8.44
C GLN F 31 3.38 18.69 -9.24
N TRP F 32 2.32 17.96 -9.53
CA TRP F 32 2.46 16.76 -10.31
C TRP F 32 1.75 17.00 -11.62
N LEU F 33 2.47 16.85 -12.72
CA LEU F 33 1.90 17.07 -14.03
C LEU F 33 2.58 16.17 -15.04
N GLY F 34 2.03 14.99 -15.20
CA GLY F 34 2.55 13.98 -16.10
C GLY F 34 3.80 13.29 -15.60
N ASP F 35 4.88 13.41 -16.36
CA ASP F 35 6.17 12.83 -16.04
C ASP F 35 7.06 13.76 -15.20
N ARG F 36 6.54 14.89 -14.73
CA ARG F 36 7.35 15.85 -14.02
C ARG F 36 6.75 16.14 -12.65
N VAL F 37 7.63 16.39 -11.68
CA VAL F 37 7.24 16.87 -10.36
C VAL F 37 8.08 18.10 -10.07
N ILE F 38 7.43 19.17 -9.61
CA ILE F 38 8.12 20.40 -9.27
C ILE F 38 7.96 20.62 -7.77
N THR F 39 9.05 20.43 -7.02
CA THR F 39 9.05 20.69 -5.60
C THR F 39 9.55 22.10 -5.33
N THR F 40 8.98 22.74 -4.31
CA THR F 40 9.40 24.07 -3.92
C THR F 40 9.41 24.13 -2.40
N SER F 41 10.52 24.58 -1.81
CA SER F 41 10.69 24.62 -0.37
C SER F 41 11.23 25.96 0.04
N THR F 42 10.54 26.61 0.98
CA THR F 42 10.98 27.86 1.56
C THR F 42 11.20 27.66 3.06
N ARG F 43 12.32 28.15 3.57
CA ARG F 43 12.66 28.04 4.98
C ARG F 43 13.12 29.40 5.48
N THR F 44 13.17 29.52 6.80
CA THR F 44 13.74 30.69 7.47
C THR F 44 15.08 30.31 8.08
N TRP F 45 16.11 31.11 7.83
CA TRP F 45 17.45 30.84 8.31
C TRP F 45 17.95 31.98 9.19
N ALA F 46 18.98 31.68 9.97
CA ALA F 46 19.70 32.67 10.76
C ALA F 46 21.19 32.44 10.56
N LEU F 47 21.92 33.52 10.28
CA LEU F 47 23.35 33.44 10.00
C LEU F 47 24.13 34.20 11.07
N PRO F 48 24.94 33.55 11.87
CA PRO F 48 25.79 34.27 12.85
C PRO F 48 27.13 34.64 12.22
N THR F 49 28.01 35.18 13.06
CA THR F 49 29.38 35.44 12.67
C THR F 49 30.27 34.29 13.15
N TYR F 50 31.05 33.73 12.24
CA TYR F 50 31.94 32.62 12.56
C TYR F 50 33.38 33.08 12.60
N ASN F 51 34.15 32.47 13.51
CA ASN F 51 35.58 32.71 13.68
C ASN F 51 35.92 34.16 13.97
N ASN F 52 34.95 34.94 14.47
CA ASN F 52 35.16 36.37 14.71
C ASN F 52 35.77 37.05 13.48
N HIS F 53 35.21 36.75 12.30
CA HIS F 53 35.63 37.33 11.03
C HIS F 53 37.04 36.93 10.63
N LEU F 54 37.48 35.72 10.96
CA LEU F 54 38.86 35.31 10.73
C LEU F 54 38.93 33.98 9.99
N TYR F 55 40.07 33.75 9.36
CA TYR F 55 40.43 32.43 8.85
C TYR F 55 41.42 31.79 9.82
N LYS F 56 40.98 30.77 10.53
CA LYS F 56 41.77 30.22 11.63
C LYS F 56 42.24 28.82 11.28
N GLN F 57 43.56 28.67 11.16
CA GLN F 57 44.18 27.38 10.91
C GLN F 57 43.78 26.36 11.97
N ILE F 58 43.33 25.19 11.52
CA ILE F 58 42.89 24.13 12.41
C ILE F 58 43.60 22.84 12.04
N SER F 59 43.79 21.97 13.02
CA SER F 59 44.40 20.67 12.81
C SER F 59 44.06 19.78 14.01
N ASN F 60 44.59 18.56 13.99
CA ASN F 60 44.40 17.67 15.12
C ASN F 60 45.21 18.13 16.34
N SER F 61 46.28 18.88 16.08
CA SER F 61 47.15 19.35 17.16
C SER F 61 46.37 20.17 18.18
N THR F 62 45.34 20.88 17.75
CA THR F 62 44.48 21.59 18.69
C THR F 62 43.62 20.62 19.48
N SER F 63 43.19 19.53 18.85
CA SER F 63 42.35 18.52 19.50
C SER F 63 43.15 17.35 20.05
N GLY F 64 44.46 17.31 19.84
CA GLY F 64 45.32 16.31 20.42
C GLY F 64 45.69 15.17 19.50
N GLY F 65 44.84 14.86 18.51
CA GLY F 65 45.18 13.91 17.46
C GLY F 65 45.74 12.59 17.93
N SER F 66 45.02 11.92 18.84
CA SER F 66 45.56 10.72 19.50
C SER F 66 45.88 9.60 18.52
N SER F 67 45.28 9.60 17.33
CA SER F 67 45.53 8.58 16.33
C SER F 67 46.04 9.24 15.05
N ASN F 68 46.82 8.49 14.28
CA ASN F 68 47.26 8.97 12.98
C ASN F 68 46.15 8.88 11.94
N ASP F 69 45.20 7.94 12.14
CA ASP F 69 44.11 7.80 11.18
C ASP F 69 43.21 9.02 11.19
N ASN F 70 43.17 9.74 12.31
CA ASN F 70 42.34 10.92 12.48
C ASN F 70 43.08 12.23 12.21
N ALA F 71 44.34 12.15 11.79
CA ALA F 71 45.13 13.36 11.57
C ALA F 71 44.61 14.17 10.40
N TYR F 72 44.56 15.49 10.58
CA TYR F 72 44.04 16.36 9.54
C TYR F 72 44.67 17.75 9.67
N PHE F 73 44.63 18.49 8.57
CA PHE F 73 45.08 19.87 8.50
C PHE F 73 44.17 20.65 7.59
N GLY F 74 43.80 21.85 7.99
CA GLY F 74 42.92 22.66 7.18
C GLY F 74 42.66 24.01 7.80
N TYR F 75 41.59 24.65 7.34
CA TYR F 75 41.23 25.99 7.79
C TYR F 75 39.72 26.09 7.98
N SER F 76 39.32 26.82 9.02
CA SER F 76 37.93 27.21 9.22
C SER F 76 37.74 28.62 8.68
N THR F 77 36.59 28.87 8.08
CA THR F 77 36.29 30.13 7.42
C THR F 77 35.14 30.84 8.12
N PRO F 78 35.09 32.17 8.04
CA PRO F 78 33.94 32.90 8.59
C PRO F 78 32.65 32.69 7.80
N TRP F 79 32.74 32.17 6.58
CA TRP F 79 31.59 32.00 5.71
C TRP F 79 30.71 30.83 6.16
N GLY F 80 29.42 30.92 5.85
CA GLY F 80 28.51 29.81 5.95
C GLY F 80 28.13 29.30 4.56
N TYR F 81 27.33 28.23 4.54
CA TYR F 81 26.89 27.68 3.27
C TYR F 81 25.53 27.03 3.42
N PHE F 82 24.76 27.05 2.33
CA PHE F 82 23.44 26.43 2.29
C PHE F 82 23.53 25.00 1.79
N ASP F 83 22.85 24.10 2.50
CA ASP F 83 22.84 22.69 2.13
C ASP F 83 21.38 22.22 2.08
N PHE F 84 20.86 22.00 0.88
CA PHE F 84 19.57 21.35 0.67
C PHE F 84 19.69 19.90 0.18
N ASN F 85 20.89 19.33 0.22
CA ASN F 85 21.24 18.08 -0.43
C ASN F 85 20.46 16.85 0.07
N ARG F 86 19.60 16.95 1.07
CA ARG F 86 18.85 15.79 1.55
C ARG F 86 17.43 15.80 0.99
N PHE F 87 16.92 14.61 0.67
CA PHE F 87 15.59 14.44 0.08
C PHE F 87 14.43 15.02 0.86
N HIS F 88 14.52 15.00 2.19
CA HIS F 88 13.45 15.53 3.03
C HIS F 88 13.23 17.06 2.93
N CYS F 89 14.26 17.79 2.52
CA CYS F 89 14.19 19.23 2.33
C CYS F 89 13.16 19.59 1.26
N HIS F 90 13.09 18.80 0.21
CA HIS F 90 12.17 19.08 -0.89
C HIS F 90 10.89 18.24 -0.94
N PHE F 91 10.85 17.09 -0.29
CA PHE F 91 9.69 16.21 -0.38
C PHE F 91 9.01 16.10 0.97
N SER F 92 7.70 16.23 0.98
CA SER F 92 6.93 15.87 2.16
C SER F 92 6.82 14.35 2.24
N PRO F 93 6.51 13.80 3.41
CA PRO F 93 6.31 12.35 3.49
C PRO F 93 5.22 11.84 2.58
N ARG F 94 4.19 12.65 2.34
CA ARG F 94 3.15 12.26 1.38
C ARG F 94 3.69 12.30 -0.05
N ASP F 95 4.38 13.38 -0.39
CA ASP F 95 4.97 13.51 -1.71
C ASP F 95 5.87 12.34 -2.02
N TRP F 96 6.66 11.95 -1.03
CA TRP F 96 7.58 10.84 -1.18
C TRP F 96 6.81 9.57 -1.45
N GLN F 97 5.71 9.37 -0.73
CA GLN F 97 4.87 8.19 -0.92
C GLN F 97 4.27 8.19 -2.32
N ARG F 98 3.86 9.36 -2.79
CA ARG F 98 3.30 9.45 -4.12
C ARG F 98 4.34 9.04 -5.15
N LEU F 99 5.55 9.53 -4.98
CA LEU F 99 6.63 9.20 -5.88
C LEU F 99 7.06 7.74 -5.88
N ILE F 100 7.27 7.17 -4.70
CA ILE F 100 7.71 5.79 -4.60
C ILE F 100 6.68 4.74 -5.05
N ASN F 101 5.43 4.97 -4.70
CA ASN F 101 4.35 4.05 -5.05
C ASN F 101 4.01 3.89 -6.52
N ASN F 102 4.08 4.97 -7.28
CA ASN F 102 3.70 4.90 -8.68
C ASN F 102 4.79 5.13 -9.70
N ASN F 103 6.05 5.09 -9.31
CA ASN F 103 7.11 5.35 -10.28
C ASN F 103 8.24 4.34 -10.20
N TRP F 104 8.77 3.98 -11.37
CA TRP F 104 9.96 3.17 -11.50
C TRP F 104 11.26 3.96 -11.39
N GLY F 105 11.23 5.28 -11.59
CA GLY F 105 12.47 6.02 -11.56
C GLY F 105 12.23 7.52 -11.55
N PHE F 106 13.25 8.23 -11.10
CA PHE F 106 13.20 9.69 -11.06
C PHE F 106 14.63 10.20 -11.08
N ARG F 107 14.76 11.50 -11.33
CA ARG F 107 16.05 12.16 -11.43
C ARG F 107 15.82 13.66 -11.58
N PRO F 108 16.68 14.48 -10.99
CA PRO F 108 16.46 15.93 -11.02
C PRO F 108 16.83 16.53 -12.37
N LYS F 109 16.14 17.61 -12.71
CA LYS F 109 16.34 18.31 -13.97
C LYS F 109 16.86 19.72 -13.77
N ARG F 110 16.07 20.59 -13.15
CA ARG F 110 16.41 22.00 -13.01
C ARG F 110 16.33 22.42 -11.55
N LEU F 111 17.27 23.27 -11.17
CA LEU F 111 17.34 23.83 -9.83
C LEU F 111 17.09 25.33 -9.93
N ASN F 112 16.31 25.86 -8.98
CA ASN F 112 16.03 27.29 -8.93
C ASN F 112 16.14 27.73 -7.48
N PHE F 113 16.98 28.72 -7.22
CA PHE F 113 17.34 29.12 -5.86
C PHE F 113 17.02 30.59 -5.70
N LYS F 114 16.56 30.97 -4.52
CA LYS F 114 16.23 32.36 -4.22
C LYS F 114 16.53 32.73 -2.78
N LEU F 115 17.12 33.90 -2.59
CA LEU F 115 17.43 34.42 -1.27
C LEU F 115 16.66 35.74 -1.17
N PHE F 116 15.89 35.92 -0.10
CA PHE F 116 15.10 37.13 0.04
C PHE F 116 14.75 37.50 1.47
N ASN F 117 14.25 38.73 1.63
CA ASN F 117 13.84 39.28 2.93
C ASN F 117 14.95 39.25 3.96
N ILE F 118 16.16 39.60 3.51
CA ILE F 118 17.31 39.62 4.38
C ILE F 118 17.12 40.62 5.50
N GLN F 119 17.49 40.22 6.70
CA GLN F 119 17.43 41.09 7.87
C GLN F 119 18.75 41.03 8.58
N VAL F 120 19.31 42.19 8.93
CA VAL F 120 20.57 42.21 9.63
C VAL F 120 20.34 42.79 11.01
N LYS F 121 20.58 41.99 12.03
CA LYS F 121 20.38 42.44 13.40
C LYS F 121 21.72 42.73 14.05
N GLU F 122 21.73 43.70 14.95
CA GLU F 122 22.92 44.04 15.74
C GLU F 122 22.62 43.79 17.21
N VAL F 123 23.55 43.16 17.90
CA VAL F 123 23.33 42.82 19.30
C VAL F 123 24.12 43.67 20.29
N THR F 124 23.68 44.90 20.49
CA THR F 124 24.33 45.78 21.43
C THR F 124 24.13 45.21 22.83
N ASP F 125 25.20 45.17 23.61
CA ASP F 125 25.12 44.66 24.96
C ASP F 125 25.65 45.69 25.95
N ASN F 126 24.81 46.10 26.89
CA ASN F 126 25.21 47.06 27.91
C ASN F 126 25.11 46.32 29.24
N ASN F 127 26.21 46.29 29.98
CA ASN F 127 26.28 45.60 31.26
C ASN F 127 25.82 44.15 31.06
N GLY F 128 24.86 43.71 31.85
CA GLY F 128 24.34 42.35 31.75
C GLY F 128 23.13 42.18 30.85
N VAL F 129 22.71 43.27 30.21
CA VAL F 129 21.54 43.23 29.34
C VAL F 129 21.88 43.31 27.85
N LYS F 130 21.34 42.39 27.07
CA LYS F 130 21.59 42.37 25.63
C LYS F 130 20.36 42.82 24.88
N THR F 131 20.56 43.72 23.92
CA THR F 131 19.48 44.27 23.10
C THR F 131 19.70 43.96 21.63
N ILE F 132 18.61 43.78 20.90
CA ILE F 132 18.68 43.51 19.48
C ILE F 132 17.91 44.59 18.71
N ALA F 133 18.52 45.10 17.65
CA ALA F 133 17.91 46.15 16.86
C ALA F 133 18.29 45.98 15.39
N ASN F 134 17.47 46.53 14.53
CA ASN F 134 17.75 46.49 13.10
C ASN F 134 18.96 47.36 12.77
N ASN F 135 19.84 46.84 11.92
CA ASN F 135 20.89 47.63 11.30
C ASN F 135 20.55 47.66 9.81
N LEU F 136 20.09 48.81 9.34
CA LEU F 136 19.55 48.91 7.98
C LEU F 136 20.62 49.08 6.93
N THR F 137 21.82 49.53 7.30
CA THR F 137 22.88 49.81 6.35
C THR F 137 23.84 48.64 6.17
N SER F 138 23.67 47.56 6.91
CA SER F 138 24.56 46.42 6.80
C SER F 138 24.23 45.59 5.56
N THR F 139 25.22 44.82 5.12
CA THR F 139 25.13 44.01 3.92
C THR F 139 25.40 42.55 4.25
N VAL F 140 25.02 41.68 3.31
CA VAL F 140 25.28 40.25 3.40
C VAL F 140 25.92 39.81 2.09
N GLN F 141 27.11 39.21 2.18
CA GLN F 141 27.85 38.74 1.03
C GLN F 141 27.45 37.30 0.70
N VAL F 142 27.00 37.08 -0.53
CA VAL F 142 26.59 35.76 -0.98
C VAL F 142 27.08 35.53 -2.41
N PHE F 143 27.82 34.45 -2.61
CA PHE F 143 28.19 34.04 -3.95
C PHE F 143 28.07 32.53 -4.05
N THR F 144 27.88 32.07 -5.28
CA THR F 144 27.96 30.65 -5.58
C THR F 144 29.22 30.39 -6.37
N ASP F 145 29.82 29.23 -6.16
CA ASP F 145 31.02 28.87 -6.90
C ASP F 145 30.56 27.96 -8.02
N SER F 146 30.47 28.52 -9.23
CA SER F 146 30.03 27.79 -10.39
C SER F 146 31.19 27.27 -11.23
N ASP F 147 32.41 27.63 -10.88
CA ASP F 147 33.60 27.07 -11.50
C ASP F 147 34.19 25.93 -10.68
N TYR F 148 33.62 25.64 -9.52
CA TYR F 148 34.05 24.54 -8.66
C TYR F 148 35.50 24.70 -8.25
N GLN F 149 35.87 25.93 -7.92
CA GLN F 149 37.24 26.27 -7.55
C GLN F 149 37.52 26.05 -6.07
N LEU F 150 36.50 25.91 -5.24
CA LEU F 150 36.62 25.64 -3.81
C LEU F 150 36.59 24.15 -3.53
N PRO F 151 37.11 23.74 -2.38
CA PRO F 151 36.83 22.39 -1.89
C PRO F 151 35.34 22.19 -1.67
N TYR F 152 34.83 21.04 -2.12
CA TYR F 152 33.39 20.78 -2.14
C TYR F 152 33.04 19.88 -0.97
N VAL F 153 32.38 20.44 0.04
CA VAL F 153 32.04 19.73 1.27
C VAL F 153 30.60 19.22 1.30
N LEU F 154 29.84 19.42 0.23
CA LEU F 154 28.42 19.05 0.27
C LEU F 154 28.17 17.56 0.05
N GLY F 155 29.14 16.81 -0.46
CA GLY F 155 28.92 15.41 -0.74
C GLY F 155 29.33 14.49 0.39
N SER F 156 29.60 15.07 1.55
CA SER F 156 30.05 14.31 2.71
C SER F 156 28.93 13.98 3.69
N ALA F 157 27.69 14.21 3.29
CA ALA F 157 26.50 13.92 4.11
C ALA F 157 26.51 14.55 5.51
N HIS F 158 26.85 15.83 5.56
CA HIS F 158 26.88 16.59 6.80
C HIS F 158 25.53 17.14 7.22
N GLU F 159 25.48 17.68 8.43
CA GLU F 159 24.30 18.34 9.00
C GLU F 159 24.20 19.78 8.50
N GLY F 160 23.18 20.51 8.92
CA GLY F 160 23.04 21.88 8.46
C GLY F 160 22.14 22.02 7.24
N CYS F 161 21.47 20.93 6.90
CA CYS F 161 20.53 20.87 5.79
C CYS F 161 19.27 21.64 6.14
N LEU F 162 18.53 22.08 5.12
CA LEU F 162 17.28 22.77 5.38
C LEU F 162 16.38 21.78 6.11
N PRO F 163 15.69 22.25 7.16
CA PRO F 163 14.86 21.33 7.94
C PRO F 163 13.74 20.73 7.13
N PRO F 164 13.46 19.43 7.34
CA PRO F 164 12.41 18.69 6.64
C PRO F 164 11.03 19.29 6.85
N PHE F 165 10.78 19.83 8.03
CA PHE F 165 9.48 20.40 8.34
C PHE F 165 9.54 21.91 8.15
N PRO F 166 8.67 22.46 7.30
CA PRO F 166 8.86 23.85 6.85
C PRO F 166 8.78 24.90 7.93
N ALA F 167 8.13 24.62 9.06
CA ALA F 167 8.00 25.62 10.10
C ALA F 167 9.22 25.73 11.00
N ASP F 168 10.25 24.93 10.77
CA ASP F 168 11.44 24.99 11.58
C ASP F 168 12.43 26.02 11.02
N VAL F 169 13.03 26.78 11.93
CA VAL F 169 14.04 27.77 11.59
C VAL F 169 15.41 27.16 11.89
N PHE F 170 16.30 27.19 10.90
CA PHE F 170 17.55 26.46 10.98
C PHE F 170 18.74 27.42 10.98
N MET F 171 19.86 26.93 11.50
CA MET F 171 21.10 27.69 11.56
C MET F 171 22.00 27.26 10.41
N ILE F 172 22.66 28.23 9.78
CA ILE F 172 23.50 27.93 8.62
C ILE F 172 24.82 27.36 9.11
N PRO F 173 25.30 26.26 8.53
CA PRO F 173 26.56 25.67 8.98
C PRO F 173 27.78 26.48 8.53
N GLN F 174 28.80 26.46 9.39
CA GLN F 174 30.05 27.11 9.08
C GLN F 174 30.82 26.34 8.02
N TYR F 175 31.42 27.07 7.09
CA TYR F 175 32.19 26.45 6.02
C TYR F 175 33.64 26.28 6.44
N GLY F 176 34.17 25.08 6.21
CA GLY F 176 35.57 24.80 6.46
C GLY F 176 36.03 23.78 5.46
N TYR F 177 37.35 23.65 5.33
CA TYR F 177 37.89 22.72 4.35
C TYR F 177 39.21 22.16 4.85
N LEU F 178 39.52 20.96 4.38
CA LEU F 178 40.75 20.26 4.70
C LEU F 178 41.66 20.22 3.49
N THR F 179 42.96 20.21 3.74
CA THR F 179 43.95 20.07 2.70
C THR F 179 44.99 19.05 3.15
N LEU F 180 46.06 18.91 2.37
CA LEU F 180 47.04 17.86 2.60
C LEU F 180 47.74 18.07 3.93
N ASN F 181 48.23 16.97 4.52
CA ASN F 181 48.92 17.04 5.79
C ASN F 181 49.93 15.91 5.91
N ASP F 182 50.93 16.13 6.75
CA ASP F 182 51.77 15.07 7.28
C ASP F 182 51.64 15.12 8.80
N GLY F 183 50.95 14.14 9.37
CA GLY F 183 50.51 14.29 10.74
C GLY F 183 49.57 15.49 10.82
N SER F 184 49.84 16.39 11.76
CA SER F 184 49.13 17.66 11.82
C SER F 184 49.87 18.79 11.11
N GLN F 185 51.07 18.53 10.60
CA GLN F 185 51.82 19.53 9.85
C GLN F 185 51.35 19.56 8.41
N ALA F 186 51.44 20.75 7.81
CA ALA F 186 51.11 20.91 6.41
C ALA F 186 52.30 20.56 5.53
N VAL F 187 52.08 20.65 4.22
CA VAL F 187 53.11 20.40 3.23
C VAL F 187 53.06 21.51 2.19
N GLY F 188 54.10 21.58 1.37
CA GLY F 188 54.17 22.63 0.37
C GLY F 188 53.07 22.54 -0.67
N ARG F 189 52.49 21.35 -0.83
CA ARG F 189 51.44 21.15 -1.83
C ARG F 189 50.06 21.57 -1.31
N SER F 190 49.93 21.82 -0.01
CA SER F 190 48.65 22.24 0.55
C SER F 190 48.22 23.58 -0.03
N SER F 191 46.90 23.73 -0.24
CA SER F 191 46.32 24.95 -0.78
C SER F 191 45.58 25.71 0.32
N PHE F 192 45.58 27.03 0.18
CA PHE F 192 44.82 27.92 1.06
C PHE F 192 43.90 28.78 0.20
N TYR F 193 42.65 28.90 0.64
CA TYR F 193 41.62 29.61 -0.12
C TYR F 193 41.03 30.73 0.73
N CYS F 194 41.11 31.95 0.22
CA CYS F 194 40.40 33.08 0.78
C CYS F 194 39.12 33.28 -0.02
N LEU F 195 37.97 33.15 0.65
CA LEU F 195 36.67 33.31 0.01
C LEU F 195 36.36 34.76 -0.34
N GLU F 196 37.26 35.67 0.03
CA GLU F 196 37.10 37.10 -0.27
C GLU F 196 37.67 37.44 -1.64
N TYR F 197 38.32 36.47 -2.25
CA TYR F 197 38.96 36.57 -3.55
C TYR F 197 37.99 36.22 -4.69
N PHE F 198 36.74 35.93 -4.34
CA PHE F 198 35.70 35.62 -5.29
C PHE F 198 34.72 36.79 -5.31
N PRO F 199 34.31 37.24 -6.49
CA PRO F 199 33.32 38.31 -6.50
C PRO F 199 32.02 37.81 -5.86
N SER F 200 31.38 38.63 -5.03
CA SER F 200 30.17 38.24 -4.36
C SER F 200 29.19 39.40 -4.33
N GLN F 201 27.94 39.10 -4.61
CA GLN F 201 26.87 40.08 -4.56
C GLN F 201 26.56 40.43 -3.11
N MET F 202 26.53 41.73 -2.83
CA MET F 202 26.29 42.24 -1.48
C MET F 202 24.85 42.70 -1.37
N LEU F 203 24.16 42.26 -0.32
CA LEU F 203 22.73 42.44 -0.19
C LEU F 203 22.41 43.20 1.09
N ARG F 204 21.68 44.29 0.97
CA ARG F 204 21.09 44.93 2.13
C ARG F 204 19.67 44.39 2.34
N THR F 205 18.94 45.01 3.26
CA THR F 205 17.66 44.45 3.68
C THR F 205 16.60 44.53 2.59
N GLY F 206 16.84 45.27 1.52
CA GLY F 206 15.92 45.30 0.39
C GLY F 206 16.33 44.49 -0.81
N ASN F 207 17.59 44.06 -0.87
CA ASN F 207 18.09 43.29 -2.00
C ASN F 207 17.72 41.82 -1.87
N ASN F 208 17.67 41.13 -3.02
CA ASN F 208 17.45 39.69 -3.06
C ASN F 208 18.45 39.06 -4.02
N PHE F 209 18.53 37.73 -3.95
CA PHE F 209 19.49 36.96 -4.72
C PHE F 209 18.80 35.75 -5.31
N GLN F 210 19.11 35.43 -6.57
CA GLN F 210 18.57 34.24 -7.19
C GLN F 210 19.52 33.74 -8.27
N PHE F 211 19.45 32.45 -8.54
CA PHE F 211 20.11 31.87 -9.69
C PHE F 211 19.39 30.60 -10.07
N SER F 212 19.64 30.13 -11.29
CA SER F 212 19.10 28.88 -11.77
C SER F 212 20.26 27.94 -12.09
N TYR F 213 20.02 26.65 -11.95
CA TYR F 213 21.07 25.68 -12.23
C TYR F 213 20.46 24.48 -12.92
N GLU F 214 21.13 24.00 -13.95
CA GLU F 214 20.65 22.85 -14.69
C GLU F 214 21.47 21.60 -14.37
N PHE F 215 20.80 20.59 -13.81
CA PHE F 215 21.42 19.31 -13.51
C PHE F 215 21.96 18.68 -14.79
N GLU F 216 23.22 18.25 -14.74
CA GLU F 216 23.77 17.51 -15.86
C GLU F 216 23.13 16.13 -15.91
N ASN F 217 23.07 15.57 -17.11
CA ASN F 217 22.28 14.37 -17.32
C ASN F 217 22.83 13.19 -16.52
N VAL F 218 21.98 12.61 -15.68
CA VAL F 218 22.32 11.44 -14.87
C VAL F 218 21.26 10.39 -15.12
N PRO F 219 21.55 9.12 -14.85
CA PRO F 219 20.53 8.09 -15.03
C PRO F 219 19.47 8.17 -13.94
N PHE F 220 18.28 7.69 -14.27
CA PHE F 220 17.21 7.58 -13.29
C PHE F 220 17.67 6.71 -12.13
N HIS F 221 17.37 7.13 -10.92
CA HIS F 221 17.66 6.30 -9.77
C HIS F 221 16.61 5.21 -9.87
N SER F 222 16.97 3.96 -9.63
CA SER F 222 15.99 2.91 -9.78
C SER F 222 15.17 2.66 -8.52
N SER F 223 13.98 3.24 -8.47
CA SER F 223 13.11 3.04 -7.33
C SER F 223 12.21 1.83 -7.54
N TYR F 224 12.80 0.66 -7.59
CA TYR F 224 12.04 -0.57 -7.78
C TYR F 224 12.82 -1.77 -7.30
N ALA F 225 12.11 -2.86 -7.06
CA ALA F 225 12.72 -4.10 -6.64
C ALA F 225 12.42 -5.13 -7.71
N HIS F 226 13.39 -5.98 -8.02
CA HIS F 226 13.20 -7.00 -9.03
C HIS F 226 12.29 -8.13 -8.58
N SER F 227 11.42 -8.58 -9.48
CA SER F 227 10.55 -9.70 -9.23
C SER F 227 11.23 -11.03 -9.53
N GLN F 228 12.46 -11.00 -10.01
CA GLN F 228 13.24 -12.20 -10.28
C GLN F 228 14.62 -12.05 -9.69
N SER F 229 15.30 -13.18 -9.54
CA SER F 229 16.69 -13.20 -9.09
C SER F 229 17.59 -13.61 -10.24
N LEU F 230 18.83 -13.14 -10.17
CA LEU F 230 19.78 -13.33 -11.27
C LEU F 230 19.96 -14.80 -11.61
N ASP F 231 19.81 -15.69 -10.65
CA ASP F 231 20.05 -17.11 -10.86
C ASP F 231 18.80 -17.89 -11.29
N ARG F 232 17.62 -17.30 -11.22
CA ARG F 232 16.37 -17.94 -11.60
C ARG F 232 15.83 -17.54 -12.97
N LEU F 233 16.59 -16.81 -13.77
CA LEU F 233 16.08 -16.25 -15.03
C LEU F 233 15.62 -17.31 -16.03
N MET F 234 15.88 -18.58 -15.78
CA MET F 234 15.64 -19.67 -16.72
C MET F 234 14.16 -19.98 -16.89
N ASN F 235 13.85 -20.69 -17.97
CA ASN F 235 12.55 -21.33 -18.12
C ASN F 235 12.50 -22.59 -17.27
N PRO F 236 11.61 -22.66 -16.27
CA PRO F 236 11.58 -23.83 -15.39
C PRO F 236 11.08 -25.10 -16.06
N LEU F 237 10.49 -25.03 -17.25
CA LEU F 237 9.89 -26.20 -17.87
C LEU F 237 10.80 -26.95 -18.83
N ILE F 238 11.96 -26.39 -19.19
CA ILE F 238 12.74 -26.89 -20.32
C ILE F 238 14.19 -27.10 -19.91
N ASP F 239 14.79 -28.16 -20.43
CA ASP F 239 16.21 -28.44 -20.26
C ASP F 239 17.07 -27.49 -21.08
N GLN F 240 18.29 -27.27 -20.61
CA GLN F 240 19.32 -26.73 -21.48
C GLN F 240 19.90 -27.83 -22.36
N TYR F 241 20.44 -27.43 -23.50
CA TYR F 241 21.22 -28.35 -24.32
C TYR F 241 22.66 -28.47 -23.84
N LEU F 242 23.05 -27.71 -22.83
CA LEU F 242 24.38 -27.78 -22.26
C LEU F 242 24.49 -28.96 -21.28
N TYR F 243 25.70 -29.48 -21.16
CA TYR F 243 26.01 -30.58 -20.27
C TYR F 243 27.03 -30.13 -19.23
N TYR F 244 26.99 -30.79 -18.07
CA TYR F 244 27.91 -30.52 -16.97
C TYR F 244 28.45 -31.85 -16.49
N LEU F 245 29.47 -31.79 -15.63
CA LEU F 245 30.15 -33.00 -15.17
C LEU F 245 29.47 -33.49 -13.90
N SER F 246 28.77 -34.62 -14.02
CA SER F 246 27.98 -35.13 -12.90
C SER F 246 28.82 -35.96 -11.93
N LYS F 247 29.64 -36.87 -12.44
CA LYS F 247 30.43 -37.74 -11.58
C LYS F 247 31.91 -37.87 -11.93
N THR F 248 32.73 -38.07 -10.90
CA THR F 248 34.14 -38.26 -11.09
C THR F 248 34.56 -39.68 -10.69
N ILE F 249 33.72 -40.36 -9.92
CA ILE F 249 33.99 -41.74 -9.51
C ILE F 249 32.77 -42.64 -9.68
N ASN F 250 32.96 -43.82 -10.26
CA ASN F 250 31.86 -44.76 -10.46
C ASN F 250 31.25 -45.32 -9.18
N GLY F 251 32.10 -45.67 -8.23
CA GLY F 251 31.66 -46.23 -6.97
C GLY F 251 32.75 -46.09 -5.92
N SER F 252 32.45 -46.37 -4.66
CA SER F 252 33.49 -46.28 -3.65
C SER F 252 34.52 -47.37 -3.90
N GLY F 253 35.79 -47.02 -3.80
CA GLY F 253 36.86 -47.99 -4.00
C GLY F 253 38.09 -47.40 -4.66
N GLN F 254 39.11 -48.23 -4.85
CA GLN F 254 40.35 -47.81 -5.50
C GLN F 254 40.20 -47.77 -7.02
N ASN F 255 40.96 -46.88 -7.66
CA ASN F 255 40.97 -46.78 -9.12
C ASN F 255 39.59 -46.65 -9.73
N GLN F 256 38.78 -45.78 -9.17
CA GLN F 256 37.40 -45.59 -9.63
C GLN F 256 37.13 -44.34 -10.49
N GLN F 257 38.18 -43.70 -11.00
CA GLN F 257 37.97 -42.50 -11.80
C GLN F 257 37.13 -42.76 -13.06
N THR F 258 36.20 -41.84 -13.32
CA THR F 258 35.33 -41.91 -14.49
C THR F 258 34.80 -40.52 -14.78
N LEU F 259 34.34 -40.28 -16.00
CA LEU F 259 33.77 -38.99 -16.31
C LEU F 259 32.31 -39.20 -16.74
N LYS F 260 31.40 -38.51 -16.07
CA LYS F 260 29.99 -38.64 -16.40
C LYS F 260 29.44 -37.25 -16.64
N PHE F 261 28.49 -37.14 -17.56
CA PHE F 261 27.93 -35.85 -17.90
C PHE F 261 26.42 -35.93 -17.94
N SER F 262 25.77 -34.79 -17.67
CA SER F 262 24.33 -34.75 -17.54
C SER F 262 23.79 -33.46 -18.14
N VAL F 263 22.53 -33.51 -18.55
CA VAL F 263 21.83 -32.31 -19.00
C VAL F 263 21.51 -31.43 -17.80
N ALA F 264 21.80 -30.14 -17.92
CA ALA F 264 21.36 -29.17 -16.93
C ALA F 264 19.90 -28.83 -17.17
N GLY F 265 19.06 -29.03 -16.17
CA GLY F 265 17.64 -28.90 -16.34
C GLY F 265 16.89 -28.50 -15.09
N PRO F 266 15.56 -28.48 -15.17
CA PRO F 266 14.76 -28.03 -14.02
C PRO F 266 15.04 -28.80 -12.74
N SER F 267 15.49 -30.05 -12.85
CA SER F 267 15.82 -30.81 -11.65
C SER F 267 16.98 -30.18 -10.90
N ASN F 268 18.08 -29.89 -11.61
CA ASN F 268 19.25 -29.26 -11.00
C ASN F 268 19.41 -27.88 -11.65
N MET F 269 19.06 -26.83 -10.90
CA MET F 269 19.15 -25.48 -11.45
C MET F 269 20.46 -24.81 -11.07
N ALA F 270 21.21 -25.41 -10.14
CA ALA F 270 22.43 -24.78 -9.69
C ALA F 270 23.54 -24.89 -10.72
N VAL F 271 23.46 -25.90 -11.60
CA VAL F 271 24.59 -26.21 -12.46
C VAL F 271 24.42 -25.58 -13.84
N GLN F 272 23.28 -24.93 -14.09
CA GLN F 272 23.01 -24.43 -15.44
C GLN F 272 23.90 -23.26 -15.79
N GLY F 273 24.28 -23.17 -17.06
CA GLY F 273 25.11 -22.08 -17.52
C GLY F 273 24.31 -20.79 -17.60
N ARG F 274 24.90 -19.71 -17.09
CA ARG F 274 24.23 -18.43 -17.01
C ARG F 274 25.03 -17.37 -17.72
N ASN F 275 24.32 -16.41 -18.30
CA ASN F 275 24.90 -15.31 -19.05
C ASN F 275 25.41 -14.18 -18.16
N TYR F 276 24.87 -14.05 -16.94
CA TYR F 276 25.25 -12.92 -16.11
C TYR F 276 25.38 -13.39 -14.67
N ILE F 277 26.28 -12.75 -13.94
CA ILE F 277 26.64 -13.14 -12.57
C ILE F 277 26.46 -11.94 -11.67
N PRO F 278 26.33 -12.16 -10.36
CA PRO F 278 26.13 -11.04 -9.44
C PRO F 278 27.35 -10.14 -9.35
N GLY F 279 27.12 -8.93 -8.84
CA GLY F 279 28.12 -7.88 -8.85
C GLY F 279 29.25 -8.09 -7.86
N PRO F 280 30.08 -7.05 -7.67
CA PRO F 280 31.27 -7.21 -6.84
C PRO F 280 30.94 -7.23 -5.35
N SER F 281 31.86 -7.79 -4.58
CA SER F 281 31.69 -7.98 -3.15
C SER F 281 32.95 -7.57 -2.41
N TYR F 282 32.79 -6.80 -1.34
CA TYR F 282 33.86 -6.53 -0.39
C TYR F 282 33.32 -6.81 1.00
N ARG F 283 33.78 -7.88 1.63
CA ARG F 283 33.00 -8.49 2.70
C ARG F 283 33.01 -7.64 3.96
N GLN F 284 31.87 -7.61 4.63
CA GLN F 284 31.67 -6.93 5.91
C GLN F 284 31.51 -7.97 7.01
N GLN F 285 31.88 -7.60 8.23
CA GLN F 285 31.60 -8.46 9.37
C GLN F 285 30.12 -8.41 9.69
N ARG F 286 29.60 -9.54 10.17
CA ARG F 286 28.18 -9.68 10.45
C ARG F 286 27.93 -9.44 11.94
N VAL F 287 26.99 -8.56 12.24
CA VAL F 287 26.64 -8.21 13.61
C VAL F 287 25.15 -8.44 13.81
N SER F 288 24.79 -9.08 14.91
CA SER F 288 23.41 -9.37 15.23
C SER F 288 22.85 -8.30 16.15
N THR F 289 21.59 -7.95 15.93
CA THR F 289 20.91 -7.02 16.83
C THR F 289 20.60 -7.69 18.16
N THR F 290 20.68 -9.02 18.22
CA THR F 290 20.58 -9.74 19.48
C THR F 290 22.00 -9.86 20.04
N VAL F 291 22.24 -9.21 21.17
CA VAL F 291 23.61 -8.99 21.64
C VAL F 291 24.28 -10.30 22.01
N THR F 292 23.51 -11.25 22.56
CA THR F 292 24.12 -12.47 23.09
C THR F 292 24.67 -13.35 21.96
N GLN F 293 24.28 -13.06 20.72
CA GLN F 293 24.83 -13.81 19.59
C GLN F 293 26.15 -13.21 19.13
N ASN F 294 26.45 -11.99 19.55
CA ASN F 294 27.74 -11.38 19.28
C ASN F 294 28.79 -11.90 20.26
N ASN F 295 30.04 -11.86 19.81
CA ASN F 295 31.20 -12.31 20.57
C ASN F 295 31.50 -11.33 21.68
N ASN F 296 32.03 -11.84 22.79
CA ASN F 296 32.35 -11.00 23.94
C ASN F 296 33.72 -10.33 23.84
N SER F 297 33.85 -9.39 22.91
CA SER F 297 35.10 -8.67 22.72
C SER F 297 34.83 -7.37 22.00
N GLU F 298 35.81 -6.47 21.98
CA GLU F 298 35.60 -5.21 21.29
C GLU F 298 36.04 -5.44 19.86
N PHE F 299 35.10 -5.65 18.97
CA PHE F 299 35.41 -5.89 17.57
C PHE F 299 34.96 -4.81 16.61
N ALA F 300 34.47 -3.69 17.13
CA ALA F 300 33.99 -2.60 16.28
C ALA F 300 35.09 -2.11 15.32
N TRP F 301 36.14 -1.51 15.87
CA TRP F 301 37.24 -1.09 15.02
C TRP F 301 38.13 -2.26 14.59
N PRO F 302 38.55 -3.16 15.49
CA PRO F 302 39.49 -4.21 15.07
C PRO F 302 38.95 -5.14 14.00
N GLY F 303 37.69 -5.52 14.10
CA GLY F 303 37.13 -6.52 13.19
C GLY F 303 36.40 -5.94 12.01
N ALA F 304 36.72 -4.70 11.65
CA ALA F 304 35.98 -4.01 10.61
C ALA F 304 36.76 -3.95 9.31
N SER F 305 36.01 -3.96 8.21
CA SER F 305 36.61 -3.81 6.89
C SER F 305 37.05 -2.36 6.68
N SER F 306 38.27 -2.18 6.19
CA SER F 306 38.83 -0.86 6.04
C SER F 306 39.68 -0.81 4.78
N TRP F 307 39.98 0.41 4.35
CA TRP F 307 40.95 0.65 3.28
C TRP F 307 41.97 1.67 3.76
N ALA F 308 43.21 1.47 3.32
CA ALA F 308 44.34 2.28 3.73
C ALA F 308 44.77 3.22 2.62
N LEU F 309 45.01 4.48 2.96
CA LEU F 309 45.40 5.50 2.00
C LEU F 309 46.54 6.30 2.59
N ASN F 310 47.71 6.25 1.94
CA ASN F 310 48.89 6.99 2.39
C ASN F 310 49.21 6.69 3.85
N GLY F 311 49.05 5.43 4.24
CA GLY F 311 49.35 5.00 5.59
C GLY F 311 48.21 5.11 6.57
N ARG F 312 47.19 5.90 6.27
CA ARG F 312 46.04 6.09 7.15
C ARG F 312 44.95 5.08 6.84
N ASN F 313 44.44 4.44 7.87
CA ASN F 313 43.36 3.48 7.74
C ASN F 313 42.02 4.19 7.83
N SER F 314 41.14 3.94 6.86
CA SER F 314 39.80 4.51 6.84
C SER F 314 38.78 3.38 6.73
N LEU F 315 37.78 3.40 7.61
CA LEU F 315 36.74 2.39 7.61
C LEU F 315 36.04 2.36 6.26
N MET F 316 35.60 1.17 5.84
CA MET F 316 34.88 1.04 4.57
C MET F 316 33.41 1.25 4.90
N ASN F 317 32.90 2.43 4.56
CA ASN F 317 31.54 2.80 4.91
C ASN F 317 30.97 3.66 3.80
N PRO F 318 29.73 3.39 3.38
CA PRO F 318 29.03 2.12 3.61
C PRO F 318 29.64 0.98 2.80
N GLY F 319 30.44 1.33 1.81
CA GLY F 319 31.09 0.35 0.97
C GLY F 319 30.32 0.09 -0.30
N PRO F 320 30.72 -0.94 -1.05
CA PRO F 320 29.95 -1.32 -2.24
C PRO F 320 28.53 -1.72 -1.88
N ALA F 321 27.63 -1.57 -2.84
CA ALA F 321 26.23 -1.87 -2.61
C ALA F 321 26.05 -3.38 -2.55
N MET F 322 25.56 -3.87 -1.42
CA MET F 322 25.37 -5.30 -1.20
C MET F 322 24.16 -5.53 -0.34
N ALA F 323 23.54 -6.69 -0.51
CA ALA F 323 22.39 -7.05 0.31
C ALA F 323 22.81 -7.14 1.77
N SER F 324 21.98 -6.61 2.66
CA SER F 324 22.34 -6.57 4.07
C SER F 324 22.40 -7.98 4.65
N HIS F 325 21.51 -8.85 4.20
CA HIS F 325 21.48 -10.20 4.75
C HIS F 325 20.81 -11.21 3.84
N LYS F 326 20.86 -12.46 4.26
CA LYS F 326 20.22 -13.57 3.57
C LYS F 326 18.75 -13.58 3.90
N GLU F 327 17.96 -14.31 3.13
CA GLU F 327 16.53 -14.37 3.40
C GLU F 327 16.30 -14.94 4.78
N GLY F 328 15.36 -14.34 5.52
CA GLY F 328 15.03 -14.81 6.83
C GLY F 328 16.02 -14.50 7.94
N GLU F 329 16.94 -13.57 7.69
CA GLU F 329 17.90 -13.21 8.72
C GLU F 329 17.97 -11.70 8.87
N ASP F 330 16.84 -11.12 9.25
CA ASP F 330 16.70 -9.69 9.45
C ASP F 330 17.52 -9.12 10.60
N ARG F 331 17.84 -9.98 11.57
CA ARG F 331 18.59 -9.61 12.77
C ARG F 331 20.00 -9.11 12.51
N PHE F 332 20.68 -9.72 11.55
CA PHE F 332 22.05 -9.38 11.20
C PHE F 332 22.22 -8.21 10.24
N PHE F 333 23.25 -7.40 10.46
CA PHE F 333 23.55 -6.30 9.57
C PHE F 333 25.05 -6.19 9.39
N PRO F 334 25.52 -5.74 8.23
CA PRO F 334 26.95 -5.53 8.04
C PRO F 334 27.45 -4.44 8.97
N LEU F 335 28.69 -4.61 9.44
CA LEU F 335 29.22 -3.71 10.46
C LEU F 335 29.16 -2.26 9.99
N SER F 336 29.96 -1.91 8.99
CA SER F 336 29.91 -0.57 8.40
C SER F 336 29.11 -0.54 7.10
N GLY F 337 28.52 -1.66 6.71
CA GLY F 337 27.92 -1.78 5.40
C GLY F 337 26.57 -1.14 5.17
N SER F 338 25.95 -0.54 6.20
CA SER F 338 24.63 0.07 6.07
C SER F 338 24.68 1.53 6.45
N LEU F 339 23.66 2.26 6.00
CA LEU F 339 23.42 3.61 6.48
C LEU F 339 22.59 3.57 7.75
N ILE F 340 23.06 4.23 8.79
CA ILE F 340 22.39 4.25 10.09
C ILE F 340 21.97 5.67 10.39
N PHE F 341 20.66 5.89 10.51
CA PHE F 341 20.11 7.19 10.84
C PHE F 341 19.71 7.24 12.31
N GLY F 342 19.86 8.41 12.91
CA GLY F 342 19.45 8.64 14.28
C GLY F 342 18.00 9.06 14.35
N LYS F 343 17.32 8.62 15.41
CA LYS F 343 15.97 9.08 15.68
C LYS F 343 16.00 10.49 16.24
N GLN F 344 14.85 11.16 16.18
CA GLN F 344 14.75 12.51 16.70
C GLN F 344 15.14 12.56 18.16
N GLY F 345 16.11 13.42 18.48
CA GLY F 345 16.53 13.61 19.85
C GLY F 345 17.60 12.63 20.32
N THR F 346 18.20 11.90 19.39
CA THR F 346 19.19 10.88 19.72
C THR F 346 20.49 11.55 20.13
N GLY F 347 21.12 11.02 21.19
CA GLY F 347 22.33 11.62 21.69
C GLY F 347 23.48 11.51 20.71
N ARG F 348 24.58 12.15 21.04
CA ARG F 348 25.67 12.11 20.11
C ARG F 348 26.57 10.90 20.24
N ASP F 349 26.83 10.44 21.47
CA ASP F 349 27.86 9.44 21.71
C ASP F 349 27.29 8.22 22.40
N ASN F 350 27.63 7.04 21.85
CA ASN F 350 27.35 5.75 22.47
C ASN F 350 25.86 5.59 22.81
N VAL F 351 25.01 5.83 21.81
CA VAL F 351 23.58 5.62 22.00
C VAL F 351 23.23 4.15 21.82
N ASP F 352 22.14 3.74 22.45
CA ASP F 352 21.66 2.36 22.32
C ASP F 352 21.08 2.11 20.93
N ALA F 353 20.97 0.83 20.58
CA ALA F 353 20.50 0.46 19.26
C ALA F 353 19.07 0.91 19.01
N ASP F 354 18.29 1.09 20.08
CA ASP F 354 16.91 1.56 19.91
C ASP F 354 16.86 3.05 19.58
N LYS F 355 17.99 3.74 19.66
CA LYS F 355 17.99 5.18 19.38
C LYS F 355 18.27 5.48 17.92
N VAL F 356 18.71 4.47 17.16
CA VAL F 356 19.15 4.66 15.78
C VAL F 356 18.26 3.85 14.85
N MET F 357 18.20 4.27 13.59
CA MET F 357 17.44 3.57 12.58
C MET F 357 18.40 2.98 11.56
N ILE F 358 18.55 1.67 11.55
CA ILE F 358 19.50 0.99 10.68
C ILE F 358 18.77 0.60 9.40
N THR F 359 19.15 1.21 8.29
CA THR F 359 18.59 0.83 7.01
C THR F 359 19.15 -0.52 6.58
N ASN F 360 18.45 -1.17 5.66
CA ASN F 360 18.92 -2.41 5.07
C ASN F 360 18.59 -2.40 3.59
N GLU F 361 19.45 -3.06 2.81
CA GLU F 361 19.12 -3.34 1.42
C GLU F 361 18.72 -4.81 1.31
N GLU F 362 17.42 -5.07 1.31
CA GLU F 362 16.97 -6.42 1.01
C GLU F 362 16.43 -6.53 -0.41
N GLU F 363 16.31 -5.41 -1.11
CA GLU F 363 15.73 -5.46 -2.45
C GLU F 363 16.77 -5.86 -3.49
N ILE F 364 18.05 -5.67 -3.17
CA ILE F 364 19.10 -5.94 -4.14
C ILE F 364 19.71 -7.32 -3.98
N LYS F 365 19.21 -8.13 -3.05
CA LYS F 365 19.68 -9.50 -2.91
C LYS F 365 19.41 -10.32 -4.16
N THR F 366 18.60 -9.79 -5.07
CA THR F 366 18.38 -10.47 -6.34
C THR F 366 19.61 -10.42 -7.23
N THR F 367 20.18 -9.23 -7.46
CA THR F 367 21.37 -9.10 -8.27
C THR F 367 22.67 -8.92 -7.49
N ASN F 368 22.62 -8.77 -6.16
CA ASN F 368 23.84 -8.40 -5.46
C ASN F 368 24.17 -9.40 -4.35
N PRO F 369 25.44 -9.67 -4.12
CA PRO F 369 25.82 -10.60 -3.06
C PRO F 369 25.55 -10.02 -1.68
N VAL F 370 25.43 -10.91 -0.71
CA VAL F 370 25.21 -10.51 0.67
C VAL F 370 26.52 -9.96 1.24
N ALA F 371 26.42 -8.81 1.91
CA ALA F 371 27.62 -8.13 2.40
C ALA F 371 28.38 -8.96 3.42
N THR F 372 27.69 -9.82 4.16
CA THR F 372 28.29 -10.60 5.23
C THR F 372 28.71 -12.00 4.78
N GLU F 373 28.57 -12.31 3.49
CA GLU F 373 28.92 -13.60 2.94
C GLU F 373 30.08 -13.47 1.96
N SER F 374 30.78 -14.57 1.75
CA SER F 374 31.78 -14.62 0.69
C SER F 374 31.11 -14.61 -0.68
N TYR F 375 31.80 -13.99 -1.65
CA TYR F 375 31.27 -13.96 -3.00
C TYR F 375 31.11 -15.37 -3.57
N GLY F 376 32.06 -16.25 -3.26
CA GLY F 376 31.98 -17.61 -3.75
C GLY F 376 33.27 -18.35 -3.48
N GLN F 377 33.43 -19.49 -4.16
CA GLN F 377 34.59 -20.34 -4.00
C GLN F 377 35.36 -20.39 -5.31
N VAL F 378 36.69 -20.50 -5.19
CA VAL F 378 37.57 -20.72 -6.33
C VAL F 378 38.48 -21.90 -6.01
N ALA F 379 38.98 -22.53 -7.08
CA ALA F 379 39.91 -23.64 -6.93
C ALA F 379 41.28 -23.12 -6.56
N THR F 380 41.87 -23.69 -5.50
CA THR F 380 43.16 -23.24 -5.02
C THR F 380 44.33 -24.10 -5.49
N ASN F 381 44.10 -25.17 -6.23
CA ASN F 381 45.22 -26.03 -6.64
C ASN F 381 44.85 -26.77 -7.92
N HIS F 382 45.80 -27.58 -8.39
CA HIS F 382 45.60 -28.54 -9.48
C HIS F 382 45.41 -29.91 -8.86
N GLN F 383 44.23 -30.50 -9.06
CA GLN F 383 44.01 -31.84 -8.57
C GLN F 383 44.86 -32.85 -9.34
N SER F 384 45.10 -33.99 -8.71
CA SER F 384 45.79 -35.09 -9.36
C SER F 384 45.43 -36.36 -8.60
N ALA F 385 46.02 -37.48 -9.01
CA ALA F 385 45.78 -38.73 -8.30
C ALA F 385 46.25 -38.66 -6.86
N GLN F 386 47.31 -37.88 -6.60
CA GLN F 386 47.88 -37.76 -5.26
C GLN F 386 47.41 -36.52 -4.50
N ALA F 387 46.61 -35.65 -5.11
CA ALA F 387 46.21 -34.40 -4.49
C ALA F 387 44.74 -34.15 -4.71
N GLN F 388 44.03 -33.80 -3.64
CA GLN F 388 42.60 -33.56 -3.76
C GLN F 388 42.31 -32.17 -4.33
N ALA F 389 41.16 -32.06 -4.96
CA ALA F 389 40.68 -30.76 -5.41
C ALA F 389 40.38 -29.88 -4.21
N GLN F 390 40.98 -28.68 -4.21
CA GLN F 390 40.90 -27.77 -3.08
C GLN F 390 40.28 -26.46 -3.51
N THR F 391 39.33 -25.98 -2.72
CA THR F 391 38.65 -24.72 -2.98
C THR F 391 38.93 -23.76 -1.83
N GLY F 392 38.75 -22.47 -2.10
CA GLY F 392 38.93 -21.46 -1.08
C GLY F 392 37.94 -20.35 -1.31
N TRP F 393 37.75 -19.55 -0.26
CA TRP F 393 36.68 -18.56 -0.25
C TRP F 393 37.15 -17.24 -0.84
N VAL F 394 36.26 -16.59 -1.57
CA VAL F 394 36.51 -15.26 -2.10
C VAL F 394 35.93 -14.26 -1.11
N GLN F 395 36.80 -13.56 -0.40
CA GLN F 395 36.35 -12.57 0.56
C GLN F 395 36.02 -11.26 -0.11
N ASN F 396 36.83 -10.84 -1.07
CA ASN F 396 36.58 -9.65 -1.87
C ASN F 396 36.69 -10.01 -3.33
N GLN F 397 35.75 -9.51 -4.13
CA GLN F 397 35.76 -9.73 -5.57
C GLN F 397 35.49 -8.43 -6.28
N GLY F 398 36.34 -8.09 -7.24
CA GLY F 398 36.15 -6.89 -8.01
C GLY F 398 35.29 -7.12 -9.24
N ILE F 399 35.24 -6.11 -10.08
CA ILE F 399 34.43 -6.17 -11.29
C ILE F 399 34.95 -7.25 -12.22
N LEU F 400 34.02 -8.06 -12.74
CA LEU F 400 34.26 -9.04 -13.79
C LEU F 400 33.28 -8.80 -14.92
N PRO F 401 33.68 -9.08 -16.16
CA PRO F 401 32.73 -8.96 -17.27
C PRO F 401 31.54 -9.89 -17.05
N GLY F 402 30.36 -9.41 -17.42
CA GLY F 402 29.14 -10.14 -17.20
C GLY F 402 28.49 -9.92 -15.86
N MET F 403 28.97 -8.98 -15.06
CA MET F 403 28.35 -8.65 -13.79
C MET F 403 27.28 -7.59 -13.96
N VAL F 404 26.16 -7.78 -13.27
CA VAL F 404 25.12 -6.78 -13.16
C VAL F 404 24.85 -6.54 -11.68
N TRP F 405 24.50 -5.30 -11.35
CA TRP F 405 24.30 -4.97 -9.94
C TRP F 405 23.34 -3.80 -9.84
N GLN F 406 22.78 -3.64 -8.64
CA GLN F 406 21.96 -2.50 -8.28
C GLN F 406 22.75 -1.56 -7.39
N ASP F 407 22.45 -0.27 -7.48
CA ASP F 407 23.07 0.68 -6.59
C ASP F 407 22.33 0.75 -5.27
N ARG F 408 22.87 1.52 -4.34
CA ARG F 408 22.25 1.66 -3.03
C ARG F 408 21.01 2.53 -3.14
N ASP F 409 19.97 2.15 -2.42
CA ASP F 409 18.71 2.86 -2.46
C ASP F 409 18.85 4.24 -1.82
N VAL F 410 17.97 5.14 -2.20
CA VAL F 410 17.94 6.48 -1.62
C VAL F 410 16.78 6.56 -0.65
N TYR F 411 16.94 7.38 0.38
CA TYR F 411 15.99 7.47 1.47
C TYR F 411 15.49 8.90 1.60
N LEU F 412 14.35 9.05 2.27
CA LEU F 412 13.82 10.38 2.55
C LEU F 412 14.84 11.22 3.32
N GLN F 413 15.60 10.59 4.22
CA GLN F 413 16.59 11.27 5.02
C GLN F 413 17.96 11.31 4.39
N GLY F 414 18.18 10.61 3.28
CA GLY F 414 19.51 10.43 2.74
C GLY F 414 19.96 11.53 1.80
N PRO F 415 21.18 11.42 1.31
CA PRO F 415 21.69 12.42 0.36
C PRO F 415 21.09 12.25 -1.01
N ILE F 416 21.14 13.34 -1.78
CA ILE F 416 20.59 13.35 -3.14
C ILE F 416 21.73 13.21 -4.14
N TRP F 417 22.66 14.15 -4.14
CA TRP F 417 23.78 14.12 -5.07
C TRP F 417 25.10 14.16 -4.31
N ALA F 418 26.16 13.83 -5.03
CA ALA F 418 27.52 14.04 -4.59
C ALA F 418 28.34 14.56 -5.76
N LYS F 419 29.52 15.08 -5.46
CA LYS F 419 30.42 15.54 -6.51
C LYS F 419 31.41 14.43 -6.84
N ILE F 420 31.44 14.01 -8.10
CA ILE F 420 32.43 13.06 -8.55
C ILE F 420 33.81 13.70 -8.45
N PRO F 421 34.74 13.14 -7.69
CA PRO F 421 36.08 13.75 -7.59
C PRO F 421 36.69 13.86 -8.97
N HIS F 422 37.52 14.88 -9.16
CA HIS F 422 38.06 15.16 -10.48
C HIS F 422 39.35 14.37 -10.62
N THR F 423 39.29 13.31 -11.42
CA THR F 423 40.37 12.33 -11.50
C THR F 423 40.49 11.85 -12.94
N ASP F 424 41.58 11.15 -13.21
CA ASP F 424 41.79 10.62 -14.54
C ASP F 424 40.78 9.52 -14.85
N GLY F 425 40.38 8.76 -13.84
CA GLY F 425 39.45 7.67 -14.08
C GLY F 425 38.61 7.35 -12.86
N ASN F 426 37.46 6.76 -13.15
CA ASN F 426 36.53 6.30 -12.13
C ASN F 426 35.67 5.21 -12.76
N PHE F 427 35.03 4.42 -11.92
CA PHE F 427 34.11 3.39 -12.41
C PHE F 427 32.78 3.49 -11.70
N HIS F 428 31.71 3.52 -12.47
CA HIS F 428 30.34 3.64 -12.00
C HIS F 428 30.29 4.75 -10.97
N PRO F 429 30.45 6.00 -11.41
CA PRO F 429 30.71 7.11 -10.48
C PRO F 429 29.62 7.34 -9.44
N SER F 430 28.48 6.66 -9.58
CA SER F 430 27.39 6.78 -8.62
C SER F 430 27.91 6.69 -7.19
N PRO F 431 27.54 7.62 -6.31
CA PRO F 431 28.16 7.64 -4.97
C PRO F 431 27.71 6.48 -4.12
N LEU F 432 28.57 6.09 -3.19
CA LEU F 432 28.34 4.87 -2.43
C LEU F 432 27.33 5.06 -1.31
N MET F 433 27.05 6.29 -0.90
CA MET F 433 25.99 6.50 0.07
C MET F 433 24.63 6.66 -0.58
N GLY F 434 24.55 6.54 -1.89
CA GLY F 434 23.31 6.65 -2.63
C GLY F 434 23.19 7.99 -3.34
N GLY F 435 22.30 8.02 -4.33
CA GLY F 435 22.04 9.24 -5.05
C GLY F 435 22.75 9.34 -6.38
N PHE F 436 22.85 10.58 -6.86
CA PHE F 436 23.25 10.89 -8.22
C PHE F 436 24.66 11.48 -8.22
N GLY F 437 25.63 10.73 -8.74
CA GLY F 437 26.97 11.26 -8.91
C GLY F 437 27.02 12.23 -10.09
N MET F 438 27.64 13.38 -9.86
CA MET F 438 27.69 14.44 -10.85
C MET F 438 29.08 15.06 -10.89
N LYS F 439 29.63 15.20 -12.11
CA LYS F 439 30.88 15.93 -12.27
C LYS F 439 30.71 17.41 -12.01
N HIS F 440 29.52 17.96 -12.25
CA HIS F 440 29.19 19.34 -11.88
C HIS F 440 27.88 19.31 -11.10
N PRO F 441 27.95 19.10 -9.78
CA PRO F 441 26.74 19.09 -8.97
C PRO F 441 26.22 20.51 -8.79
N PRO F 442 25.10 20.68 -8.10
CA PRO F 442 24.67 22.04 -7.72
C PRO F 442 25.79 22.77 -6.99
N PRO F 443 26.09 23.99 -7.40
CA PRO F 443 27.24 24.69 -6.83
C PRO F 443 27.00 25.06 -5.37
N GLN F 444 28.09 25.07 -4.61
CA GLN F 444 28.03 25.55 -3.24
C GLN F 444 27.57 27.00 -3.23
N ILE F 445 26.84 27.35 -2.17
CA ILE F 445 26.33 28.70 -2.00
C ILE F 445 26.93 29.24 -0.72
N LEU F 446 27.81 30.22 -0.85
CA LEU F 446 28.54 30.77 0.27
C LEU F 446 27.90 32.07 0.71
N ILE F 447 27.85 32.29 2.01
CA ILE F 447 27.19 33.46 2.59
C ILE F 447 27.89 33.82 3.89
N LYS F 448 28.02 35.12 4.16
CA LYS F 448 28.49 35.58 5.45
C LYS F 448 28.03 37.02 5.67
N ASN F 449 28.10 37.45 6.92
CA ASN F 449 27.82 38.82 7.29
C ASN F 449 29.04 39.69 7.04
N THR F 450 28.88 40.73 6.24
CA THR F 450 29.98 41.66 6.02
C THR F 450 30.37 42.30 7.35
N PRO F 451 31.65 42.26 7.72
CA PRO F 451 32.04 42.80 9.03
C PRO F 451 31.89 44.32 9.08
N VAL F 452 31.35 44.80 10.20
CA VAL F 452 31.20 46.23 10.44
C VAL F 452 32.06 46.59 11.64
N PRO F 453 33.17 47.31 11.46
CA PRO F 453 34.06 47.58 12.58
C PRO F 453 33.45 48.55 13.59
N ALA F 454 33.70 48.26 14.86
CA ALA F 454 33.19 49.10 15.94
C ALA F 454 34.04 50.36 16.09
N SER F 467 38.14 44.46 16.72
CA SER F 467 36.97 45.00 17.40
C SER F 467 35.85 45.27 16.41
N PHE F 468 34.70 44.63 16.63
CA PHE F 468 33.58 44.70 15.70
C PHE F 468 32.28 44.82 16.46
N ILE F 469 31.23 45.15 15.72
CA ILE F 469 29.87 45.17 16.26
C ILE F 469 29.32 43.75 16.23
N THR F 470 28.85 43.27 17.37
CA THR F 470 28.23 41.96 17.44
C THR F 470 26.96 41.94 16.60
N GLN F 471 26.86 40.98 15.69
CA GLN F 471 25.89 41.11 14.61
C GLN F 471 25.52 39.73 14.08
N TYR F 472 24.31 39.63 13.54
CA TYR F 472 23.87 38.43 12.85
C TYR F 472 22.79 38.82 11.86
N SER F 473 22.49 37.90 10.94
CA SER F 473 21.45 38.13 9.96
C SER F 473 20.44 36.97 9.99
N THR F 474 19.28 37.22 9.40
CA THR F 474 18.23 36.22 9.31
C THR F 474 17.45 36.52 8.02
N GLY F 475 17.12 35.49 7.26
CA GLY F 475 16.44 35.67 5.99
C GLY F 475 15.66 34.46 5.49
N GLN F 476 14.94 34.66 4.39
CA GLN F 476 14.15 33.60 3.76
C GLN F 476 14.86 32.95 2.59
N VAL F 477 14.90 31.63 2.57
CA VAL F 477 15.52 30.92 1.46
C VAL F 477 14.52 29.98 0.82
N SER F 478 14.42 30.03 -0.50
CA SER F 478 13.51 29.14 -1.22
C SER F 478 14.27 28.37 -2.30
N VAL F 479 14.09 27.06 -2.34
CA VAL F 479 14.75 26.23 -3.33
C VAL F 479 13.72 25.43 -4.11
N GLU F 480 13.85 25.44 -5.44
CA GLU F 480 12.92 24.70 -6.29
C GLU F 480 13.65 23.77 -7.23
N ILE F 481 13.24 22.52 -7.25
CA ILE F 481 13.85 21.49 -8.09
C ILE F 481 12.76 20.86 -8.94
N GLU F 482 13.05 20.70 -10.22
CA GLU F 482 12.17 19.98 -11.14
C GLU F 482 12.67 18.55 -11.28
N TRP F 483 11.76 17.60 -11.18
CA TRP F 483 12.08 16.19 -11.18
C TRP F 483 11.41 15.50 -12.37
N GLU F 484 12.16 14.63 -13.03
CA GLU F 484 11.64 13.86 -14.13
C GLU F 484 11.20 12.52 -13.56
N LEU F 485 10.12 11.95 -14.11
CA LEU F 485 9.61 10.69 -13.60
C LEU F 485 9.56 9.61 -14.64
N GLN F 486 9.86 8.38 -14.23
CA GLN F 486 9.78 7.26 -15.14
C GLN F 486 8.55 6.48 -14.74
N LYS F 487 7.60 6.38 -15.64
CA LYS F 487 6.36 5.66 -15.37
C LYS F 487 6.54 4.16 -15.34
N GLU F 488 5.67 3.50 -14.59
CA GLU F 488 5.69 2.06 -14.46
C GLU F 488 4.62 1.52 -15.40
N ASN F 489 5.02 0.63 -16.31
CA ASN F 489 4.09 0.06 -17.26
C ASN F 489 4.02 -1.44 -17.13
N SER F 490 4.13 -1.93 -15.90
CA SER F 490 4.11 -3.37 -15.65
C SER F 490 2.78 -4.01 -16.02
N LYS F 491 2.88 -5.24 -16.52
CA LYS F 491 1.75 -6.11 -16.80
C LYS F 491 1.47 -7.09 -15.66
N ARG F 492 2.15 -6.95 -14.53
CA ARG F 492 1.95 -7.83 -13.39
C ARG F 492 0.46 -7.93 -13.04
N TRP F 493 -0.02 -9.16 -12.84
CA TRP F 493 -1.45 -9.35 -12.60
C TRP F 493 -1.80 -9.03 -11.16
N ASN F 494 -1.05 -9.58 -10.21
CA ASN F 494 -1.39 -9.43 -8.82
C ASN F 494 -0.87 -8.10 -8.27
N PRO F 495 -1.49 -7.58 -7.21
CA PRO F 495 -1.14 -6.24 -6.73
C PRO F 495 0.28 -6.16 -6.19
N GLU F 496 0.80 -4.93 -6.15
CA GLU F 496 2.16 -4.62 -5.74
C GLU F 496 2.27 -4.54 -4.22
N ILE F 497 3.49 -4.27 -3.77
CA ILE F 497 3.74 -3.84 -2.41
C ILE F 497 3.87 -2.32 -2.42
N GLN F 498 3.16 -1.66 -1.52
CA GLN F 498 3.07 -0.21 -1.50
C GLN F 498 3.45 0.29 -0.11
N TYR F 499 4.09 1.45 -0.06
CA TYR F 499 4.34 2.07 1.23
C TYR F 499 3.02 2.59 1.79
N THR F 500 2.70 2.19 3.01
CA THR F 500 1.41 2.52 3.60
C THR F 500 1.59 2.96 5.05
N SER F 501 0.72 3.83 5.49
CA SER F 501 0.59 4.16 6.90
C SER F 501 -0.32 3.14 7.56
N ASN F 502 0.13 2.58 8.67
CA ASN F 502 -0.70 1.61 9.39
C ASN F 502 -1.88 2.31 10.02
N TYR F 503 -3.01 1.61 10.11
CA TYR F 503 -4.18 2.11 10.82
C TYR F 503 -4.21 1.40 12.17
N TYR F 504 -3.83 2.11 13.22
CA TYR F 504 -4.09 1.64 14.57
C TYR F 504 -4.08 2.84 15.50
N LYS F 505 -4.83 2.73 16.58
CA LYS F 505 -4.87 3.81 17.56
C LYS F 505 -3.50 3.98 18.19
N SER F 506 -2.99 5.22 18.17
CA SER F 506 -1.65 5.50 18.69
C SER F 506 -1.60 6.92 19.22
N ASN F 507 -0.64 7.16 20.11
CA ASN F 507 -0.58 8.45 20.81
C ASN F 507 -0.19 9.58 19.86
N ASN F 508 0.66 9.29 18.87
CA ASN F 508 1.15 10.30 17.96
C ASN F 508 0.89 9.86 16.53
N VAL F 509 0.89 10.82 15.64
CA VAL F 509 0.76 10.57 14.21
C VAL F 509 2.16 10.53 13.61
N GLU F 510 2.44 9.50 12.82
CA GLU F 510 3.74 9.38 12.19
C GLU F 510 3.96 10.52 11.20
N PHE F 511 5.17 11.07 11.22
CA PHE F 511 5.51 12.23 10.39
C PHE F 511 4.62 13.42 10.73
N ALA F 512 4.49 13.69 12.03
CA ALA F 512 3.74 14.82 12.54
C ALA F 512 4.42 15.32 13.79
N VAL F 513 3.97 16.47 14.29
CA VAL F 513 4.54 17.03 15.50
C VAL F 513 3.82 16.48 16.72
N ASN F 514 4.53 16.39 17.84
CA ASN F 514 3.96 15.90 19.08
C ASN F 514 3.37 17.05 19.90
N THR F 515 3.06 16.80 21.16
CA THR F 515 2.48 17.82 22.03
C THR F 515 3.40 19.03 22.22
N GLU F 516 4.71 18.81 22.27
CA GLU F 516 5.69 19.88 22.41
C GLU F 516 6.04 20.57 21.08
N GLY F 517 5.49 20.08 19.98
CA GLY F 517 5.72 20.66 18.67
C GLY F 517 6.94 20.15 17.96
N VAL F 518 7.61 19.18 18.55
CA VAL F 518 8.79 18.60 17.92
C VAL F 518 8.35 17.73 16.75
N TYR F 519 9.01 17.89 15.61
CA TYR F 519 8.68 17.11 14.42
C TYR F 519 9.65 15.93 14.37
N SER F 520 9.19 14.77 13.93
CA SER F 520 10.05 13.60 13.91
C SER F 520 9.66 12.70 12.75
N GLU F 521 10.67 12.03 12.19
CA GLU F 521 10.49 11.07 11.12
C GLU F 521 10.73 9.75 11.82
N PRO F 522 9.68 8.95 12.00
CA PRO F 522 9.68 7.65 12.70
C PRO F 522 10.54 6.55 12.12
N ARG F 523 10.59 6.42 10.80
CA ARG F 523 11.41 5.37 10.21
C ARG F 523 12.04 5.84 8.94
N PRO F 524 13.05 5.13 8.46
CA PRO F 524 13.66 5.53 7.20
C PRO F 524 12.86 4.91 6.09
N ILE F 525 12.46 5.71 5.10
CA ILE F 525 11.67 5.17 4.00
C ILE F 525 12.48 4.98 2.73
N GLY F 526 12.54 3.75 2.25
CA GLY F 526 13.22 3.42 1.02
C GLY F 526 12.39 3.79 -0.18
N THR F 527 13.03 3.73 -1.34
CA THR F 527 12.38 4.11 -2.58
C THR F 527 11.86 2.92 -3.38
N ARG F 528 12.08 1.70 -2.91
CA ARG F 528 11.87 0.50 -3.73
C ARG F 528 10.67 -0.29 -3.23
N TYR F 529 9.57 -0.23 -3.98
CA TYR F 529 8.31 -0.91 -3.69
C TYR F 529 7.78 -1.64 -4.91
N LEU F 530 7.55 -0.91 -5.99
CA LEU F 530 7.11 -1.51 -7.24
C LEU F 530 8.16 -2.51 -7.75
N THR F 531 7.72 -3.41 -8.61
CA THR F 531 8.58 -4.49 -9.07
C THR F 531 8.80 -4.45 -10.57
N ARG F 532 9.91 -5.04 -10.99
CA ARG F 532 10.24 -5.21 -12.39
C ARG F 532 10.82 -6.60 -12.63
N ASN F 533 10.74 -7.04 -13.88
CA ASN F 533 11.42 -8.26 -14.29
C ASN F 533 12.91 -8.01 -14.40
N LEU F 534 13.68 -9.08 -14.32
CA LEU F 534 15.12 -8.98 -14.37
C LEU F 534 15.62 -9.23 -15.79
N VAL G 1 10.07 -14.18 11.60
CA VAL G 1 9.10 -14.06 12.69
C VAL G 1 9.72 -14.56 13.97
N GLN G 2 9.61 -13.78 15.04
CA GLN G 2 10.19 -14.20 16.30
C GLN G 2 9.51 -13.53 17.49
N LEU G 3 9.25 -14.31 18.52
CA LEU G 3 8.62 -13.78 19.72
C LEU G 3 9.54 -14.09 20.90
N VAL G 4 9.89 -13.07 21.67
CA VAL G 4 10.76 -13.26 22.81
C VAL G 4 10.14 -12.77 24.11
N GLU G 5 9.84 -13.69 25.01
CA GLU G 5 9.25 -13.34 26.29
C GLU G 5 10.34 -12.98 27.29
N SER G 6 10.05 -12.01 28.15
CA SER G 6 10.98 -11.63 29.20
C SER G 6 10.17 -11.14 30.39
N GLY G 7 10.83 -11.08 31.54
CA GLY G 7 10.21 -10.58 32.75
C GLY G 7 9.73 -11.63 33.72
N GLY G 8 10.05 -12.89 33.45
CA GLY G 8 9.68 -13.99 34.32
C GLY G 8 10.54 -13.95 35.56
N GLY G 9 9.96 -14.29 36.70
CA GLY G 9 10.68 -14.26 37.96
C GLY G 9 10.06 -15.11 39.04
N LEU G 10 10.75 -15.22 40.16
CA LEU G 10 10.24 -15.95 41.30
C LEU G 10 9.62 -14.94 42.23
N VAL G 11 8.35 -15.12 42.58
CA VAL G 11 7.66 -14.21 43.48
C VAL G 11 6.75 -14.93 44.48
N LYS G 12 6.56 -14.30 45.64
CA LYS G 12 5.71 -14.85 46.70
C LYS G 12 4.25 -14.67 46.32
N PRO G 13 3.36 -15.53 46.88
CA PRO G 13 1.95 -15.43 46.53
C PRO G 13 1.38 -14.06 46.87
N GLY G 14 0.53 -13.55 45.98
CA GLY G 14 -0.07 -12.24 46.11
C GLY G 14 0.76 -11.15 45.46
N GLY G 15 1.92 -11.54 44.93
CA GLY G 15 2.83 -10.61 44.30
C GLY G 15 2.36 -10.15 42.94
N SER G 16 2.98 -9.10 42.43
CA SER G 16 2.63 -8.54 41.14
C SER G 16 3.83 -8.70 40.20
N LEU G 17 3.57 -9.28 39.03
CA LEU G 17 4.62 -9.51 38.05
C LEU G 17 4.20 -9.03 36.67
N ARG G 18 5.13 -8.48 35.92
CA ARG G 18 4.81 -8.03 34.58
C ARG G 18 5.67 -8.73 33.55
N LEU G 19 5.02 -9.35 32.57
CA LEU G 19 5.75 -10.06 31.53
C LEU G 19 5.68 -9.26 30.26
N SER G 20 6.72 -9.36 29.45
CA SER G 20 6.76 -8.67 28.17
C SER G 20 7.09 -9.66 27.07
N CYS G 21 6.70 -9.32 25.85
CA CYS G 21 6.98 -10.10 24.64
C CYS G 21 7.46 -9.11 23.58
N ALA G 22 8.71 -9.24 23.16
CA ALA G 22 9.25 -8.38 22.12
C ALA G 22 9.10 -9.12 20.81
N THR G 23 8.50 -8.48 19.82
CA THR G 23 8.25 -9.12 18.54
C THR G 23 8.98 -8.47 17.38
N SER G 24 9.52 -9.31 16.50
CA SER G 24 10.23 -8.82 15.32
C SER G 24 9.97 -9.72 14.12
N GLY G 25 10.10 -9.18 12.91
CA GLY G 25 9.93 -9.99 11.71
C GLY G 25 8.58 -10.02 11.03
N PHE G 26 7.56 -9.45 11.66
CA PHE G 26 6.22 -9.41 11.09
C PHE G 26 5.57 -8.12 11.55
N THR G 27 4.54 -7.66 10.85
CA THR G 27 3.88 -6.43 11.27
C THR G 27 3.10 -6.79 12.52
N PHE G 28 3.36 -6.06 13.61
CA PHE G 28 2.71 -6.31 14.88
C PHE G 28 1.21 -6.06 14.85
N SER G 29 0.80 -5.00 14.16
CA SER G 29 -0.61 -4.64 14.12
C SER G 29 -1.52 -5.53 13.28
N ASP G 30 -0.95 -6.45 12.52
CA ASP G 30 -1.78 -7.31 11.68
C ASP G 30 -2.27 -8.57 12.37
N TYR G 31 -1.85 -8.81 13.60
CA TYR G 31 -2.22 -10.03 14.29
C TYR G 31 -2.78 -9.87 15.68
N TYR G 32 -3.60 -10.84 16.09
CA TYR G 32 -4.17 -10.90 17.42
C TYR G 32 -3.18 -11.72 18.22
N MET G 33 -2.90 -11.31 19.45
CA MET G 33 -1.93 -12.01 20.27
C MET G 33 -2.63 -12.72 21.41
N SER G 34 -2.02 -13.79 21.90
CA SER G 34 -2.57 -14.53 23.03
C SER G 34 -1.43 -15.06 23.90
N TRP G 35 -1.64 -14.98 25.22
CA TRP G 35 -0.76 -15.60 26.18
C TRP G 35 -1.27 -16.99 26.49
N ILE G 36 -0.36 -17.96 26.52
CA ILE G 36 -0.68 -19.34 26.86
C ILE G 36 0.37 -19.85 27.83
N ARG G 37 -0.06 -20.55 28.87
CA ARG G 37 0.85 -21.03 29.88
C ARG G 37 0.77 -22.56 29.94
N GLN G 38 1.83 -23.13 30.47
CA GLN G 38 1.94 -24.55 30.65
C GLN G 38 2.49 -24.84 32.04
N ALA G 39 1.64 -25.38 32.91
CA ALA G 39 2.07 -25.76 34.26
C ALA G 39 3.03 -26.93 34.10
N PRO G 40 4.07 -27.00 34.94
CA PRO G 40 5.05 -28.08 34.75
C PRO G 40 4.45 -29.47 34.82
N GLY G 41 4.78 -30.29 33.81
CA GLY G 41 4.30 -31.66 33.70
C GLY G 41 2.84 -31.78 33.28
N LYS G 42 2.26 -30.70 32.78
CA LYS G 42 0.86 -30.65 32.40
C LYS G 42 0.65 -30.02 31.03
N GLY G 43 -0.53 -30.23 30.46
CA GLY G 43 -0.86 -29.68 29.15
C GLY G 43 -1.02 -28.17 29.13
N LEU G 44 -0.86 -27.57 27.96
CA LEU G 44 -0.97 -26.11 27.82
C LEU G 44 -2.37 -25.57 28.10
N GLU G 45 -2.42 -24.40 28.71
CA GLU G 45 -3.69 -23.76 29.04
C GLU G 45 -3.74 -22.32 28.56
N TRP G 46 -4.76 -22.01 27.77
CA TRP G 46 -4.98 -20.66 27.24
C TRP G 46 -5.28 -19.68 28.36
N VAL G 47 -4.74 -18.46 28.23
CA VAL G 47 -4.84 -17.44 29.27
C VAL G 47 -5.65 -16.24 28.78
N SER G 48 -5.08 -15.43 27.90
CA SER G 48 -5.74 -14.21 27.47
C SER G 48 -5.55 -14.03 25.97
N TYR G 49 -6.40 -13.18 25.39
CA TYR G 49 -6.41 -12.94 23.95
C TYR G 49 -6.75 -11.47 23.74
N ILE G 50 -5.95 -10.79 22.92
CA ILE G 50 -6.13 -9.39 22.67
C ILE G 50 -6.26 -9.06 21.19
N SER G 51 -7.06 -8.05 20.89
CA SER G 51 -7.28 -7.59 19.52
C SER G 51 -6.06 -6.83 19.01
N SER G 52 -5.94 -6.73 17.69
CA SER G 52 -4.81 -6.01 17.11
C SER G 52 -4.76 -4.58 17.61
N SER G 53 -5.92 -3.94 17.63
CA SER G 53 -6.06 -2.58 18.14
C SER G 53 -5.76 -2.51 19.63
N GLY G 54 -6.17 -3.56 20.34
CA GLY G 54 -6.04 -3.65 21.78
C GLY G 54 -7.33 -3.27 22.47
N SER G 55 -8.33 -2.88 21.69
CA SER G 55 -9.63 -2.51 22.21
C SER G 55 -10.37 -3.66 22.86
N THR G 56 -10.27 -4.85 22.26
CA THR G 56 -10.96 -6.03 22.79
C THR G 56 -10.04 -7.07 23.37
N ILE G 57 -10.29 -7.46 24.61
CA ILE G 57 -9.49 -8.46 25.31
C ILE G 57 -10.35 -9.56 25.95
N TYR G 58 -9.92 -10.80 25.84
CA TYR G 58 -10.61 -11.93 26.44
C TYR G 58 -9.70 -12.62 27.44
N TYR G 59 -10.30 -13.21 28.47
CA TYR G 59 -9.53 -13.89 29.50
C TYR G 59 -10.11 -15.22 29.90
N ALA G 60 -9.26 -16.06 30.47
CA ALA G 60 -9.68 -17.35 30.98
C ALA G 60 -10.41 -17.06 32.29
N ASP G 61 -11.33 -17.92 32.70
CA ASP G 61 -12.06 -17.66 33.93
C ASP G 61 -11.16 -17.59 35.15
N SER G 62 -10.17 -18.47 35.21
CA SER G 62 -9.25 -18.53 36.33
C SER G 62 -8.42 -17.27 36.51
N VAL G 63 -7.94 -16.69 35.42
CA VAL G 63 -7.12 -15.50 35.50
C VAL G 63 -7.89 -14.19 35.42
N LYS G 64 -9.19 -14.26 35.21
CA LYS G 64 -10.00 -13.05 35.09
C LYS G 64 -10.04 -12.19 36.33
N GLY G 65 -9.93 -10.88 36.13
CA GLY G 65 -9.98 -9.92 37.22
C GLY G 65 -8.69 -9.66 37.96
N ARG G 66 -7.61 -10.31 37.55
CA ARG G 66 -6.32 -10.08 38.21
C ARG G 66 -5.19 -9.87 37.21
N PHE G 67 -5.39 -10.35 35.99
CA PHE G 67 -4.41 -10.24 34.92
C PHE G 67 -4.84 -9.19 33.90
N THR G 68 -3.91 -8.33 33.50
CA THR G 68 -4.22 -7.33 32.49
C THR G 68 -3.29 -7.51 31.29
N MET G 69 -3.86 -7.58 30.10
CA MET G 69 -3.07 -7.75 28.89
C MET G 69 -3.08 -6.46 28.13
N SER G 70 -1.90 -5.99 27.73
CA SER G 70 -1.80 -4.72 27.03
C SER G 70 -0.96 -4.83 25.78
N ARG G 71 -1.10 -3.86 24.89
CA ARG G 71 -0.40 -3.91 23.64
C ARG G 71 0.18 -2.56 23.24
N ASP G 72 1.46 -2.53 22.92
CA ASP G 72 2.05 -1.28 22.46
C ASP G 72 2.40 -1.47 21.01
N ASN G 73 1.66 -0.83 20.11
CA ASN G 73 1.94 -0.95 18.69
C ASN G 73 3.20 -0.27 18.15
N ALA G 74 3.52 0.92 18.67
CA ALA G 74 4.67 1.69 18.17
C ALA G 74 6.01 0.98 18.34
N LYS G 75 6.23 0.40 19.52
CA LYS G 75 7.44 -0.36 19.81
C LYS G 75 6.84 -1.73 19.96
N ASN G 76 7.15 -2.66 19.07
CA ASN G 76 6.42 -3.91 19.18
C ASN G 76 6.73 -4.69 20.43
N SER G 77 5.69 -4.86 21.24
CA SER G 77 5.77 -5.61 22.48
C SER G 77 4.38 -5.97 22.94
N LEU G 78 4.28 -7.04 23.71
CA LEU G 78 3.00 -7.50 24.23
C LEU G 78 3.22 -7.63 25.71
N PHE G 79 2.31 -7.09 26.51
CA PHE G 79 2.51 -7.16 27.96
C PHE G 79 1.41 -7.87 28.73
N LEU G 80 1.79 -8.62 29.74
CA LEU G 80 0.83 -9.26 30.61
C LEU G 80 1.18 -8.81 32.00
N ARG G 81 0.23 -8.20 32.70
CA ARG G 81 0.52 -7.76 34.06
C ARG G 81 -0.25 -8.67 34.97
N MET G 82 0.46 -9.33 35.87
CA MET G 82 -0.18 -10.27 36.77
C MET G 82 -0.20 -9.79 38.21
N ASN G 83 -1.40 -9.58 38.73
CA ASN G 83 -1.57 -9.15 40.10
C ASN G 83 -2.21 -10.28 40.89
N SER G 84 -1.99 -10.25 42.21
CA SER G 84 -2.55 -11.25 43.12
C SER G 84 -2.17 -12.66 42.69
N LEU G 85 -0.89 -12.85 42.41
CA LEU G 85 -0.42 -14.16 41.96
C LEU G 85 -0.59 -15.20 43.06
N ARG G 86 -1.18 -16.32 42.69
CA ARG G 86 -1.49 -17.40 43.62
C ARG G 86 -0.63 -18.62 43.27
N ALA G 87 -0.85 -19.70 44.02
CA ALA G 87 0.11 -20.81 44.03
C ALA G 87 0.20 -21.51 42.67
N GLU G 88 -0.94 -21.76 42.04
CA GLU G 88 -0.93 -22.58 40.83
C GLU G 88 -0.71 -21.76 39.57
N ASP G 89 -0.44 -20.46 39.69
CA ASP G 89 -0.04 -19.66 38.55
C ASP G 89 1.35 -20.00 38.03
N THR G 90 2.07 -20.90 38.69
CA THR G 90 3.41 -21.26 38.25
C THR G 90 3.30 -22.02 36.93
N ALA G 91 3.91 -21.48 35.88
CA ALA G 91 3.84 -22.08 34.56
C ALA G 91 4.95 -21.47 33.70
N VAL G 92 5.21 -22.12 32.57
CA VAL G 92 5.95 -21.50 31.48
C VAL G 92 4.96 -20.75 30.61
N TYR G 93 5.13 -19.44 30.49
CA TYR G 93 4.21 -18.57 29.78
C TYR G 93 4.71 -18.32 28.36
N TYR G 94 3.85 -18.60 27.39
CA TYR G 94 4.17 -18.52 25.98
C TYR G 94 3.46 -17.35 25.32
N CYS G 95 4.19 -16.64 24.48
CA CYS G 95 3.64 -15.58 23.64
C CYS G 95 3.38 -16.19 22.27
N ALA G 96 2.14 -16.13 21.81
CA ALA G 96 1.79 -16.71 20.51
C ALA G 96 0.92 -15.79 19.69
N ARG G 97 0.91 -15.97 18.38
CA ARG G 97 0.09 -15.13 17.53
C ARG G 97 -0.77 -15.95 16.59
N ASP G 98 -1.96 -15.42 16.28
CA ASP G 98 -2.90 -16.09 15.41
C ASP G 98 -2.36 -16.23 14.00
N GLN G 99 -2.70 -17.32 13.35
CA GLN G 99 -2.26 -17.58 12.01
C GLN G 99 -2.95 -16.66 11.01
N ILE G 100 -4.19 -16.27 11.30
CA ILE G 100 -4.92 -15.41 10.38
C ILE G 100 -4.63 -13.95 10.62
N THR G 101 -4.04 -13.31 9.62
CA THR G 101 -3.69 -11.91 9.73
C THR G 101 -4.93 -11.04 9.63
N VAL G 102 -4.94 -9.93 10.35
CA VAL G 102 -6.09 -9.05 10.33
C VAL G 102 -6.21 -8.35 8.99
N ASP G 103 -7.40 -8.42 8.40
CA ASP G 103 -7.66 -7.78 7.13
C ASP G 103 -8.78 -6.83 7.40
N ARG G 104 -8.55 -5.55 7.18
CA ARG G 104 -9.55 -4.54 7.47
C ARG G 104 -10.83 -4.68 6.65
N GLU G 105 -10.70 -5.07 5.39
CA GLU G 105 -11.88 -5.20 4.54
C GLU G 105 -12.91 -6.25 5.00
N VAL G 106 -12.48 -7.29 5.70
CA VAL G 106 -13.43 -8.29 6.14
C VAL G 106 -13.61 -8.42 7.65
N ILE G 107 -14.79 -8.88 8.05
CA ILE G 107 -15.13 -9.08 9.44
C ILE G 107 -15.14 -10.58 9.70
N ARG G 108 -14.19 -11.06 10.50
CA ARG G 108 -14.07 -12.47 10.75
C ARG G 108 -13.34 -12.79 12.04
N ALA G 109 -13.45 -14.03 12.50
CA ALA G 109 -12.74 -14.50 13.67
C ALA G 109 -11.34 -14.84 13.18
N HIS G 110 -10.32 -14.38 13.89
CA HIS G 110 -8.93 -14.63 13.50
C HIS G 110 -8.27 -15.83 14.15
N TYR G 111 -8.94 -16.44 15.12
CA TYR G 111 -8.39 -17.56 15.87
C TYR G 111 -8.75 -18.95 15.34
N TYR G 112 -9.52 -19.01 14.26
CA TYR G 112 -9.94 -20.27 13.68
C TYR G 112 -8.84 -21.24 13.28
N TYR G 113 -7.74 -20.72 12.73
CA TYR G 113 -6.66 -21.57 12.26
C TYR G 113 -5.58 -21.79 13.30
N GLY G 114 -5.79 -21.33 14.52
CA GLY G 114 -4.81 -21.58 15.56
C GLY G 114 -3.71 -20.55 15.58
N MET G 115 -2.63 -20.91 16.26
CA MET G 115 -1.51 -20.01 16.53
C MET G 115 -0.25 -20.60 15.94
N ASP G 116 0.26 -19.95 14.90
CA ASP G 116 1.35 -20.52 14.12
C ASP G 116 2.71 -20.26 14.76
N VAL G 117 2.87 -19.13 15.44
CA VAL G 117 4.17 -18.68 15.90
C VAL G 117 4.16 -18.56 17.42
N TRP G 118 5.09 -19.24 18.08
CA TRP G 118 5.18 -19.24 19.53
C TRP G 118 6.55 -18.79 20.01
N GLY G 119 6.57 -18.02 21.08
CA GLY G 119 7.81 -17.57 21.70
C GLY G 119 8.40 -18.66 22.56
N GLN G 120 9.66 -18.51 22.96
CA GLN G 120 10.33 -19.48 23.81
C GLN G 120 9.64 -19.63 25.17
N GLY G 121 9.17 -18.51 25.72
CA GLY G 121 8.47 -18.49 26.99
C GLY G 121 9.32 -18.12 28.19
N THR G 122 8.66 -17.63 29.24
CA THR G 122 9.34 -17.24 30.48
C THR G 122 8.74 -17.96 31.67
N THR G 123 9.60 -18.57 32.48
CA THR G 123 9.16 -19.28 33.66
C THR G 123 8.71 -18.36 34.79
N VAL G 124 7.61 -18.72 35.43
CA VAL G 124 7.09 -17.94 36.54
C VAL G 124 6.82 -18.89 37.69
N THR G 125 7.52 -18.68 38.80
CA THR G 125 7.35 -19.53 39.97
C THR G 125 6.82 -18.71 41.12
N VAL G 126 5.79 -19.20 41.78
CA VAL G 126 5.21 -18.50 42.92
C VAL G 126 5.44 -19.31 44.18
N SER G 127 6.04 -18.68 45.19
CA SER G 127 6.32 -19.33 46.47
C SER G 127 6.64 -18.29 47.52
N ASP H 1 -17.52 -25.18 29.20
CA ASP H 1 -16.80 -24.98 27.95
C ASP H 1 -16.49 -26.31 27.26
N ILE H 2 -15.97 -26.22 26.03
CA ILE H 2 -15.76 -27.42 25.24
C ILE H 2 -14.50 -28.12 25.70
N GLN H 3 -14.60 -29.41 26.01
CA GLN H 3 -13.47 -30.20 26.45
C GLN H 3 -12.96 -31.14 25.36
N MET H 4 -11.65 -31.40 25.36
CA MET H 4 -11.03 -32.25 24.36
C MET H 4 -10.40 -33.50 24.96
N THR H 5 -10.57 -34.63 24.29
CA THR H 5 -10.04 -35.89 24.76
C THR H 5 -9.16 -36.60 23.74
N GLN H 6 -7.97 -37.00 24.16
CA GLN H 6 -7.06 -37.66 23.27
C GLN H 6 -6.82 -39.08 23.73
N SER H 7 -7.05 -40.01 22.82
CA SER H 7 -6.83 -41.40 23.08
C SER H 7 -5.99 -41.91 21.94
N PRO H 8 -4.92 -42.66 22.23
CA PRO H 8 -4.41 -43.06 23.55
C PRO H 8 -3.66 -41.94 24.24
N SER H 9 -3.48 -42.05 25.55
CA SER H 9 -2.73 -41.04 26.30
C SER H 9 -1.28 -40.99 25.82
N SER H 10 -0.70 -42.16 25.57
CA SER H 10 0.66 -42.25 25.06
C SER H 10 0.78 -43.42 24.10
N VAL H 11 1.73 -43.33 23.16
CA VAL H 11 1.91 -44.42 22.20
C VAL H 11 3.37 -44.64 21.90
N SER H 12 3.76 -45.91 21.79
CA SER H 12 5.14 -46.24 21.50
C SER H 12 5.24 -46.81 20.10
N ALA H 13 6.23 -46.36 19.34
CA ALA H 13 6.39 -46.87 17.99
C ALA H 13 7.83 -46.84 17.48
N SER H 14 8.04 -47.60 16.42
CA SER H 14 9.33 -47.69 15.75
C SER H 14 9.35 -46.77 14.53
N VAL H 15 10.56 -46.38 14.13
CA VAL H 15 10.72 -45.55 12.94
C VAL H 15 10.13 -46.25 11.72
N GLY H 16 9.30 -45.53 10.98
CA GLY H 16 8.67 -46.07 9.79
C GLY H 16 7.26 -46.54 10.06
N ASP H 17 6.87 -46.57 11.33
CA ASP H 17 5.53 -47.01 11.66
C ASP H 17 4.49 -45.94 11.39
N ARG H 18 3.24 -46.35 11.42
CA ARG H 18 2.13 -45.46 11.16
C ARG H 18 1.45 -45.20 12.50
N VAL H 19 1.35 -43.93 12.88
CA VAL H 19 0.74 -43.57 14.16
C VAL H 19 -0.50 -42.72 14.00
N THR H 20 -1.54 -43.09 14.72
CA THR H 20 -2.80 -42.37 14.69
C THR H 20 -3.16 -41.87 16.08
N ILE H 21 -3.45 -40.58 16.18
CA ILE H 21 -3.84 -39.98 17.44
C ILE H 21 -5.23 -39.42 17.23
N THR H 22 -6.14 -39.75 18.13
CA THR H 22 -7.51 -39.26 17.99
C THR H 22 -8.03 -38.51 19.19
N CYS H 23 -8.61 -37.34 18.94
CA CYS H 23 -9.21 -36.55 20.00
C CYS H 23 -10.60 -36.11 19.55
N ARG H 24 -11.54 -36.06 20.48
CA ARG H 24 -12.90 -35.66 20.14
C ARG H 24 -13.42 -34.60 21.10
N ALA H 25 -14.31 -33.72 20.61
CA ALA H 25 -14.84 -32.66 21.44
C ALA H 25 -16.16 -32.99 22.13
N SER H 26 -16.44 -32.31 23.23
CA SER H 26 -17.67 -32.53 23.96
C SER H 26 -18.88 -32.06 23.13
N GLN H 27 -18.66 -31.03 22.32
CA GLN H 27 -19.70 -30.50 21.45
C GLN H 27 -19.06 -30.21 20.10
N GLY H 28 -19.85 -30.13 19.04
CA GLY H 28 -19.29 -29.90 17.72
C GLY H 28 -18.52 -28.60 17.59
N ILE H 29 -17.34 -28.70 16.99
CA ILE H 29 -16.46 -27.56 16.78
C ILE H 29 -16.22 -27.32 15.30
N ASN H 30 -17.16 -27.75 14.46
CA ASN H 30 -17.04 -27.66 13.00
C ASN H 30 -15.71 -28.28 12.57
N SER H 31 -14.98 -27.58 11.72
CA SER H 31 -13.69 -28.08 11.25
C SER H 31 -12.54 -27.34 11.90
N TYR H 32 -12.83 -26.53 12.92
CA TYR H 32 -11.79 -25.75 13.57
C TYR H 32 -10.99 -26.47 14.64
N LEU H 33 -10.10 -27.35 14.20
CA LEU H 33 -9.25 -28.10 15.10
C LEU H 33 -7.80 -27.93 14.68
N ALA H 34 -6.91 -27.76 15.65
CA ALA H 34 -5.49 -27.59 15.38
C ALA H 34 -4.66 -28.62 16.12
N TRP H 35 -3.59 -29.10 15.48
CA TRP H 35 -2.73 -30.09 16.08
C TRP H 35 -1.36 -29.49 16.36
N TYR H 36 -0.87 -29.71 17.58
CA TYR H 36 0.42 -29.19 18.00
C TYR H 36 1.34 -30.27 18.49
N GLN H 37 2.62 -30.16 18.15
CA GLN H 37 3.62 -31.09 18.61
C GLN H 37 4.58 -30.33 19.50
N GLN H 38 4.87 -30.87 20.67
CA GLN H 38 5.80 -30.21 21.57
C GLN H 38 6.92 -31.12 22.01
N LYS H 39 8.13 -30.56 22.03
CA LYS H 39 9.32 -31.29 22.44
C LYS H 39 9.74 -30.69 23.76
N PRO H 40 10.30 -31.52 24.65
CA PRO H 40 10.65 -31.01 25.98
C PRO H 40 11.60 -29.84 25.94
N GLY H 41 11.29 -28.81 26.72
CA GLY H 41 12.08 -27.60 26.79
C GLY H 41 11.90 -26.64 25.63
N LYS H 42 10.88 -26.88 24.81
CA LYS H 42 10.61 -26.04 23.65
C LYS H 42 9.13 -25.70 23.51
N ALA H 43 8.85 -24.59 22.85
CA ALA H 43 7.49 -24.14 22.61
C ALA H 43 6.82 -25.04 21.59
N PRO H 44 5.48 -25.16 21.68
CA PRO H 44 4.67 -25.97 20.75
C PRO H 44 4.76 -25.49 19.31
N LYS H 45 4.55 -26.41 18.38
CA LYS H 45 4.62 -26.11 16.97
C LYS H 45 3.30 -26.51 16.35
N LEU H 46 2.82 -25.72 15.40
CA LEU H 46 1.55 -26.01 14.76
C LEU H 46 1.76 -26.84 13.51
N LEU H 47 1.21 -28.05 13.49
CA LEU H 47 1.36 -28.91 12.34
C LEU H 47 0.15 -28.86 11.42
N ILE H 48 -1.02 -28.96 12.02
CA ILE H 48 -2.27 -28.96 11.28
C ILE H 48 -3.28 -27.95 11.81
N TYR H 49 -3.84 -27.14 10.94
CA TYR H 49 -4.85 -26.18 11.35
C TYR H 49 -6.12 -26.40 10.56
N ALA H 50 -7.26 -26.03 11.14
CA ALA H 50 -8.58 -26.18 10.50
C ALA H 50 -8.88 -27.60 10.05
N ALA H 51 -8.51 -28.57 10.90
CA ALA H 51 -8.71 -30.01 10.73
C ALA H 51 -7.89 -30.70 9.65
N SER H 52 -8.02 -30.28 8.39
CA SER H 52 -7.30 -30.93 7.31
C SER H 52 -6.20 -30.14 6.61
N SER H 53 -5.88 -28.95 7.09
CA SER H 53 -4.88 -28.13 6.44
C SER H 53 -3.53 -28.23 7.12
N LEU H 54 -2.48 -28.42 6.32
CA LEU H 54 -1.13 -28.58 6.84
C LEU H 54 -0.30 -27.30 6.81
N GLU H 55 0.16 -26.88 7.98
CA GLU H 55 0.96 -25.67 8.14
C GLU H 55 2.24 -25.75 7.30
N SER H 56 2.65 -24.64 6.72
CA SER H 56 3.82 -24.60 5.87
C SER H 56 5.09 -25.02 6.61
N GLY H 57 5.96 -25.74 5.91
CA GLY H 57 7.20 -26.19 6.51
C GLY H 57 7.03 -27.58 7.07
N VAL H 58 5.83 -27.87 7.57
CA VAL H 58 5.53 -29.18 8.12
C VAL H 58 5.62 -30.20 6.99
N PRO H 59 6.17 -31.38 7.31
CA PRO H 59 6.39 -32.52 6.41
C PRO H 59 5.10 -33.13 5.88
N SER H 60 5.21 -33.69 4.68
CA SER H 60 4.10 -34.32 3.97
C SER H 60 3.48 -35.51 4.71
N ARG H 61 4.29 -36.25 5.46
CA ARG H 61 3.78 -37.42 6.17
C ARG H 61 2.67 -37.06 7.15
N PHE H 62 2.79 -35.93 7.85
CA PHE H 62 1.75 -35.51 8.78
C PHE H 62 0.46 -35.24 8.02
N SER H 63 -0.66 -35.68 8.58
CA SER H 63 -1.95 -35.47 7.93
C SER H 63 -3.05 -35.40 8.98
N GLY H 64 -4.24 -34.97 8.57
CA GLY H 64 -5.33 -34.89 9.51
C GLY H 64 -6.68 -34.92 8.82
N SER H 65 -7.69 -35.38 9.55
CA SER H 65 -9.03 -35.46 9.00
C SER H 65 -10.07 -35.32 10.11
N GLY H 66 -11.32 -35.47 9.75
CA GLY H 66 -12.42 -35.36 10.68
C GLY H 66 -13.13 -34.03 10.70
N SER H 67 -14.35 -34.04 11.24
CA SER H 67 -15.18 -32.86 11.32
C SER H 67 -16.19 -33.05 12.44
N GLY H 68 -16.83 -31.97 12.87
CA GLY H 68 -17.79 -32.06 13.95
C GLY H 68 -17.12 -32.55 15.22
N THR H 69 -17.69 -33.56 15.86
CA THR H 69 -17.13 -34.11 17.10
C THR H 69 -15.80 -34.87 17.03
N ASP H 70 -15.58 -35.65 15.98
CA ASP H 70 -14.37 -36.50 15.88
C ASP H 70 -13.30 -36.03 14.91
N PHE H 71 -12.05 -36.05 15.39
CA PHE H 71 -10.90 -35.66 14.59
C PHE H 71 -9.78 -36.67 14.74
N THR H 72 -8.92 -36.76 13.75
CA THR H 72 -7.83 -37.71 13.80
C THR H 72 -6.53 -37.16 13.20
N LEU H 73 -5.41 -37.47 13.86
CA LEU H 73 -4.11 -37.05 13.38
C LEU H 73 -3.38 -38.32 12.95
N THR H 74 -2.83 -38.30 11.75
CA THR H 74 -2.14 -39.48 11.25
C THR H 74 -0.71 -39.21 10.86
N ILE H 75 0.19 -40.08 11.31
CA ILE H 75 1.58 -39.98 10.93
C ILE H 75 1.89 -41.27 10.20
N SER H 76 2.43 -41.14 9.00
CA SER H 76 2.79 -42.29 8.18
C SER H 76 4.27 -42.20 7.94
N SER H 77 4.94 -43.35 7.98
CA SER H 77 6.39 -43.43 7.83
C SER H 77 7.06 -42.48 8.81
N LEU H 78 6.88 -42.77 10.09
CA LEU H 78 7.43 -41.96 11.18
C LEU H 78 8.95 -41.92 11.22
N GLN H 79 9.48 -40.73 11.53
CA GLN H 79 10.91 -40.48 11.59
C GLN H 79 11.40 -40.24 13.03
N PRO H 80 12.72 -40.14 13.22
CA PRO H 80 13.37 -39.92 14.53
C PRO H 80 12.92 -38.61 15.16
N GLU H 81 12.75 -37.59 14.32
CA GLU H 81 12.31 -36.25 14.70
C GLU H 81 10.90 -36.20 15.30
N ASP H 82 10.06 -37.12 14.86
CA ASP H 82 8.66 -37.26 15.24
C ASP H 82 8.34 -37.64 16.69
N PHE H 83 9.29 -38.09 17.49
CA PHE H 83 8.91 -38.46 18.86
C PHE H 83 8.80 -37.26 19.81
N ALA H 84 7.56 -37.00 20.28
CA ALA H 84 7.23 -35.89 21.18
C ALA H 84 5.79 -36.02 21.68
N THR H 85 5.32 -34.98 22.37
CA THR H 85 3.95 -34.93 22.85
C THR H 85 3.08 -34.16 21.82
N TYR H 86 1.84 -34.59 21.62
CA TYR H 86 0.98 -33.91 20.67
C TYR H 86 -0.32 -33.44 21.29
N TYR H 87 -0.67 -32.19 21.00
CA TYR H 87 -1.87 -31.58 21.54
C TYR H 87 -2.83 -31.14 20.44
N CYS H 88 -4.11 -31.33 20.68
CA CYS H 88 -5.12 -30.90 19.73
C CYS H 88 -5.98 -29.85 20.42
N GLN H 89 -6.17 -28.71 19.77
CA GLN H 89 -6.96 -27.65 20.37
C GLN H 89 -8.13 -27.23 19.50
N GLN H 90 -9.27 -26.99 20.12
CA GLN H 90 -10.44 -26.56 19.35
C GLN H 90 -10.43 -25.04 19.26
N ALA H 91 -10.49 -24.54 18.04
CA ALA H 91 -10.48 -23.11 17.80
C ALA H 91 -11.85 -22.55 17.46
N ASN H 92 -12.89 -23.34 17.72
CA ASN H 92 -14.26 -22.93 17.43
C ASN H 92 -14.70 -21.73 18.24
N SER H 93 -14.72 -21.86 19.56
CA SER H 93 -15.15 -20.77 20.42
C SER H 93 -14.36 -20.69 21.72
N PHE H 94 -14.34 -19.49 22.31
CA PHE H 94 -13.64 -19.28 23.57
C PHE H 94 -14.34 -19.94 24.73
N PRO H 95 -13.58 -20.40 25.74
CA PRO H 95 -12.11 -20.32 25.80
C PRO H 95 -11.46 -21.44 25.01
N LEU H 96 -10.31 -21.17 24.41
CA LEU H 96 -9.62 -22.17 23.64
C LEU H 96 -9.20 -23.26 24.61
N THR H 97 -9.46 -24.50 24.25
CA THR H 97 -9.11 -25.60 25.12
C THR H 97 -8.20 -26.53 24.38
N PHE H 98 -7.34 -27.20 25.12
CA PHE H 98 -6.39 -28.12 24.54
C PHE H 98 -6.67 -29.49 25.10
N GLY H 99 -6.28 -30.51 24.34
CA GLY H 99 -6.42 -31.89 24.75
C GLY H 99 -5.33 -32.23 25.75
N GLY H 100 -5.48 -33.35 26.44
CA GLY H 100 -4.49 -33.76 27.43
C GLY H 100 -3.11 -33.96 26.82
N GLY H 101 -3.08 -34.54 25.63
CA GLY H 101 -1.85 -34.76 24.89
C GLY H 101 -1.50 -36.22 24.78
N THR H 102 -0.81 -36.52 23.70
CA THR H 102 -0.36 -37.87 23.43
C THR H 102 1.14 -37.81 23.28
N LYS H 103 1.83 -38.69 23.99
CA LYS H 103 3.28 -38.70 23.89
C LYS H 103 3.69 -39.88 23.05
N VAL H 104 4.30 -39.62 21.91
CA VAL H 104 4.76 -40.71 21.08
C VAL H 104 6.00 -41.24 21.78
N ASP H 105 6.07 -42.55 21.92
CA ASP H 105 7.19 -43.17 22.62
C ASP H 105 8.07 -43.98 21.68
N ILE H 106 9.36 -43.77 21.78
CA ILE H 106 10.33 -44.49 20.97
C ILE H 106 10.14 -45.99 21.09
#